data_4GG6
#
_entry.id   4GG6
#
_cell.length_a   111.708
_cell.length_b   134.325
_cell.length_c   140.304
_cell.angle_alpha   90.00
_cell.angle_beta   90.00
_cell.angle_gamma   90.00
#
_symmetry.space_group_name_H-M   'P 21 21 21'
#
loop_
_entity.id
_entity.type
_entity.pdbx_description
1 polymer 'HLA class II histocompatibility antigen, DQ alpha 1 chain'
2 polymer 'HLA class II histocompatibility antigen, DQ beta 1 chain'
3 polymer 'T-CELL RECEPTOR, SP3.4 ALPHA CHAIN'
4 polymer 'T-CELL RECEPTOR, SP3.4 BETA CHAIN'
5 polymer 'Peptide from Alpha/beta-gliadin MM1'
6 non-polymer 2-acetamido-2-deoxy-beta-D-glucopyranose
#
loop_
_entity_poly.entity_id
_entity_poly.type
_entity_poly.pdbx_seq_one_letter_code
_entity_poly.pdbx_strand_id
1 'polypeptide(L)'
;EDIVADHVASYGVNLYQSYGPSGQYSHEFDGDEEFYVDLERKETVWQLPLFRRFRRFDPQFALTNIAVLKHNLNIVIKRS
NSTAATNEVPEVTVFSKSPVTLGQPNTLICLVDNIFPPVVNITWLSNGHSVTEGVSETSFLSKSDHSFFKISYLTFLPSA
DEIYDCKVEHWGLDEPLLKHWEPESSADLVPR
;
A,C
2 'polypeptide(L)'
;GGGGSIEGRGSGGGSRDSPEDFVYQFKGMCYFTNGTERVRLVTRYIYNREEYARFDSDVGVYRAVTPLGPPAAEYWNSQK
EVLERTRAELDTVCRHNYQLELRTTLQRRVEPTVTISPSRTEALNHHNLLVCSVTDFYPAQIKVRWFRNDQEETTGVVST
PLIRNGDWTFQILVMLEMTPQRGDVYTCHVEHPSLQNPIIVEWRAQSSSADLVPR
;
B,D
3 'polypeptide(L)'
;MDAKTTQPNSMESNEEEPVHLPCNHSTISGTDYIHWYRQLPSQGPEYVIHGLTSNVNNRMASLAIAEDRKSSTLILHRAT
LRDAAVYYCILRDGRGGADGLTFGKGTHLIIQPYIQNPDPAVYQLRDSKSSDKSVCLFTDFDSQTNVSQSKDSDVYITDK
CVLDMRSMDFKSNSAVAWSNKSDFACANAFNNSIIPEDTFFPSPESS
;
E,G
4 'polypeptide(L)'
;DSGVTQTPKHLITATGQRVTLRCSPRSGDLSVYWYQQSLDQGLQFLIQYYNGEERAKGNILERFSAQQFPDLHSELNLSS
LELGDSALYFCASSVAVSAGTYEQYFGPGTRLTVTEDLKNVFPPEVAVFEPSEAEISHTQKATLVCLATGFYPDHVELSW
WVNGKEVHSGVCTDPQPLKEQPALNDSRYALSSRLRVSATFWQNPRNHFRCQVQFYGLSENDEWTQDRAKPVTQIVSAEA
WGRAD
;
F,H
5 'polypeptide(L)' QQYPSGEGSFQPSQENPQ I,J
#
loop_
_chem_comp.id
_chem_comp.type
_chem_comp.name
_chem_comp.formula
NAG D-saccharide, beta linking 2-acetamido-2-deoxy-beta-D-glucopyranose 'C8 H15 N O6'
#
# COMPACT_ATOMS: atom_id res chain seq x y z
N ASP A 2 32.69 -2.23 -27.93
CA ASP A 2 32.76 -1.41 -26.67
C ASP A 2 33.52 -0.08 -26.87
N ILE A 3 33.55 0.76 -25.84
CA ILE A 3 34.23 2.07 -25.88
C ILE A 3 34.58 2.61 -24.48
N VAL A 4 35.37 3.68 -24.45
CA VAL A 4 35.64 4.42 -23.21
C VAL A 4 35.19 5.88 -23.38
N ALA A 5 33.87 6.06 -23.52
CA ALA A 5 33.26 7.35 -23.85
C ALA A 5 32.80 8.18 -22.63
N ASP A 6 32.52 9.46 -22.86
CA ASP A 6 32.06 10.39 -21.82
C ASP A 6 30.85 9.92 -21.03
N HIS A 7 29.92 9.26 -21.72
CA HIS A 7 28.72 8.71 -21.08
C HIS A 7 28.28 7.42 -21.76
N VAL A 8 28.18 6.36 -20.96
CA VAL A 8 27.72 5.06 -21.46
C VAL A 8 26.30 4.82 -20.96
N ALA A 9 25.41 4.41 -21.87
CA ALA A 9 24.00 4.21 -21.52
C ALA A 9 23.43 2.97 -22.16
N SER A 10 22.70 2.19 -21.36
CA SER A 10 21.98 1.03 -21.88
C SER A 10 20.50 1.37 -22.01
N TYR A 11 20.06 1.68 -23.23
CA TYR A 11 18.65 1.92 -23.47
C TYR A 11 17.98 0.62 -23.85
N GLY A 12 17.98 -0.28 -22.85
CA GLY A 12 17.45 -1.60 -23.00
C GLY A 12 18.47 -2.59 -22.52
N VAL A 13 18.49 -2.85 -21.22
CA VAL A 13 19.05 -4.09 -20.74
C VAL A 13 17.88 -5.06 -20.73
N ASN A 14 17.81 -5.84 -21.79
CA ASN A 14 16.77 -6.83 -21.96
C ASN A 14 17.28 -8.17 -21.46
N LEU A 15 16.47 -8.84 -20.66
CA LEU A 15 16.87 -10.08 -20.03
C LEU A 15 15.70 -11.06 -19.98
N TYR A 16 15.99 -12.32 -20.29
CA TYR A 16 14.99 -13.39 -20.24
C TYR A 16 15.65 -14.75 -20.05
N GLN A 17 15.20 -15.49 -19.04
CA GLN A 17 15.75 -16.81 -18.76
C GLN A 17 14.68 -17.91 -18.74
N SER A 18 15.10 -19.14 -19.03
CA SER A 18 14.19 -20.29 -19.11
C SER A 18 13.66 -20.66 -17.73
N TYR A 19 14.47 -20.46 -16.69
CA TYR A 19 14.07 -20.76 -15.33
C TYR A 19 13.03 -19.76 -14.83
N GLY A 20 11.87 -20.27 -14.45
CA GLY A 20 10.76 -19.42 -14.04
C GLY A 20 9.54 -19.69 -14.89
N PRO A 21 9.52 -19.16 -16.14
CA PRO A 21 10.55 -18.34 -16.75
C PRO A 21 10.43 -16.89 -16.29
N SER A 22 11.53 -16.14 -16.37
CA SER A 22 11.55 -14.76 -15.93
C SER A 22 12.34 -13.86 -16.87
N GLY A 23 12.11 -12.55 -16.76
CA GLY A 23 12.78 -11.56 -17.58
C GLY A 23 12.81 -10.18 -16.92
N GLN A 24 13.70 -9.32 -17.40
CA GLN A 24 13.84 -7.98 -16.85
C GLN A 24 14.04 -6.98 -17.98
N TYR A 25 13.35 -5.84 -17.88
CA TYR A 25 13.63 -4.73 -18.77
C TYR A 25 13.96 -3.51 -17.94
N SER A 26 15.16 -2.97 -18.15
CA SER A 26 15.53 -1.73 -17.49
C SER A 26 16.45 -0.88 -18.37
N HIS A 27 16.38 0.42 -18.16
CA HIS A 27 17.29 1.35 -18.79
C HIS A 27 18.28 1.84 -17.76
N GLU A 28 19.52 2.04 -18.19
CA GLU A 28 20.57 2.51 -17.30
C GLU A 28 21.31 3.66 -17.94
N PHE A 29 21.83 4.55 -17.09
CA PHE A 29 22.74 5.59 -17.54
C PHE A 29 23.96 5.62 -16.63
N ASP A 30 25.15 5.66 -17.23
CA ASP A 30 26.41 5.72 -16.48
C ASP A 30 26.45 4.72 -15.32
N GLY A 31 25.88 3.54 -15.57
CA GLY A 31 25.95 2.41 -14.64
C GLY A 31 24.87 2.37 -13.58
N ASP A 32 23.95 3.32 -13.63
CA ASP A 32 22.85 3.38 -12.68
C ASP A 32 21.51 3.14 -13.37
N GLU A 33 20.52 2.69 -12.59
CA GLU A 33 19.22 2.30 -13.09
C GLU A 33 18.26 3.49 -13.11
N GLU A 34 17.73 3.79 -14.29
CA GLU A 34 16.78 4.89 -14.47
C GLU A 34 15.38 4.41 -14.16
N PHE A 35 15.05 3.23 -14.67
CA PHE A 35 13.76 2.58 -14.43
C PHE A 35 13.86 1.11 -14.80
N TYR A 36 12.99 0.31 -14.21
CA TYR A 36 12.71 -1.04 -14.71
C TYR A 36 11.22 -1.07 -15.05
N VAL A 37 10.80 -2.12 -15.77
CA VAL A 37 9.38 -2.31 -16.03
C VAL A 37 8.89 -3.56 -15.32
N ASP A 38 7.91 -3.40 -14.44
CA ASP A 38 7.23 -4.54 -13.88
C ASP A 38 6.46 -5.21 -15.02
N LEU A 39 6.95 -6.37 -15.44
CA LEU A 39 6.39 -7.09 -16.59
C LEU A 39 4.99 -7.62 -16.33
N GLU A 40 4.72 -8.02 -15.09
CA GLU A 40 3.38 -8.51 -14.76
C GLU A 40 2.40 -7.39 -14.47
N ARG A 41 2.86 -6.30 -13.86
CA ARG A 41 2.00 -5.14 -13.60
C ARG A 41 1.89 -4.23 -14.82
N LYS A 42 2.78 -4.44 -15.78
CA LYS A 42 2.87 -3.62 -17.00
C LYS A 42 2.92 -2.13 -16.65
N GLU A 43 3.91 -1.79 -15.82
CA GLU A 43 4.07 -0.42 -15.34
C GLU A 43 5.54 -0.03 -15.28
N THR A 44 5.87 1.08 -15.93
CA THR A 44 7.23 1.62 -15.92
C THR A 44 7.53 2.23 -14.57
N VAL A 45 8.51 1.67 -13.86
CA VAL A 45 8.88 2.13 -12.52
C VAL A 45 10.21 2.89 -12.53
N TRP A 46 10.13 4.22 -12.55
CA TRP A 46 11.32 5.06 -12.51
C TRP A 46 11.94 5.07 -11.10
N GLN A 47 13.22 5.44 -11.01
CA GLN A 47 13.98 5.29 -9.76
C GLN A 47 14.51 6.59 -9.15
N LEU A 48 14.14 7.73 -9.73
CA LEU A 48 14.33 9.02 -9.06
C LEU A 48 13.05 9.86 -9.19
N PRO A 49 12.74 10.66 -8.15
CA PRO A 49 11.59 11.57 -8.22
C PRO A 49 11.64 12.48 -9.44
N LEU A 50 12.83 13.01 -9.74
CA LEU A 50 13.05 13.83 -10.93
C LEU A 50 12.55 13.13 -12.19
N PHE A 51 13.01 11.89 -12.39
CA PHE A 51 12.60 11.06 -13.53
C PHE A 51 11.08 10.83 -13.55
N ARG A 52 10.51 10.58 -12.37
CA ARG A 52 9.07 10.41 -12.22
C ARG A 52 8.29 11.66 -12.60
N ARG A 53 8.89 12.83 -12.38
CA ARG A 53 8.25 14.09 -12.70
C ARG A 53 8.28 14.45 -14.19
N PHE A 54 9.32 14.02 -14.89
CA PHE A 54 9.57 14.51 -16.26
C PHE A 54 9.76 13.47 -17.37
N ARG A 55 10.06 12.23 -17.00
CA ARG A 55 10.34 11.21 -18.02
C ARG A 55 9.24 10.15 -18.13
N ARG A 56 8.94 9.76 -19.37
CA ARG A 56 7.88 8.81 -19.65
C ARG A 56 8.36 7.72 -20.60
N PHE A 57 8.04 6.47 -20.26
CA PHE A 57 8.31 5.32 -21.10
C PHE A 57 7.13 4.36 -21.13
N ASP A 58 6.73 3.96 -22.33
CA ASP A 58 5.61 3.04 -22.54
C ASP A 58 6.02 1.59 -22.24
N PRO A 59 5.37 0.95 -21.23
CA PRO A 59 5.70 -0.42 -20.83
C PRO A 59 5.55 -1.43 -21.95
N GLN A 60 4.73 -1.10 -22.94
CA GLN A 60 4.49 -1.99 -24.09
C GLN A 60 5.76 -2.30 -24.89
N PHE A 61 6.65 -1.31 -25.05
CA PHE A 61 7.90 -1.54 -25.76
C PHE A 61 8.73 -2.61 -25.06
N ALA A 62 8.64 -2.64 -23.73
CA ALA A 62 9.30 -3.65 -22.92
C ALA A 62 8.72 -5.04 -23.15
N LEU A 63 7.40 -5.15 -23.07
CA LEU A 63 6.71 -6.44 -23.21
C LEU A 63 6.93 -7.04 -24.60
N THR A 64 6.98 -6.17 -25.61
CA THR A 64 7.30 -6.56 -26.99
C THR A 64 8.72 -7.10 -27.07
N ASN A 65 9.68 -6.36 -26.53
CA ASN A 65 11.07 -6.76 -26.53
C ASN A 65 11.35 -8.14 -25.90
N ILE A 66 10.63 -8.44 -24.82
CA ILE A 66 10.82 -9.71 -24.12
C ILE A 66 10.22 -10.88 -24.90
N ALA A 67 9.13 -10.60 -25.60
CA ALA A 67 8.54 -11.56 -26.52
C ALA A 67 9.55 -12.01 -27.59
N VAL A 68 10.39 -11.07 -28.02
CA VAL A 68 11.45 -11.35 -29.01
C VAL A 68 12.57 -12.19 -28.40
N LEU A 69 12.97 -11.83 -27.17
CA LEU A 69 14.00 -12.57 -26.45
C LEU A 69 13.60 -14.03 -26.24
N LYS A 70 12.34 -14.24 -25.85
CA LYS A 70 11.82 -15.59 -25.63
C LYS A 70 11.97 -16.45 -26.88
N HIS A 71 11.61 -15.87 -28.03
CA HIS A 71 11.80 -16.55 -29.31
C HIS A 71 13.26 -16.73 -29.66
N ASN A 72 14.03 -15.65 -29.58
CA ASN A 72 15.47 -15.68 -29.84
C ASN A 72 16.21 -16.75 -29.04
N LEU A 73 15.88 -16.84 -27.75
CA LEU A 73 16.46 -17.82 -26.84
C LEU A 73 16.24 -19.26 -27.33
N ASN A 74 15.05 -19.53 -27.87
CA ASN A 74 14.73 -20.85 -28.43
C ASN A 74 15.65 -21.32 -29.55
N ILE A 75 16.03 -20.40 -30.42
CA ILE A 75 16.88 -20.74 -31.57
C ILE A 75 18.35 -20.85 -31.20
N VAL A 76 18.80 -19.99 -30.29
CA VAL A 76 20.19 -20.05 -29.82
C VAL A 76 20.43 -21.27 -28.92
N ILE A 77 19.40 -21.72 -28.20
CA ILE A 77 19.49 -22.95 -27.41
C ILE A 77 19.80 -24.14 -28.32
N LYS A 78 19.05 -24.27 -29.40
CA LYS A 78 19.27 -25.33 -30.40
C LYS A 78 20.64 -25.20 -31.05
N ARG A 79 20.98 -23.99 -31.50
CA ARG A 79 22.25 -23.75 -32.17
C ARG A 79 23.44 -24.01 -31.27
N SER A 80 23.28 -23.77 -29.97
CA SER A 80 24.33 -24.05 -28.99
C SER A 80 24.30 -25.49 -28.47
N ASN A 81 23.54 -26.34 -29.14
CA ASN A 81 23.36 -27.75 -28.73
C ASN A 81 22.97 -27.85 -27.23
N SER A 82 22.02 -27.01 -26.82
CA SER A 82 21.53 -26.92 -25.43
C SER A 82 22.63 -26.71 -24.38
N THR A 83 23.39 -25.62 -24.53
CA THR A 83 24.43 -25.25 -23.57
C THR A 83 23.82 -24.42 -22.46
N ALA A 84 23.80 -24.98 -21.25
CA ALA A 84 23.22 -24.31 -20.09
C ALA A 84 24.14 -23.22 -19.51
N ALA A 85 23.53 -22.25 -18.83
CA ALA A 85 24.28 -21.22 -18.11
C ALA A 85 25.12 -21.83 -16.99
N THR A 86 26.33 -21.32 -16.79
CA THR A 86 27.15 -21.76 -15.66
C THR A 86 26.99 -20.81 -14.48
N ASN A 87 26.74 -21.37 -13.30
CA ASN A 87 26.65 -20.59 -12.07
C ASN A 87 27.96 -19.92 -11.70
N GLU A 88 27.90 -18.63 -11.41
CA GLU A 88 29.07 -17.89 -10.93
C GLU A 88 29.05 -17.82 -9.41
N VAL A 89 30.23 -17.64 -8.81
CA VAL A 89 30.34 -17.44 -7.37
C VAL A 89 30.31 -15.93 -7.09
N PRO A 90 29.20 -15.44 -6.52
CA PRO A 90 29.05 -14.00 -6.31
C PRO A 90 29.91 -13.51 -5.15
N GLU A 91 30.26 -12.22 -5.14
CA GLU A 91 30.91 -11.65 -3.97
C GLU A 91 30.02 -10.62 -3.29
N VAL A 92 30.12 -10.55 -1.97
CA VAL A 92 29.21 -9.73 -1.17
C VAL A 92 29.99 -8.75 -0.31
N THR A 93 29.56 -7.49 -0.35
CA THR A 93 30.13 -6.43 0.48
C THR A 93 28.99 -5.72 1.21
N VAL A 94 29.20 -5.36 2.46
CA VAL A 94 28.23 -4.60 3.23
C VAL A 94 28.89 -3.33 3.77
N PHE A 95 28.17 -2.21 3.68
CA PHE A 95 28.64 -0.91 4.15
C PHE A 95 27.46 0.04 4.34
N SER A 96 27.70 1.19 4.97
CA SER A 96 26.64 2.14 5.28
C SER A 96 26.66 3.36 4.35
N LYS A 97 25.47 3.87 4.05
CA LYS A 97 25.29 5.03 3.16
C LYS A 97 26.03 6.27 3.67
N SER A 98 26.00 6.47 4.99
CA SER A 98 26.76 7.52 5.67
C SER A 98 27.45 6.93 6.90
N PRO A 99 28.44 7.65 7.47
CA PRO A 99 29.07 7.16 8.70
C PRO A 99 28.07 6.96 9.83
N VAL A 100 28.36 6.03 10.73
CA VAL A 100 27.41 5.63 11.76
C VAL A 100 27.45 6.53 13.00
N THR A 101 26.27 6.95 13.45
CA THR A 101 26.10 7.65 14.72
C THR A 101 24.98 7.00 15.50
N LEU A 102 25.29 6.50 16.69
CA LEU A 102 24.32 5.83 17.53
C LEU A 102 23.09 6.72 17.71
N GLY A 103 21.93 6.20 17.34
CA GLY A 103 20.68 6.96 17.47
C GLY A 103 20.43 7.93 16.32
N GLN A 104 21.13 7.72 15.20
CA GLN A 104 20.90 8.48 13.98
C GLN A 104 20.61 7.53 12.81
N PRO A 105 19.36 7.56 12.29
CA PRO A 105 18.90 6.73 11.18
C PRO A 105 19.88 6.67 10.01
N ASN A 106 20.12 5.46 9.53
CA ASN A 106 21.09 5.20 8.47
C ASN A 106 20.58 4.11 7.54
N THR A 107 21.35 3.81 6.49
CA THR A 107 20.99 2.74 5.57
C THR A 107 22.18 1.83 5.29
N LEU A 108 22.00 0.54 5.58
CA LEU A 108 22.98 -0.48 5.24
C LEU A 108 22.80 -0.87 3.80
N ILE A 109 23.93 -1.09 3.12
CA ILE A 109 23.96 -1.35 1.68
C ILE A 109 24.69 -2.65 1.38
N CYS A 110 23.94 -3.65 0.92
CA CYS A 110 24.53 -4.94 0.61
C CYS A 110 24.76 -5.08 -0.89
N LEU A 111 26.03 -4.97 -1.29
CA LEU A 111 26.42 -5.12 -2.69
C LEU A 111 26.68 -6.57 -3.01
N VAL A 112 25.79 -7.17 -3.81
CA VAL A 112 25.99 -8.51 -4.31
C VAL A 112 26.50 -8.36 -5.73
N ASP A 113 27.68 -8.93 -5.98
CA ASP A 113 28.40 -8.71 -7.22
C ASP A 113 28.70 -10.05 -7.89
N ASN A 114 28.89 -10.03 -9.21
CA ASN A 114 29.13 -11.23 -10.02
C ASN A 114 28.03 -12.28 -9.92
N ILE A 115 26.79 -11.84 -10.15
CA ILE A 115 25.61 -12.71 -10.14
C ILE A 115 25.36 -13.29 -11.52
N PHE A 116 25.38 -14.61 -11.60
CA PHE A 116 24.97 -15.33 -12.81
C PHE A 116 24.66 -16.80 -12.54
N PRO A 117 23.47 -17.26 -12.97
CA PRO A 117 22.44 -16.46 -13.65
C PRO A 117 21.81 -15.45 -12.69
N PRO A 118 21.12 -14.43 -13.23
CA PRO A 118 20.46 -13.46 -12.36
C PRO A 118 19.25 -14.06 -11.62
N VAL A 119 19.54 -14.96 -10.68
CA VAL A 119 18.53 -15.51 -9.77
C VAL A 119 19.18 -15.56 -8.39
N VAL A 120 18.65 -14.77 -7.46
CA VAL A 120 19.28 -14.58 -6.16
C VAL A 120 18.28 -14.32 -5.04
N ASN A 121 18.62 -14.79 -3.84
CA ASN A 121 17.95 -14.40 -2.61
C ASN A 121 18.86 -13.46 -1.82
N ILE A 122 18.35 -12.30 -1.44
CA ILE A 122 19.07 -11.39 -0.55
C ILE A 122 18.14 -11.00 0.59
N THR A 123 18.50 -11.42 1.79
CA THR A 123 17.66 -11.22 2.97
C THR A 123 18.48 -10.74 4.16
N TRP A 124 18.02 -9.66 4.78
CA TRP A 124 18.72 -9.03 5.90
C TRP A 124 18.49 -9.74 7.23
N LEU A 125 19.36 -9.49 8.20
CA LEU A 125 19.26 -10.12 9.51
C LEU A 125 19.68 -9.19 10.67
N SER A 126 18.71 -8.80 11.48
CA SER A 126 19.00 -8.11 12.75
C SER A 126 19.20 -9.16 13.83
N ASN A 127 20.47 -9.39 14.16
CA ASN A 127 20.89 -10.52 15.00
C ASN A 127 20.69 -11.85 14.27
N GLY A 128 19.82 -12.71 14.79
CA GLY A 128 19.48 -13.97 14.13
C GLY A 128 18.16 -13.90 13.37
N HIS A 129 17.40 -12.85 13.63
CA HIS A 129 16.05 -12.68 13.09
C HIS A 129 16.02 -12.02 11.70
N SER A 130 15.08 -12.45 10.86
CA SER A 130 14.94 -11.92 9.49
C SER A 130 14.13 -10.62 9.44
N VAL A 131 14.73 -9.55 8.93
CA VAL A 131 14.04 -8.28 8.78
C VAL A 131 13.11 -8.30 7.57
N THR A 132 11.82 -8.10 7.80
CA THR A 132 10.83 -8.06 6.72
C THR A 132 10.57 -6.64 6.20
N GLU A 133 10.34 -5.71 7.13
CA GLU A 133 10.09 -4.30 6.81
C GLU A 133 11.38 -3.47 6.70
N GLY A 134 11.29 -2.33 6.00
CA GLY A 134 12.42 -1.41 5.82
C GLY A 134 13.47 -1.87 4.82
N VAL A 135 13.10 -2.81 3.96
CA VAL A 135 14.03 -3.34 2.99
C VAL A 135 13.65 -2.87 1.60
N SER A 136 14.66 -2.50 0.81
CA SER A 136 14.49 -2.21 -0.61
C SER A 136 15.71 -2.68 -1.38
N GLU A 137 15.53 -2.95 -2.67
CA GLU A 137 16.64 -3.36 -3.53
C GLU A 137 16.51 -2.80 -4.95
N THR A 138 17.62 -2.87 -5.68
CA THR A 138 17.67 -2.51 -7.10
C THR A 138 17.36 -3.74 -7.93
N SER A 139 17.23 -3.55 -9.24
CA SER A 139 17.18 -4.67 -10.16
C SER A 139 18.58 -5.23 -10.38
N PHE A 140 18.68 -6.27 -11.20
CA PHE A 140 19.98 -6.73 -11.64
C PHE A 140 20.56 -5.67 -12.56
N LEU A 141 21.66 -5.06 -12.12
CA LEU A 141 22.36 -4.06 -12.91
C LEU A 141 23.45 -4.73 -13.76
N SER A 142 23.59 -4.27 -15.00
CA SER A 142 24.46 -4.95 -15.96
C SER A 142 25.93 -4.62 -15.77
N LYS A 143 26.78 -5.61 -16.03
CA LYS A 143 28.23 -5.44 -16.04
C LYS A 143 28.72 -5.78 -17.44
N SER A 144 29.82 -5.16 -17.85
CA SER A 144 30.34 -5.37 -19.20
C SER A 144 30.86 -6.80 -19.42
N ASP A 145 31.07 -7.54 -18.33
CA ASP A 145 31.40 -8.99 -18.41
C ASP A 145 30.13 -9.86 -18.45
N HIS A 146 29.00 -9.21 -18.70
CA HIS A 146 27.69 -9.86 -18.90
C HIS A 146 27.07 -10.55 -17.68
N SER A 147 27.75 -10.47 -16.54
CA SER A 147 27.16 -10.87 -15.27
C SER A 147 26.41 -9.66 -14.69
N PHE A 148 25.80 -9.84 -13.52
CA PHE A 148 25.01 -8.76 -12.93
C PHE A 148 25.47 -8.42 -11.53
N PHE A 149 25.15 -7.21 -11.09
CA PHE A 149 25.20 -6.88 -9.67
C PHE A 149 23.85 -6.36 -9.17
N LYS A 150 23.60 -6.56 -7.89
CA LYS A 150 22.34 -6.16 -7.27
C LYS A 150 22.63 -5.63 -5.87
N ILE A 151 22.02 -4.50 -5.54
CA ILE A 151 22.28 -3.86 -4.25
C ILE A 151 20.99 -3.83 -3.44
N SER A 152 21.06 -4.40 -2.24
CA SER A 152 19.94 -4.36 -1.31
C SER A 152 20.22 -3.34 -0.23
N TYR A 153 19.16 -2.71 0.26
CA TYR A 153 19.26 -1.65 1.27
C TYR A 153 18.48 -2.00 2.51
N LEU A 154 18.97 -1.53 3.66
CA LEU A 154 18.21 -1.65 4.91
C LEU A 154 18.33 -0.39 5.76
N THR A 155 17.21 0.31 5.93
CA THR A 155 17.15 1.42 6.87
C THR A 155 17.15 0.86 8.29
N PHE A 156 17.97 1.45 9.15
CA PHE A 156 18.12 0.97 10.53
C PHE A 156 18.53 2.08 11.49
N LEU A 157 18.38 1.82 12.79
CA LEU A 157 18.88 2.70 13.86
C LEU A 157 20.08 2.07 14.59
N PRO A 158 21.28 2.67 14.44
CA PRO A 158 22.51 2.20 15.10
C PRO A 158 22.36 1.99 16.59
N SER A 159 22.54 0.74 17.04
CA SER A 159 22.36 0.35 18.44
C SER A 159 23.51 -0.54 18.91
N ALA A 160 23.54 -0.82 20.22
CA ALA A 160 24.57 -1.65 20.83
C ALA A 160 24.39 -3.13 20.49
N ILE A 163 23.73 -6.51 16.09
CA ILE A 163 24.60 -6.76 14.94
C ILE A 163 23.78 -7.14 13.70
N TYR A 164 24.32 -6.86 12.52
CA TYR A 164 23.60 -7.10 11.26
C TYR A 164 24.29 -8.06 10.29
N ASP A 165 23.48 -8.82 9.56
CA ASP A 165 23.97 -9.78 8.60
C ASP A 165 23.20 -9.73 7.29
N CYS A 166 23.93 -9.70 6.17
CA CYS A 166 23.32 -9.79 4.85
C CYS A 166 23.39 -11.23 4.36
N LYS A 167 22.25 -11.90 4.29
CA LYS A 167 22.18 -13.31 3.91
C LYS A 167 21.88 -13.47 2.43
N VAL A 168 22.78 -14.15 1.72
CA VAL A 168 22.66 -14.33 0.28
C VAL A 168 22.63 -15.82 -0.11
N GLU A 169 21.59 -16.20 -0.85
CA GLU A 169 21.47 -17.55 -1.40
C GLU A 169 21.58 -17.49 -2.94
N HIS A 170 22.46 -18.30 -3.50
CA HIS A 170 22.70 -18.35 -4.95
C HIS A 170 23.19 -19.74 -5.34
N TRP A 171 22.86 -20.17 -6.56
CA TRP A 171 23.20 -21.52 -7.02
C TRP A 171 24.71 -21.79 -7.10
N GLY A 172 25.50 -20.74 -7.19
CA GLY A 172 26.96 -20.85 -7.23
C GLY A 172 27.62 -20.99 -5.87
N LEU A 173 26.82 -21.01 -4.81
CA LEU A 173 27.32 -21.18 -3.45
C LEU A 173 26.96 -22.56 -2.93
N ASP A 174 27.80 -23.13 -2.08
CA ASP A 174 27.52 -24.42 -1.45
C ASP A 174 26.49 -24.23 -0.33
N GLU A 175 26.89 -23.51 0.71
CA GLU A 175 25.99 -23.09 1.77
C GLU A 175 25.60 -21.62 1.54
N PRO A 176 24.54 -21.13 2.21
CA PRO A 176 24.21 -19.70 2.07
C PRO A 176 25.29 -18.81 2.68
N LEU A 177 25.61 -17.72 2.00
CA LEU A 177 26.64 -16.78 2.47
C LEU A 177 26.06 -15.67 3.32
N LEU A 178 26.65 -15.45 4.50
CA LEU A 178 26.26 -14.37 5.40
C LEU A 178 27.46 -13.44 5.59
N LYS A 179 27.31 -12.19 5.17
CA LYS A 179 28.35 -11.19 5.43
C LYS A 179 27.93 -10.38 6.66
N HIS A 180 28.86 -10.20 7.59
CA HIS A 180 28.56 -9.53 8.87
C HIS A 180 28.86 -8.04 8.87
N TRP A 181 28.15 -7.31 9.71
CA TRP A 181 28.37 -5.87 9.88
C TRP A 181 27.93 -5.40 11.28
N GLU A 182 28.83 -4.73 11.99
CA GLU A 182 28.53 -4.17 13.32
C GLU A 182 29.01 -2.72 13.43
N PRO A 183 28.44 -1.93 14.37
CA PRO A 183 28.92 -0.58 14.59
C PRO A 183 29.78 -0.47 15.86
N SER B 18 21.68 -28.19 -8.74
CA SER B 18 20.90 -26.93 -8.73
C SER B 18 20.19 -26.68 -10.08
N PRO B 19 18.96 -26.13 -10.05
CA PRO B 19 18.07 -26.00 -11.21
C PRO B 19 18.76 -25.53 -12.48
N GLU B 20 18.31 -26.04 -13.62
CA GLU B 20 18.91 -25.72 -14.92
C GLU B 20 18.33 -24.46 -15.54
N ASP B 21 19.18 -23.70 -16.23
CA ASP B 21 18.81 -22.36 -16.68
C ASP B 21 19.51 -21.94 -17.97
N PHE B 22 18.74 -21.41 -18.91
CA PHE B 22 19.26 -20.89 -20.17
C PHE B 22 18.92 -19.38 -20.24
N VAL B 23 19.96 -18.54 -20.30
CA VAL B 23 19.82 -17.09 -20.14
C VAL B 23 20.02 -16.33 -21.45
N TYR B 24 19.13 -15.37 -21.74
CA TYR B 24 19.30 -14.49 -22.89
C TYR B 24 19.37 -13.02 -22.49
N GLN B 25 20.25 -12.29 -23.16
CA GLN B 25 20.47 -10.87 -22.90
C GLN B 25 20.53 -10.05 -24.20
N PHE B 26 19.87 -8.89 -24.19
CA PHE B 26 20.02 -7.92 -25.28
C PHE B 26 20.37 -6.54 -24.75
N LYS B 27 21.52 -6.01 -25.17
CA LYS B 27 22.05 -4.76 -24.62
C LYS B 27 22.17 -3.63 -25.65
N GLY B 28 21.11 -2.84 -25.77
CA GLY B 28 21.13 -1.68 -26.65
C GLY B 28 21.86 -0.52 -25.99
N MET B 29 23.10 -0.30 -26.40
CA MET B 29 23.95 0.68 -25.72
C MET B 29 24.32 1.88 -26.60
N CYS B 30 24.21 3.08 -26.01
CA CYS B 30 24.70 4.31 -26.63
C CYS B 30 25.95 4.82 -25.94
N TYR B 31 26.83 5.44 -26.73
CA TYR B 31 28.09 5.98 -26.25
C TYR B 31 28.24 7.44 -26.68
N PHE B 32 28.26 8.33 -25.69
CA PHE B 32 28.29 9.76 -25.95
C PHE B 32 29.65 10.35 -25.59
N THR B 33 30.16 11.23 -26.45
CA THR B 33 31.44 11.90 -26.24
C THR B 33 31.34 13.39 -26.63
N ASN B 34 31.80 14.27 -25.74
CA ASN B 34 31.78 15.73 -25.91
C ASN B 34 30.39 16.23 -26.32
N GLY B 35 29.41 15.90 -25.47
CA GLY B 35 28.01 16.16 -25.76
C GLY B 35 27.51 15.07 -26.69
N THR B 36 27.24 15.45 -27.93
CA THR B 36 26.98 14.48 -29.02
C THR B 36 27.82 14.78 -30.26
N GLU B 37 28.88 15.59 -30.10
CA GLU B 37 29.88 15.81 -31.16
C GLU B 37 30.45 14.49 -31.67
N ARG B 38 30.19 13.42 -30.90
CA ARG B 38 30.48 12.04 -31.29
C ARG B 38 29.46 11.11 -30.60
N VAL B 39 28.57 10.53 -31.40
CA VAL B 39 27.60 9.54 -30.92
C VAL B 39 27.89 8.20 -31.57
N ARG B 40 27.71 7.13 -30.82
CA ARG B 40 27.91 5.78 -31.35
C ARG B 40 27.05 4.77 -30.60
N LEU B 41 26.40 3.89 -31.34
CA LEU B 41 25.61 2.85 -30.72
C LEU B 41 26.18 1.45 -30.96
N VAL B 42 26.02 0.58 -29.95
CA VAL B 42 26.30 -0.85 -30.06
C VAL B 42 25.19 -1.65 -29.39
N THR B 43 24.54 -2.50 -30.19
CA THR B 43 23.56 -3.44 -29.67
C THR B 43 24.23 -4.80 -29.56
N ARG B 44 24.01 -5.46 -28.41
CA ARG B 44 24.68 -6.73 -28.10
C ARG B 44 23.70 -7.90 -27.88
N TYR B 45 23.85 -8.94 -28.68
CA TYR B 45 23.06 -10.15 -28.54
C TYR B 45 23.92 -11.21 -27.86
N ILE B 46 23.43 -11.71 -26.73
CA ILE B 46 24.26 -12.49 -25.82
C ILE B 46 23.53 -13.75 -25.37
N TYR B 47 24.14 -14.90 -25.63
CA TYR B 47 23.63 -16.15 -25.09
C TYR B 47 24.38 -16.50 -23.81
N ASN B 48 23.63 -16.57 -22.71
CA ASN B 48 24.18 -16.65 -21.36
C ASN B 48 25.12 -15.47 -21.10
N ARG B 49 26.42 -15.68 -21.29
CA ARG B 49 27.39 -14.60 -21.11
C ARG B 49 28.22 -14.35 -22.36
N GLU B 50 27.99 -15.15 -23.39
CA GLU B 50 28.71 -15.03 -24.65
C GLU B 50 27.95 -14.10 -25.58
N GLU B 51 28.55 -12.95 -25.87
CA GLU B 51 28.01 -12.06 -26.90
C GLU B 51 28.35 -12.69 -28.24
N TYR B 52 27.34 -12.95 -29.06
CA TYR B 52 27.58 -13.69 -30.29
C TYR B 52 27.40 -12.87 -31.56
N ALA B 53 26.55 -11.85 -31.49
CA ALA B 53 26.34 -10.94 -32.62
C ALA B 53 26.20 -9.53 -32.10
N ARG B 54 26.68 -8.55 -32.88
CA ARG B 54 26.51 -7.16 -32.48
C ARG B 54 26.21 -6.24 -33.65
N PHE B 55 25.68 -5.06 -33.34
CA PHE B 55 25.62 -3.99 -34.30
C PHE B 55 26.35 -2.78 -33.77
N ASP B 56 27.40 -2.39 -34.48
CA ASP B 56 28.13 -1.16 -34.19
C ASP B 56 27.77 -0.12 -35.24
N SER B 57 27.35 1.05 -34.77
CA SER B 57 27.02 2.19 -35.65
C SER B 57 28.25 2.67 -36.41
N ASP B 58 29.43 2.30 -35.91
CA ASP B 58 30.69 2.60 -36.56
C ASP B 58 30.96 1.70 -37.76
N VAL B 59 30.55 0.44 -37.67
CA VAL B 59 30.69 -0.47 -38.81
C VAL B 59 29.56 -0.23 -39.81
N GLY B 60 28.32 -0.30 -39.30
CA GLY B 60 27.14 -0.03 -40.12
C GLY B 60 26.39 -1.28 -40.55
N VAL B 61 26.96 -2.43 -40.22
CA VAL B 61 26.30 -3.72 -40.45
C VAL B 61 26.39 -4.61 -39.22
N TYR B 62 25.56 -5.64 -39.20
CA TYR B 62 25.61 -6.64 -38.16
C TYR B 62 26.84 -7.50 -38.34
N ARG B 63 27.43 -7.95 -37.23
CA ARG B 63 28.58 -8.82 -37.31
C ARG B 63 28.57 -9.91 -36.26
N ALA B 64 29.04 -11.10 -36.64
CA ALA B 64 29.10 -12.22 -35.72
C ALA B 64 30.29 -12.05 -34.80
N VAL B 65 30.04 -12.07 -33.50
CA VAL B 65 31.10 -11.95 -32.50
C VAL B 65 31.76 -13.29 -32.19
N THR B 66 30.99 -14.37 -32.24
CA THR B 66 31.51 -15.72 -32.07
C THR B 66 30.96 -16.64 -33.17
N PRO B 67 31.50 -17.87 -33.32
CA PRO B 67 30.92 -18.83 -34.27
C PRO B 67 29.45 -19.16 -33.98
N LEU B 68 28.90 -18.60 -32.90
CA LEU B 68 27.49 -18.72 -32.57
C LEU B 68 26.65 -17.68 -33.30
N GLY B 69 27.32 -16.70 -33.92
CA GLY B 69 26.65 -15.56 -34.53
C GLY B 69 26.37 -15.55 -36.03
N PRO B 70 27.24 -16.16 -36.87
CA PRO B 70 27.04 -16.02 -38.33
C PRO B 70 25.58 -16.21 -38.80
N PRO B 71 24.89 -17.30 -38.39
CA PRO B 71 23.52 -17.49 -38.87
C PRO B 71 22.62 -16.28 -38.60
N ALA B 72 22.79 -15.64 -37.45
CA ALA B 72 21.97 -14.47 -37.08
C ALA B 72 22.40 -13.21 -37.82
N ALA B 73 23.70 -13.01 -37.96
CA ALA B 73 24.23 -11.81 -38.60
C ALA B 73 24.07 -11.86 -40.12
N GLU B 74 24.31 -13.03 -40.70
CA GLU B 74 24.15 -13.21 -42.15
C GLU B 74 22.70 -12.93 -42.54
N TYR B 75 21.79 -13.34 -41.67
CA TYR B 75 20.36 -13.20 -41.94
C TYR B 75 19.89 -11.77 -41.74
N TRP B 76 20.48 -11.07 -40.77
CA TRP B 76 20.06 -9.70 -40.46
C TRP B 76 20.52 -8.65 -41.47
N ASN B 77 21.69 -8.88 -42.05
CA ASN B 77 22.20 -7.98 -43.07
C ASN B 77 21.48 -8.18 -44.40
N SER B 78 20.81 -9.32 -44.55
CA SER B 78 20.10 -9.65 -45.79
C SER B 78 18.70 -9.04 -45.83
N GLN B 79 18.39 -8.19 -44.85
CA GLN B 79 17.14 -7.47 -44.81
C GLN B 79 17.41 -5.98 -44.68
N LYS B 80 17.28 -5.26 -45.80
CA LYS B 80 17.45 -3.81 -45.84
C LYS B 80 16.71 -3.15 -44.68
N GLU B 81 15.45 -3.53 -44.51
CA GLU B 81 14.57 -3.03 -43.45
C GLU B 81 15.27 -3.13 -42.10
N VAL B 82 15.79 -4.33 -41.80
CA VAL B 82 16.46 -4.61 -40.53
C VAL B 82 17.73 -3.78 -40.37
N LEU B 83 18.48 -3.60 -41.47
CA LEU B 83 19.66 -2.74 -41.45
C LEU B 83 19.30 -1.28 -41.18
N GLU B 84 18.50 -0.69 -42.07
CA GLU B 84 18.20 0.75 -41.97
C GLU B 84 17.61 1.10 -40.62
N ARG B 85 16.78 0.21 -40.10
CA ARG B 85 16.15 0.45 -38.81
C ARG B 85 17.17 0.44 -37.67
N THR B 86 18.13 -0.48 -37.69
CA THR B 86 19.10 -0.53 -36.60
C THR B 86 20.04 0.65 -36.71
N ARG B 87 20.40 0.99 -37.95
CA ARG B 87 21.17 2.20 -38.24
C ARG B 87 20.47 3.45 -37.72
N ALA B 88 19.16 3.54 -37.94
CA ALA B 88 18.39 4.72 -37.56
C ALA B 88 18.29 4.90 -36.05
N GLU B 89 18.50 3.81 -35.31
CA GLU B 89 18.38 3.83 -33.86
C GLU B 89 19.38 4.79 -33.20
N LEU B 90 20.30 5.31 -34.02
CA LEU B 90 21.25 6.30 -33.55
C LEU B 90 20.56 7.65 -33.35
N ASP B 91 19.56 7.92 -34.18
CA ASP B 91 18.73 9.10 -34.04
C ASP B 91 17.53 8.83 -33.13
N THR B 92 16.93 7.64 -33.28
CA THR B 92 15.66 7.34 -32.65
C THR B 92 15.81 6.73 -31.27
N VAL B 93 17.04 6.38 -30.91
CA VAL B 93 17.32 5.92 -29.55
C VAL B 93 18.37 6.79 -28.89
N CYS B 94 19.56 6.88 -29.49
CA CYS B 94 20.67 7.62 -28.89
C CYS B 94 20.37 9.12 -28.82
N ARG B 95 20.42 9.80 -29.96
CA ARG B 95 20.14 11.24 -30.03
C ARG B 95 18.83 11.65 -29.37
N HIS B 96 17.78 10.85 -29.56
CA HIS B 96 16.48 11.16 -28.99
C HIS B 96 16.49 11.16 -27.46
N ASN B 97 17.20 10.20 -26.85
CA ASN B 97 17.21 10.10 -25.40
C ASN B 97 18.17 11.08 -24.72
N TYR B 98 19.22 11.47 -25.43
CA TYR B 98 20.23 12.37 -24.87
C TYR B 98 19.65 13.72 -24.47
N GLN B 99 18.67 14.16 -25.23
CA GLN B 99 17.99 15.42 -24.95
C GLN B 99 17.24 15.31 -23.63
N LEU B 100 16.69 14.13 -23.37
CA LEU B 100 15.93 13.89 -22.15
C LEU B 100 16.85 13.62 -20.95
N GLU B 101 18.09 13.22 -21.22
CA GLU B 101 19.13 13.08 -20.20
C GLU B 101 19.66 14.45 -19.83
N LEU B 102 19.86 15.26 -20.87
CA LEU B 102 20.32 16.64 -20.75
C LEU B 102 19.40 17.47 -19.84
N ARG B 103 18.09 17.27 -19.96
CA ARG B 103 17.13 17.94 -19.10
C ARG B 103 17.20 17.43 -17.66
N THR B 104 17.34 16.12 -17.51
CA THR B 104 17.28 15.48 -16.18
C THR B 104 18.66 15.09 -15.62
N THR B 105 19.07 13.85 -15.87
CA THR B 105 20.31 13.27 -15.33
C THR B 105 21.48 14.25 -15.27
N LEU B 106 21.75 14.90 -16.39
CA LEU B 106 22.96 15.69 -16.56
C LEU B 106 22.96 17.03 -15.83
N GLN B 107 21.85 17.36 -15.18
CA GLN B 107 21.77 18.55 -14.35
C GLN B 107 21.62 18.19 -12.89
N ARG B 108 21.70 16.89 -12.60
CA ARG B 108 21.66 16.42 -11.23
C ARG B 108 23.02 16.63 -10.55
N ARG B 109 23.22 17.85 -10.02
CA ARG B 109 24.36 18.14 -9.19
C ARG B 109 23.98 17.89 -7.73
N VAL B 110 24.80 17.14 -7.01
CA VAL B 110 24.53 16.76 -5.63
C VAL B 110 25.75 17.05 -4.76
N GLU B 111 25.55 17.86 -3.72
CA GLU B 111 26.63 18.26 -2.82
C GLU B 111 27.08 17.10 -1.92
N PRO B 112 28.39 16.77 -1.95
CA PRO B 112 28.96 15.74 -1.09
C PRO B 112 28.99 16.15 0.40
N THR B 113 29.21 15.18 1.29
CA THR B 113 29.41 15.45 2.71
C THR B 113 30.79 14.93 3.11
N VAL B 114 31.60 15.82 3.68
CA VAL B 114 32.97 15.50 4.06
C VAL B 114 33.17 15.63 5.58
N THR B 115 33.64 14.56 6.20
CA THR B 115 34.06 14.59 7.59
C THR B 115 35.38 13.84 7.72
N ILE B 116 36.02 13.95 8.89
CA ILE B 116 37.27 13.25 9.17
C ILE B 116 37.18 12.41 10.46
N SER B 117 37.57 11.14 10.38
CA SER B 117 37.60 10.27 11.54
C SER B 117 38.83 9.36 11.50
N PRO B 118 39.70 9.44 12.52
CA PRO B 118 40.84 8.51 12.62
C PRO B 118 40.42 7.05 12.85
N SER B 119 41.28 6.13 12.43
CA SER B 119 41.04 4.70 12.60
C SER B 119 42.31 3.98 13.04
N LEU B 129 46.05 6.47 10.98
CA LEU B 129 45.22 6.85 9.85
C LEU B 129 44.05 7.74 10.26
N LEU B 130 43.80 8.79 9.47
CA LEU B 130 42.65 9.67 9.66
C LEU B 130 41.85 9.73 8.37
N VAL B 131 40.69 9.09 8.35
CA VAL B 131 39.93 8.91 7.12
C VAL B 131 39.06 10.11 6.73
N CYS B 132 39.24 10.57 5.49
CA CYS B 132 38.46 11.65 4.91
C CYS B 132 37.40 11.04 4.00
N SER B 133 36.30 10.60 4.60
CA SER B 133 35.21 9.99 3.85
C SER B 133 34.34 11.06 3.17
N VAL B 134 34.11 10.88 1.88
CA VAL B 134 33.28 11.80 1.10
C VAL B 134 32.05 11.03 0.66
N THR B 135 30.91 11.38 1.25
CA THR B 135 29.70 10.59 1.07
C THR B 135 28.58 11.34 0.35
N ASP B 136 27.87 10.60 -0.52
CA ASP B 136 26.68 11.09 -1.25
C ASP B 136 26.91 12.31 -2.15
N PHE B 137 27.22 12.05 -3.42
CA PHE B 137 27.39 13.09 -4.44
C PHE B 137 27.11 12.56 -5.85
N TYR B 138 26.81 13.47 -6.78
CA TYR B 138 26.62 13.12 -8.20
C TYR B 138 26.99 14.30 -9.13
N PRO B 139 27.70 14.03 -10.24
CA PRO B 139 28.18 12.73 -10.76
C PRO B 139 29.49 12.21 -10.16
N ALA B 140 30.16 11.32 -10.87
CA ALA B 140 31.33 10.59 -10.36
C ALA B 140 32.61 11.42 -10.28
N GLN B 141 32.84 12.28 -11.27
CA GLN B 141 34.06 13.07 -11.35
C GLN B 141 34.33 13.84 -10.05
N ILE B 142 35.41 13.49 -9.35
CA ILE B 142 35.74 14.09 -8.04
C ILE B 142 37.25 14.10 -7.76
N LYS B 143 37.73 15.09 -7.00
CA LYS B 143 39.15 15.24 -6.69
C LYS B 143 39.43 15.52 -5.21
N VAL B 144 39.80 14.47 -4.46
CA VAL B 144 40.16 14.57 -3.05
C VAL B 144 41.68 14.56 -2.86
N ARG B 145 42.20 15.58 -2.19
CA ARG B 145 43.63 15.64 -1.85
C ARG B 145 43.88 16.19 -0.44
N TRP B 146 44.96 15.72 0.18
CA TRP B 146 45.35 16.18 1.51
C TRP B 146 46.31 17.36 1.43
N PHE B 147 45.97 18.44 2.13
CA PHE B 147 46.77 19.67 2.14
C PHE B 147 47.90 19.56 3.15
N GLU B 153 50.95 20.33 0.64
CA GLU B 153 49.93 19.34 0.26
C GLU B 153 50.58 17.99 -0.03
N THR B 154 51.06 17.32 1.02
CA THR B 154 51.80 16.05 0.93
C THR B 154 50.96 14.87 0.44
N THR B 155 51.64 13.79 0.06
CA THR B 155 50.99 12.55 -0.38
C THR B 155 51.63 11.29 0.22
N GLY B 156 51.04 10.82 1.32
CA GLY B 156 51.34 9.50 1.88
C GLY B 156 50.03 8.78 2.12
N VAL B 157 49.23 8.67 1.06
CA VAL B 157 47.80 8.34 1.16
C VAL B 157 47.39 6.98 0.58
N VAL B 158 46.18 6.57 0.95
CA VAL B 158 45.51 5.40 0.39
C VAL B 158 44.05 5.76 0.20
N SER B 159 43.43 5.25 -0.88
CA SER B 159 42.04 5.60 -1.20
C SER B 159 41.25 4.45 -1.83
N THR B 160 40.07 4.19 -1.27
CA THR B 160 39.13 3.20 -1.81
C THR B 160 38.76 3.53 -3.25
N PRO B 161 38.47 2.50 -4.08
CA PRO B 161 37.85 2.77 -5.36
C PRO B 161 36.57 3.59 -5.18
N LEU B 162 36.09 4.19 -6.26
CA LEU B 162 34.91 5.04 -6.24
C LEU B 162 33.63 4.20 -6.06
N ILE B 163 33.24 4.02 -4.79
CA ILE B 163 32.10 3.16 -4.44
C ILE B 163 30.77 3.68 -4.97
N ARG B 164 29.96 2.77 -5.52
CA ARG B 164 28.64 3.09 -6.06
C ARG B 164 27.50 2.56 -5.18
N ASN B 165 26.67 3.47 -4.69
CA ASN B 165 25.56 3.14 -3.80
C ASN B 165 24.38 2.48 -4.52
N GLY B 166 24.28 2.73 -5.82
CA GLY B 166 23.21 2.17 -6.64
C GLY B 166 21.96 3.01 -6.64
N ASP B 167 22.04 4.20 -6.06
CA ASP B 167 20.91 5.11 -6.01
C ASP B 167 21.33 6.52 -6.42
N TRP B 168 22.26 6.58 -7.36
CA TRP B 168 22.72 7.84 -7.96
C TRP B 168 23.52 8.73 -6.96
N THR B 169 24.18 8.10 -6.00
CA THR B 169 25.18 8.76 -5.15
C THR B 169 26.43 7.89 -5.08
N PHE B 170 27.58 8.51 -4.86
CA PHE B 170 28.85 7.79 -4.77
C PHE B 170 29.59 8.00 -3.44
N GLN B 171 30.20 6.93 -2.94
CA GLN B 171 31.06 7.02 -1.77
C GLN B 171 32.52 6.94 -2.18
N ILE B 172 33.37 7.61 -1.42
CA ILE B 172 34.82 7.50 -1.57
C ILE B 172 35.54 7.92 -0.28
N LEU B 173 36.19 6.95 0.36
CA LEU B 173 36.94 7.20 1.57
C LEU B 173 38.41 7.29 1.21
N VAL B 174 39.02 8.42 1.59
CA VAL B 174 40.43 8.66 1.29
C VAL B 174 41.26 8.63 2.59
N MET B 175 41.86 7.48 2.86
CA MET B 175 42.66 7.26 4.06
C MET B 175 43.98 8.03 4.02
N LEU B 176 44.59 8.21 5.18
CA LEU B 176 45.89 8.91 5.30
C LEU B 176 46.65 8.44 6.54
N GLU B 177 47.93 8.10 6.34
CA GLU B 177 48.77 7.56 7.42
C GLU B 177 49.02 8.57 8.56
N THR B 187 44.25 19.07 6.83
CA THR B 187 43.11 19.63 6.14
C THR B 187 42.81 18.89 4.82
N CYS B 188 41.58 18.42 4.69
CA CYS B 188 41.13 17.68 3.50
C CYS B 188 40.40 18.65 2.56
N HIS B 189 40.98 18.85 1.36
CA HIS B 189 40.41 19.74 0.35
C HIS B 189 39.78 18.96 -0.81
N VAL B 190 38.45 18.95 -0.86
CA VAL B 190 37.69 18.14 -1.83
C VAL B 190 37.06 18.98 -2.95
N GLU B 191 37.35 18.59 -4.19
CA GLU B 191 36.87 19.28 -5.38
C GLU B 191 35.87 18.45 -6.19
N HIS B 192 34.63 18.94 -6.26
CA HIS B 192 33.59 18.32 -7.07
C HIS B 192 32.91 19.37 -7.93
N PRO B 193 32.67 19.04 -9.22
CA PRO B 193 31.95 19.81 -10.22
C PRO B 193 30.74 20.60 -9.71
N SER B 194 30.06 20.12 -8.67
CA SER B 194 28.85 20.77 -8.15
C SER B 194 29.14 21.99 -7.25
N LEU B 195 30.25 21.94 -6.52
CA LEU B 195 30.63 23.00 -5.59
C LEU B 195 31.26 24.19 -6.33
N GLN B 196 30.77 25.39 -6.03
CA GLN B 196 31.37 26.63 -6.55
C GLN B 196 32.78 26.76 -5.97
N ASN B 197 32.87 27.18 -4.71
CA ASN B 197 34.13 27.16 -3.98
C ASN B 197 34.37 25.74 -3.45
N PRO B 198 35.61 25.22 -3.62
CA PRO B 198 35.98 23.89 -3.14
C PRO B 198 35.88 23.74 -1.62
N ILE B 199 35.43 22.57 -1.17
CA ILE B 199 35.24 22.28 0.24
C ILE B 199 36.57 22.00 0.93
N ILE B 200 36.81 22.68 2.05
CA ILE B 200 38.05 22.52 2.83
C ILE B 200 37.75 22.21 4.28
N VAL B 201 38.19 21.04 4.74
CA VAL B 201 37.89 20.54 6.09
C VAL B 201 39.18 20.24 6.86
N GLU B 202 39.48 21.08 7.85
CA GLU B 202 40.67 20.93 8.70
C GLU B 202 40.55 19.75 9.66
N TRP B 203 41.69 19.29 10.18
CA TRP B 203 41.69 18.22 11.18
C TRP B 203 41.09 18.69 12.50
N ASP C 2 -0.74 29.65 24.81
CA ASP C 2 -0.07 29.53 23.46
C ASP C 2 1.36 30.10 23.47
N ILE C 3 2.06 29.95 22.35
CA ILE C 3 3.44 30.44 22.19
C ILE C 3 3.87 30.58 20.71
N VAL C 4 5.03 31.20 20.49
CA VAL C 4 5.65 31.27 19.17
C VAL C 4 7.03 30.62 19.24
N ALA C 5 7.04 29.31 19.46
CA ALA C 5 8.27 28.54 19.74
C ALA C 5 8.88 27.87 18.50
N ASP C 6 10.14 27.44 18.62
CA ASP C 6 10.87 26.75 17.52
C ASP C 6 10.13 25.57 16.91
N HIS C 7 9.43 24.82 17.74
CA HIS C 7 8.65 23.67 17.29
C HIS C 7 7.40 23.50 18.11
N VAL C 8 6.25 23.45 17.45
CA VAL C 8 4.97 23.24 18.12
C VAL C 8 4.48 21.85 17.79
N ALA C 9 4.07 21.09 18.81
CA ALA C 9 3.60 19.73 18.60
C ALA C 9 2.36 19.41 19.41
N SER C 10 1.40 18.74 18.78
CA SER C 10 0.23 18.23 19.46
C SER C 10 0.38 16.72 19.68
N TYR C 11 0.76 16.33 20.88
CA TYR C 11 0.84 14.91 21.21
C TYR C 11 -0.48 14.47 21.78
N GLY C 12 -1.47 14.49 20.89
CA GLY C 12 -2.83 14.21 21.23
C GLY C 12 -3.74 15.34 20.78
N VAL C 13 -4.14 15.29 19.51
CA VAL C 13 -5.34 15.99 19.10
C VAL C 13 -6.46 14.99 19.30
N ASN C 14 -7.13 15.13 20.44
CA ASN C 14 -8.21 14.25 20.82
C ASN C 14 -9.51 14.91 20.42
N LEU C 15 -10.36 14.16 19.72
CA LEU C 15 -11.61 14.67 19.18
C LEU C 15 -12.74 13.66 19.33
N TYR C 16 -13.91 14.16 19.74
CA TYR C 16 -15.10 13.33 19.89
C TYR C 16 -16.38 14.17 19.78
N GLN C 17 -17.28 13.75 18.90
CA GLN C 17 -18.54 14.48 18.71
C GLN C 17 -19.77 13.60 18.88
N SER C 18 -20.88 14.23 19.25
CA SER C 18 -22.12 13.51 19.52
C SER C 18 -22.70 12.92 18.25
N TYR C 19 -22.51 13.62 17.13
CA TYR C 19 -23.03 13.17 15.85
C TYR C 19 -22.24 11.97 15.34
N GLY C 20 -22.95 10.86 15.14
CA GLY C 20 -22.29 9.62 14.74
C GLY C 20 -22.63 8.50 15.72
N PRO C 21 -21.97 8.48 16.90
CA PRO C 21 -20.98 9.45 17.34
C PRO C 21 -19.62 9.08 16.76
N SER C 22 -18.72 10.04 16.69
CA SER C 22 -17.41 9.81 16.10
C SER C 22 -16.30 10.55 16.87
N GLY C 23 -15.07 10.12 16.63
CA GLY C 23 -13.90 10.72 17.25
C GLY C 23 -12.61 10.48 16.47
N GLN C 24 -11.59 11.26 16.80
CA GLN C 24 -10.31 11.17 16.12
C GLN C 24 -9.17 11.29 17.14
N TYR C 25 -8.16 10.44 16.98
CA TYR C 25 -6.92 10.60 17.72
C TYR C 25 -5.76 10.68 16.74
N SER C 26 -5.05 11.80 16.76
CA SER C 26 -3.86 11.94 15.96
C SER C 26 -2.79 12.77 16.65
N HIS C 27 -1.54 12.50 16.32
CA HIS C 27 -0.42 13.30 16.77
C HIS C 27 0.09 14.13 15.60
N GLU C 28 0.49 15.35 15.91
CA GLU C 28 0.98 16.25 14.89
C GLU C 28 2.30 16.86 15.34
N PHE C 29 3.14 17.21 14.38
CA PHE C 29 4.34 17.98 14.64
C PHE C 29 4.46 19.10 13.63
N ASP C 30 4.74 20.32 14.10
CA ASP C 30 4.88 21.48 13.21
C ASP C 30 3.78 21.57 12.18
N GLY C 31 2.56 21.20 12.59
CA GLY C 31 1.35 21.37 11.76
C GLY C 31 1.07 20.26 10.77
N ASP C 32 1.85 19.19 10.84
CA ASP C 32 1.64 18.03 9.98
C ASP C 32 1.28 16.80 10.82
N GLU C 33 0.65 15.82 10.17
CA GLU C 33 0.13 14.64 10.84
C GLU C 33 1.17 13.53 10.83
N GLU C 34 1.53 13.07 12.03
CA GLU C 34 2.49 11.97 12.19
C GLU C 34 1.78 10.64 12.05
N PHE C 35 0.64 10.52 12.75
CA PHE C 35 -0.21 9.34 12.68
C PHE C 35 -1.59 9.67 13.19
N TYR C 36 -2.58 8.89 12.75
CA TYR C 36 -3.88 8.86 13.39
C TYR C 36 -4.09 7.42 13.86
N VAL C 37 -5.10 7.19 14.70
CA VAL C 37 -5.45 5.84 15.11
C VAL C 37 -6.83 5.50 14.57
N ASP C 38 -6.92 4.44 13.77
CA ASP C 38 -8.21 3.90 13.38
C ASP C 38 -8.85 3.34 14.65
N LEU C 39 -9.87 4.03 15.14
CA LEU C 39 -10.49 3.66 16.40
C LEU C 39 -11.22 2.31 16.33
N GLU C 40 -11.81 2.02 15.18
CA GLU C 40 -12.53 0.76 15.03
C GLU C 40 -11.61 -0.40 14.71
N ARG C 41 -10.53 -0.15 13.96
CA ARG C 41 -9.55 -1.18 13.67
C ARG C 41 -8.55 -1.34 14.80
N LYS C 42 -8.51 -0.36 15.70
CA LYS C 42 -7.55 -0.32 16.82
C LYS C 42 -6.11 -0.50 16.31
N GLU C 43 -5.71 0.39 15.41
CA GLU C 43 -4.42 0.28 14.74
C GLU C 43 -3.83 1.66 14.53
N THR C 44 -2.60 1.86 14.99
CA THR C 44 -1.91 3.13 14.83
C THR C 44 -1.40 3.26 13.40
N VAL C 45 -1.91 4.24 12.67
CA VAL C 45 -1.55 4.43 11.26
C VAL C 45 -0.62 5.64 11.09
N TRP C 46 0.68 5.36 10.98
CA TRP C 46 1.66 6.42 10.73
C TRP C 46 1.58 6.92 9.29
N GLN C 47 2.13 8.11 9.04
CA GLN C 47 1.96 8.79 7.75
C GLN C 47 3.23 9.05 6.94
N LEU C 48 4.38 8.59 7.44
CA LEU C 48 5.60 8.53 6.64
C LEU C 48 6.27 7.15 6.79
N PRO C 49 6.91 6.65 5.71
CA PRO C 49 7.65 5.38 5.79
C PRO C 49 8.68 5.38 6.91
N LEU C 50 9.42 6.48 7.04
CA LEU C 50 10.37 6.66 8.12
C LEU C 50 9.74 6.38 9.49
N PHE C 51 8.62 7.04 9.78
CA PHE C 51 7.88 6.85 11.02
C PHE C 51 7.43 5.41 11.20
N ARG C 52 6.98 4.78 10.10
CA ARG C 52 6.59 3.38 10.10
C ARG C 52 7.78 2.47 10.43
N ARG C 53 8.98 2.88 10.03
CA ARG C 53 10.16 2.06 10.27
C ARG C 53 10.67 2.14 11.70
N PHE C 54 10.46 3.28 12.37
CA PHE C 54 11.14 3.54 13.66
C PHE C 54 10.28 3.98 14.84
N ARG C 55 9.06 4.42 14.59
CA ARG C 55 8.23 4.93 15.67
C ARG C 55 7.05 4.02 15.99
N ARG C 56 6.77 3.86 17.29
CA ARG C 56 5.70 2.98 17.75
C ARG C 56 4.78 3.71 18.73
N PHE C 57 3.47 3.55 18.54
CA PHE C 57 2.47 4.05 19.48
C PHE C 57 1.36 3.01 19.69
N ASP C 58 1.03 2.78 20.96
CA ASP C 58 0.00 1.82 21.36
C ASP C 58 -1.40 2.41 21.19
N PRO C 59 -2.22 1.81 20.31
CA PRO C 59 -3.57 2.30 20.02
C PRO C 59 -4.46 2.40 21.27
N GLN C 60 -4.13 1.62 22.30
CA GLN C 60 -4.91 1.58 23.52
C GLN C 60 -4.96 2.93 24.23
N PHE C 61 -3.85 3.66 24.21
CA PHE C 61 -3.81 5.00 24.80
C PHE C 61 -4.83 5.92 24.14
N ALA C 62 -5.04 5.73 22.83
CA ALA C 62 -6.03 6.49 22.08
C ALA C 62 -7.46 6.14 22.48
N LEU C 63 -7.75 4.84 22.54
CA LEU C 63 -9.08 4.37 22.90
C LEU C 63 -9.49 4.76 24.31
N THR C 64 -8.51 4.74 25.22
CA THR C 64 -8.69 5.24 26.59
C THR C 64 -9.03 6.74 26.58
N ASN C 65 -8.20 7.53 25.90
CA ASN C 65 -8.42 8.97 25.81
C ASN C 65 -9.81 9.39 25.31
N ILE C 66 -10.33 8.66 24.33
CA ILE C 66 -11.64 8.98 23.74
C ILE C 66 -12.78 8.61 24.69
N ALA C 67 -12.58 7.56 25.47
CA ALA C 67 -13.51 7.19 26.52
C ALA C 67 -13.69 8.33 27.53
N VAL C 68 -12.60 9.05 27.80
CA VAL C 68 -12.62 10.22 28.71
C VAL C 68 -13.34 11.40 28.06
N LEU C 69 -13.09 11.63 26.77
CA LEU C 69 -13.73 12.72 26.04
C LEU C 69 -15.24 12.53 26.01
N LYS C 70 -15.69 11.30 25.76
CA LYS C 70 -17.12 10.99 25.73
C LYS C 70 -17.80 11.33 27.05
N HIS C 71 -17.16 10.98 28.16
CA HIS C 71 -17.65 11.34 29.49
C HIS C 71 -17.59 12.85 29.72
N ASN C 72 -16.42 13.44 29.46
CA ASN C 72 -16.22 14.86 29.62
C ASN C 72 -17.26 15.68 28.86
N LEU C 73 -17.54 15.26 27.62
CA LEU C 73 -18.51 15.94 26.76
C LEU C 73 -19.91 15.98 27.39
N ASN C 74 -20.28 14.91 28.09
CA ASN C 74 -21.57 14.83 28.76
C ASN C 74 -21.78 15.90 29.84
N ILE C 75 -20.73 16.22 30.58
CA ILE C 75 -20.81 17.17 31.68
C ILE C 75 -20.76 18.62 31.17
N VAL C 76 -19.95 18.84 30.15
CA VAL C 76 -19.84 20.19 29.56
C VAL C 76 -21.10 20.53 28.75
N ILE C 77 -21.78 19.51 28.25
CA ILE C 77 -23.07 19.72 27.57
C ILE C 77 -24.11 20.27 28.55
N LYS C 78 -24.22 19.65 29.73
CA LYS C 78 -25.13 20.11 30.77
C LYS C 78 -24.73 21.50 31.30
N ARG C 79 -23.44 21.67 31.59
CA ARG C 79 -22.93 22.94 32.11
C ARG C 79 -23.14 24.09 31.13
N SER C 80 -23.07 23.80 29.83
CA SER C 80 -23.30 24.81 28.81
C SER C 80 -24.78 24.95 28.46
N ASN C 81 -25.65 24.35 29.26
CA ASN C 81 -27.11 24.33 29.00
C ASN C 81 -27.44 23.87 27.58
N SER C 82 -26.80 22.77 27.17
CA SER C 82 -26.93 22.19 25.82
C SER C 82 -26.66 23.17 24.65
N THR C 83 -25.46 23.77 24.64
CA THR C 83 -25.06 24.66 23.55
C THR C 83 -24.45 23.86 22.40
N ALA C 84 -25.15 23.86 21.26
CA ALA C 84 -24.71 23.09 20.10
C ALA C 84 -23.58 23.79 19.33
N ALA C 85 -22.80 23.00 18.60
CA ALA C 85 -21.74 23.53 17.74
C ALA C 85 -22.36 24.37 16.62
N THR C 86 -21.71 25.46 16.26
CA THR C 86 -22.14 26.25 15.11
C THR C 86 -21.35 25.87 13.85
N ASN C 87 -22.08 25.63 12.76
CA ASN C 87 -21.48 25.32 11.48
C ASN C 87 -20.65 26.49 10.96
N GLU C 88 -19.44 26.21 10.50
CA GLU C 88 -18.60 27.21 9.85
C GLU C 88 -18.69 27.06 8.34
N VAL C 89 -18.42 28.15 7.63
CA VAL C 89 -18.38 28.12 6.17
C VAL C 89 -16.94 27.86 5.73
N PRO C 90 -16.67 26.64 5.22
CA PRO C 90 -15.29 26.27 4.88
C PRO C 90 -14.83 26.97 3.61
N GLU C 91 -13.52 27.11 3.43
CA GLU C 91 -12.99 27.56 2.15
C GLU C 91 -12.20 26.46 1.46
N VAL C 92 -12.24 26.46 0.13
CA VAL C 92 -11.67 25.40 -0.67
C VAL C 92 -10.67 25.94 -1.69
N THR C 93 -9.49 25.35 -1.72
CA THR C 93 -8.46 25.66 -2.70
C THR C 93 -8.02 24.38 -3.39
N VAL C 94 -7.76 24.45 -4.70
CA VAL C 94 -7.23 23.31 -5.45
C VAL C 94 -5.96 23.71 -6.17
N PHE C 95 -4.95 22.85 -6.12
CA PHE C 95 -3.64 23.08 -6.76
C PHE C 95 -2.91 21.75 -6.94
N SER C 96 -1.82 21.77 -7.70
CA SER C 96 -1.06 20.56 -8.00
C SER C 96 0.24 20.47 -7.21
N LYS C 97 0.61 19.25 -6.84
CA LYS C 97 1.83 18.98 -6.05
C LYS C 97 3.09 19.48 -6.77
N SER C 98 3.10 19.35 -8.09
CA SER C 98 4.19 19.88 -8.94
C SER C 98 3.57 20.54 -10.18
N PRO C 99 4.35 21.38 -10.90
CA PRO C 99 3.83 21.97 -12.13
C PRO C 99 3.36 20.91 -13.11
N VAL C 100 2.40 21.27 -13.96
CA VAL C 100 1.74 20.33 -14.86
C VAL C 100 2.49 20.14 -16.18
N THR C 101 2.70 18.88 -16.55
CA THR C 101 3.20 18.52 -17.87
C THR C 101 2.30 17.45 -18.45
N LEU C 102 1.70 17.75 -19.61
CA LEU C 102 0.81 16.81 -20.29
C LEU C 102 1.50 15.46 -20.45
N GLY C 103 0.87 14.40 -19.92
CA GLY C 103 1.41 13.06 -20.01
C GLY C 103 2.45 12.75 -18.94
N GLN C 104 2.46 13.55 -17.88
CA GLN C 104 3.32 13.30 -16.73
C GLN C 104 2.47 13.24 -15.46
N PRO C 105 2.41 12.05 -14.84
CA PRO C 105 1.68 11.79 -13.60
C PRO C 105 1.89 12.86 -12.53
N ASN C 106 0.80 13.31 -11.94
CA ASN C 106 0.80 14.39 -10.96
C ASN C 106 -0.23 14.12 -9.88
N THR C 107 -0.33 15.01 -8.91
CA THR C 107 -1.31 14.87 -7.85
C THR C 107 -2.02 16.19 -7.58
N LEU C 108 -3.35 16.18 -7.72
CA LEU C 108 -4.17 17.32 -7.37
C LEU C 108 -4.42 17.34 -5.86
N ILE C 109 -4.41 18.54 -5.29
CA ILE C 109 -4.48 18.71 -3.85
C ILE C 109 -5.62 19.65 -3.52
N CYS C 110 -6.65 19.11 -2.87
CA CYS C 110 -7.80 19.91 -2.47
C CYS C 110 -7.74 20.28 -1.00
N LEU C 111 -7.41 21.54 -0.72
CA LEU C 111 -7.35 22.03 0.65
C LEU C 111 -8.72 22.53 1.09
N VAL C 112 -9.32 21.81 2.02
CA VAL C 112 -10.56 22.25 2.63
C VAL C 112 -10.17 22.87 3.97
N ASP C 113 -10.53 24.13 4.16
CA ASP C 113 -10.07 24.90 5.32
C ASP C 113 -11.26 25.49 6.07
N ASN C 114 -11.07 25.73 7.37
CA ASN C 114 -12.12 26.22 8.26
C ASN C 114 -13.31 25.26 8.40
N ILE C 115 -13.01 24.00 8.69
CA ILE C 115 -14.03 22.97 8.88
C ILE C 115 -14.52 22.94 10.33
N PHE C 116 -15.81 23.15 10.52
CA PHE C 116 -16.44 22.93 11.83
C PHE C 116 -17.95 22.83 11.73
N PRO C 117 -18.53 21.76 12.32
CA PRO C 117 -17.81 20.66 12.99
C PRO C 117 -17.02 19.82 12.00
N PRO C 118 -16.04 19.03 12.48
CA PRO C 118 -15.28 18.17 11.58
C PRO C 118 -16.13 17.00 11.03
N VAL C 119 -17.08 17.35 10.15
CA VAL C 119 -17.87 16.36 9.42
C VAL C 119 -18.00 16.92 8.01
N VAL C 120 -17.40 16.21 7.05
CA VAL C 120 -17.26 16.72 5.70
C VAL C 120 -17.27 15.60 4.64
N ASN C 121 -17.85 15.91 3.48
CA ASN C 121 -17.68 15.11 2.28
C ASN C 121 -16.72 15.80 1.33
N ILE C 122 -15.70 15.09 0.87
CA ILE C 122 -14.80 15.60 -0.16
C ILE C 122 -14.69 14.54 -1.25
N THR C 123 -15.17 14.88 -2.44
CA THR C 123 -15.22 13.92 -3.54
C THR C 123 -14.76 14.55 -4.86
N TRP C 124 -13.81 13.90 -5.51
CA TRP C 124 -13.23 14.41 -6.74
C TRP C 124 -14.13 14.20 -7.97
N LEU C 125 -13.85 14.94 -9.04
CA LEU C 125 -14.63 14.84 -10.28
C LEU C 125 -13.78 15.02 -11.55
N SER C 126 -13.63 13.94 -12.31
CA SER C 126 -13.05 14.01 -13.66
C SER C 126 -14.19 14.30 -14.64
N ASN C 127 -14.27 15.55 -15.09
CA ASN C 127 -15.42 16.07 -15.84
C ASN C 127 -16.68 16.14 -14.96
N GLY C 128 -17.70 15.36 -15.29
CA GLY C 128 -18.90 15.27 -14.47
C GLY C 128 -18.93 14.03 -13.60
N HIS C 129 -18.01 13.10 -13.88
CA HIS C 129 -18.00 11.78 -13.26
C HIS C 129 -17.20 11.76 -11.96
N SER C 130 -17.65 10.96 -11.00
CA SER C 130 -17.00 10.84 -9.68
C SER C 130 -15.85 9.83 -9.68
N VAL C 131 -14.65 10.30 -9.36
CA VAL C 131 -13.47 9.45 -9.27
C VAL C 131 -13.48 8.64 -7.97
N THR C 132 -13.49 7.31 -8.11
CA THR C 132 -13.47 6.42 -6.95
C THR C 132 -12.05 5.99 -6.56
N GLU C 133 -11.26 5.57 -7.56
CA GLU C 133 -9.88 5.12 -7.36
C GLU C 133 -8.87 6.27 -7.44
N GLY C 134 -7.69 6.06 -6.85
CA GLY C 134 -6.62 7.06 -6.87
C GLY C 134 -6.81 8.25 -5.93
N VAL C 135 -7.68 8.07 -4.94
CA VAL C 135 -7.99 9.13 -4.00
C VAL C 135 -7.43 8.78 -2.63
N SER C 136 -6.84 9.78 -1.98
CA SER C 136 -6.42 9.68 -0.58
C SER C 136 -6.62 11.03 0.09
N GLU C 137 -6.74 11.02 1.41
CA GLU C 137 -6.89 12.25 2.17
C GLU C 137 -6.20 12.16 3.54
N THR C 138 -6.04 13.31 4.18
CA THR C 138 -5.51 13.38 5.54
C THR C 138 -6.67 13.33 6.53
N SER C 139 -6.35 13.28 7.82
CA SER C 139 -7.35 13.45 8.86
C SER C 139 -7.67 14.93 8.99
N PHE C 140 -8.59 15.24 9.90
CA PHE C 140 -8.82 16.63 10.27
C PHE C 140 -7.59 17.13 11.02
N LEU C 141 -6.88 18.07 10.42
CA LEU C 141 -5.71 18.68 11.05
C LEU C 141 -6.12 19.91 11.85
N SER C 142 -5.53 20.06 13.03
CA SER C 142 -5.94 21.11 13.97
C SER C 142 -5.43 22.51 13.61
N LYS C 143 -6.27 23.51 13.88
CA LYS C 143 -5.91 24.91 13.75
C LYS C 143 -6.00 25.55 15.12
N SER C 144 -5.15 26.54 15.37
CA SER C 144 -5.16 27.22 16.68
C SER C 144 -6.47 27.94 17.01
N ASP C 145 -7.30 28.20 15.98
CA ASP C 145 -8.65 28.74 16.18
C ASP C 145 -9.68 27.62 16.41
N HIS C 146 -9.17 26.42 16.68
CA HIS C 146 -9.96 25.25 17.07
C HIS C 146 -10.86 24.64 15.99
N SER C 147 -10.83 25.21 14.78
CA SER C 147 -11.46 24.59 13.63
C SER C 147 -10.45 23.65 12.97
N PHE C 148 -10.84 23.01 11.89
CA PHE C 148 -9.97 22.02 11.26
C PHE C 148 -9.71 22.34 9.79
N PHE C 149 -8.63 21.77 9.28
CA PHE C 149 -8.44 21.66 7.83
C PHE C 149 -8.16 20.21 7.43
N LYS C 150 -8.55 19.87 6.21
CA LYS C 150 -8.41 18.52 5.68
C LYS C 150 -8.00 18.63 4.23
N ILE C 151 -7.05 17.81 3.82
CA ILE C 151 -6.51 17.87 2.47
C ILE C 151 -6.76 16.55 1.77
N SER C 152 -7.43 16.62 0.62
CA SER C 152 -7.66 15.44 -0.19
C SER C 152 -6.73 15.48 -1.40
N TYR C 153 -6.32 14.30 -1.86
CA TYR C 153 -5.37 14.17 -2.96
C TYR C 153 -5.98 13.35 -4.09
N LEU C 154 -5.59 13.67 -5.32
CA LEU C 154 -5.93 12.85 -6.47
C LEU C 154 -4.77 12.72 -7.45
N THR C 155 -4.26 11.51 -7.61
CA THR C 155 -3.29 11.22 -8.64
C THR C 155 -4.00 11.16 -9.98
N PHE C 156 -3.41 11.80 -11.00
CA PHE C 156 -4.03 11.93 -12.32
C PHE C 156 -2.98 12.07 -13.43
N LEU C 157 -3.42 11.90 -14.67
CA LEU C 157 -2.58 12.20 -15.85
C LEU C 157 -3.12 13.41 -16.60
N PRO C 158 -2.36 14.52 -16.63
CA PRO C 158 -2.72 15.75 -17.34
C PRO C 158 -3.12 15.50 -18.79
N SER C 159 -4.37 15.83 -19.11
CA SER C 159 -4.96 15.61 -20.43
C SER C 159 -5.71 16.84 -20.93
N ALA C 160 -6.10 16.82 -22.22
CA ALA C 160 -6.82 17.94 -22.83
C ALA C 160 -8.26 18.02 -22.36
N GLU C 162 -9.97 16.64 -20.28
CA GLU C 162 -10.57 16.32 -18.99
C GLU C 162 -10.26 17.40 -17.95
N ILE C 163 -11.30 18.17 -17.59
CA ILE C 163 -11.23 19.17 -16.52
C ILE C 163 -11.57 18.52 -15.17
N TYR C 164 -11.08 19.11 -14.07
CA TYR C 164 -11.27 18.52 -12.73
C TYR C 164 -12.00 19.41 -11.75
N ASP C 165 -12.77 18.78 -10.86
CA ASP C 165 -13.54 19.49 -9.85
C ASP C 165 -13.45 18.80 -8.49
N CYS C 166 -13.19 19.59 -7.45
CA CYS C 166 -13.21 19.10 -6.06
C CYS C 166 -14.56 19.44 -5.41
N LYS C 167 -15.39 18.41 -5.22
CA LYS C 167 -16.74 18.61 -4.69
C LYS C 167 -16.79 18.43 -3.17
N VAL C 168 -17.22 19.48 -2.48
CA VAL C 168 -17.25 19.51 -1.02
C VAL C 168 -18.67 19.73 -0.47
N GLU C 169 -19.12 18.81 0.38
CA GLU C 169 -20.41 18.95 1.07
C GLU C 169 -20.17 19.16 2.56
N HIS C 170 -20.78 20.20 3.13
CA HIS C 170 -20.63 20.55 4.54
C HIS C 170 -21.88 21.27 5.04
N TRP C 171 -22.21 21.10 6.33
CA TRP C 171 -23.43 21.67 6.89
C TRP C 171 -23.47 23.20 6.87
N GLY C 172 -22.31 23.84 6.75
CA GLY C 172 -22.22 25.29 6.70
C GLY C 172 -22.44 25.86 5.30
N LEU C 173 -22.67 24.99 4.33
CA LEU C 173 -22.93 25.41 2.95
C LEU C 173 -24.40 25.22 2.60
N ASP C 174 -24.94 26.07 1.72
CA ASP C 174 -26.31 25.92 1.25
C ASP C 174 -26.38 24.79 0.23
N GLU C 175 -25.76 25.02 -0.94
CA GLU C 175 -25.59 23.97 -1.95
C GLU C 175 -24.16 23.40 -1.84
N PRO C 176 -23.90 22.23 -2.46
CA PRO C 176 -22.53 21.70 -2.41
C PRO C 176 -21.57 22.58 -3.21
N LEU C 177 -20.37 22.80 -2.65
CA LEU C 177 -19.37 23.63 -3.31
C LEU C 177 -18.43 22.84 -4.21
N LEU C 178 -18.28 23.29 -5.45
CA LEU C 178 -17.38 22.69 -6.43
C LEU C 178 -16.31 23.69 -6.82
N LYS C 179 -15.05 23.38 -6.52
CA LYS C 179 -13.95 24.21 -6.97
C LYS C 179 -13.35 23.60 -8.23
N HIS C 180 -13.13 24.43 -9.25
CA HIS C 180 -12.69 23.96 -10.55
C HIS C 180 -11.17 24.02 -10.71
N TRP C 181 -10.63 23.15 -11.55
CA TRP C 181 -9.21 23.13 -11.90
C TRP C 181 -8.98 22.53 -13.29
N GLU C 182 -8.27 23.26 -14.15
CA GLU C 182 -7.91 22.77 -15.50
C GLU C 182 -6.42 23.02 -15.79
N PRO C 183 -5.84 22.27 -16.76
CA PRO C 183 -4.47 22.52 -17.18
C PRO C 183 -4.39 23.26 -18.52
N ASP D 17 -31.02 24.34 10.04
CA ASP D 17 -31.79 23.28 9.31
C ASP D 17 -30.84 22.15 8.85
N SER D 18 -30.08 21.62 9.80
CA SER D 18 -29.14 20.52 9.53
C SER D 18 -28.74 19.82 10.84
N PRO D 19 -28.47 18.50 10.77
CA PRO D 19 -28.11 17.71 11.94
C PRO D 19 -27.39 18.47 13.05
N GLU D 20 -28.01 18.48 14.24
CA GLU D 20 -27.48 19.12 15.44
C GLU D 20 -26.32 18.31 16.04
N ASP D 21 -25.28 19.00 16.47
CA ASP D 21 -24.04 18.35 16.91
C ASP D 21 -23.37 19.04 18.11
N PHE D 22 -22.73 18.22 18.94
CA PHE D 22 -21.92 18.72 20.06
C PHE D 22 -20.51 18.14 19.96
N VAL D 23 -19.51 19.02 20.03
CA VAL D 23 -18.12 18.65 19.78
C VAL D 23 -17.23 18.88 21.02
N TYR D 24 -16.38 17.90 21.32
CA TYR D 24 -15.39 18.03 22.39
C TYR D 24 -13.97 17.91 21.85
N GLN D 25 -13.06 18.72 22.37
CA GLN D 25 -11.66 18.69 21.93
C GLN D 25 -10.63 18.76 23.07
N PHE D 26 -9.61 17.90 22.97
CA PHE D 26 -8.47 17.93 23.89
C PHE D 26 -7.15 17.98 23.11
N LYS D 27 -6.40 19.05 23.31
CA LYS D 27 -5.16 19.26 22.58
C LYS D 27 -3.96 19.21 23.52
N GLY D 28 -3.25 18.08 23.53
CA GLY D 28 -2.08 17.92 24.38
C GLY D 28 -0.83 18.41 23.68
N MET D 29 -0.42 19.64 23.96
CA MET D 29 0.57 20.33 23.14
C MET D 29 1.91 20.65 23.85
N CYS D 30 3.00 20.38 23.14
CA CYS D 30 4.37 20.71 23.57
C CYS D 30 4.99 21.81 22.71
N TYR D 31 5.77 22.68 23.35
CA TYR D 31 6.47 23.78 22.70
C TYR D 31 7.97 23.72 23.00
N PHE D 32 8.80 23.74 21.96
CA PHE D 32 10.24 23.57 22.09
C PHE D 32 11.02 24.77 21.55
N THR D 33 12.15 25.08 22.19
CA THR D 33 13.05 26.16 21.73
C THR D 33 14.51 25.85 22.13
N ASN D 34 15.46 26.28 21.29
CA ASN D 34 16.89 26.03 21.51
C ASN D 34 17.15 24.58 21.91
N GLY D 35 16.61 23.67 21.10
CA GLY D 35 16.60 22.24 21.43
C GLY D 35 15.58 22.02 22.52
N THR D 36 16.03 21.46 23.63
CA THR D 36 15.20 21.30 24.83
C THR D 36 15.57 22.27 25.97
N GLU D 37 16.41 23.27 25.64
CA GLU D 37 16.78 24.32 26.60
C GLU D 37 15.55 25.03 27.15
N ARG D 38 14.53 25.21 26.30
CA ARG D 38 13.24 25.78 26.71
C ARG D 38 12.08 24.89 26.27
N VAL D 39 11.48 24.17 27.22
CA VAL D 39 10.32 23.32 26.94
C VAL D 39 9.13 23.83 27.73
N ARG D 40 7.94 23.68 27.14
CA ARG D 40 6.71 24.10 27.79
C ARG D 40 5.54 23.26 27.25
N LEU D 41 4.65 22.82 28.14
CA LEU D 41 3.46 22.09 27.73
C LEU D 41 2.18 22.87 28.02
N VAL D 42 1.19 22.72 27.15
CA VAL D 42 -0.13 23.30 27.38
C VAL D 42 -1.20 22.32 26.91
N THR D 43 -2.09 21.96 27.83
CA THR D 43 -3.18 21.02 27.55
C THR D 43 -4.50 21.76 27.53
N ARG D 44 -5.17 21.73 26.38
CA ARG D 44 -6.36 22.55 26.16
C ARG D 44 -7.62 21.73 26.11
N TYR D 45 -8.56 22.08 26.99
CA TYR D 45 -9.87 21.44 27.04
C TYR D 45 -10.88 22.40 26.40
N ILE D 46 -11.64 21.90 25.41
CA ILE D 46 -12.42 22.76 24.52
C ILE D 46 -13.83 22.22 24.23
N TYR D 47 -14.84 23.01 24.59
CA TYR D 47 -16.22 22.68 24.23
C TYR D 47 -16.57 23.38 22.93
N ASN D 48 -16.86 22.55 21.92
CA ASN D 48 -16.99 23.01 20.54
C ASN D 48 -15.71 23.76 20.17
N ARG D 49 -15.77 25.10 20.11
CA ARG D 49 -14.58 25.86 19.78
C ARG D 49 -14.09 26.75 20.93
N GLU D 50 -14.83 26.74 22.03
CA GLU D 50 -14.45 27.48 23.22
C GLU D 50 -13.56 26.65 24.13
N GLU D 51 -12.35 27.15 24.36
CA GLU D 51 -11.46 26.57 25.37
C GLU D 51 -11.91 27.08 26.74
N TYR D 52 -12.23 26.18 27.65
CA TYR D 52 -12.80 26.58 28.94
C TYR D 52 -11.87 26.41 30.12
N ALA D 53 -10.96 25.44 30.02
CA ALA D 53 -9.98 25.20 31.05
C ALA D 53 -8.69 24.74 30.40
N ARG D 54 -7.56 25.13 30.97
CA ARG D 54 -6.26 24.67 30.49
C ARG D 54 -5.26 24.46 31.62
N PHE D 55 -4.19 23.74 31.29
CA PHE D 55 -3.03 23.63 32.16
C PHE D 55 -1.80 24.08 31.41
N ASP D 56 -1.07 25.01 32.01
CA ASP D 56 0.18 25.48 31.47
C ASP D 56 1.29 25.08 32.43
N SER D 57 2.29 24.37 31.90
CA SER D 57 3.45 23.95 32.68
C SER D 57 4.18 25.13 33.28
N ASP D 58 4.02 26.29 32.66
CA ASP D 58 4.58 27.53 33.17
C ASP D 58 3.80 28.09 34.35
N VAL D 59 2.47 27.92 34.35
CA VAL D 59 1.67 28.35 35.50
C VAL D 59 1.80 27.32 36.62
N GLY D 60 1.55 26.06 36.31
CA GLY D 60 1.79 24.97 37.26
C GLY D 60 0.52 24.37 37.83
N VAL D 61 -0.61 25.06 37.62
CA VAL D 61 -1.92 24.58 38.04
C VAL D 61 -2.93 24.73 36.90
N TYR D 62 -4.06 24.06 37.03
CA TYR D 62 -5.13 24.22 36.04
C TYR D 62 -5.78 25.60 36.21
N ARG D 63 -6.26 26.15 35.10
CA ARG D 63 -6.94 27.44 35.12
C ARG D 63 -8.16 27.40 34.23
N ALA D 64 -9.24 28.02 34.68
CA ALA D 64 -10.46 28.15 33.91
C ALA D 64 -10.29 29.31 32.92
N VAL D 65 -10.34 29.00 31.63
CA VAL D 65 -10.16 30.00 30.58
C VAL D 65 -11.40 30.90 30.40
N THR D 66 -12.59 30.28 30.49
CA THR D 66 -13.87 30.99 30.41
C THR D 66 -14.71 30.71 31.67
N PRO D 67 -15.88 31.36 31.80
CA PRO D 67 -16.79 31.05 32.93
C PRO D 67 -17.37 29.62 32.90
N LEU D 68 -16.98 28.82 31.91
CA LEU D 68 -17.45 27.44 31.76
C LEU D 68 -16.55 26.43 32.51
N GLY D 69 -15.34 26.86 32.85
CA GLY D 69 -14.33 25.95 33.41
C GLY D 69 -13.98 25.97 34.89
N PRO D 70 -14.55 26.91 35.68
CA PRO D 70 -14.25 26.79 37.11
C PRO D 70 -14.58 25.42 37.78
N PRO D 71 -15.72 24.78 37.41
CA PRO D 71 -16.00 23.47 38.01
C PRO D 71 -15.00 22.40 37.60
N ALA D 72 -14.35 22.60 36.46
CA ALA D 72 -13.32 21.69 35.99
C ALA D 72 -12.01 21.97 36.71
N ALA D 73 -11.56 23.22 36.62
CA ALA D 73 -10.25 23.62 37.15
C ALA D 73 -10.16 23.53 38.67
N GLU D 74 -11.23 23.94 39.35
CA GLU D 74 -11.32 23.82 40.82
C GLU D 74 -11.31 22.35 41.27
N TYR D 75 -11.93 21.48 40.47
CA TYR D 75 -11.98 20.05 40.77
C TYR D 75 -10.62 19.39 40.62
N TRP D 76 -9.93 19.72 39.53
CA TRP D 76 -8.64 19.11 39.20
C TRP D 76 -7.52 19.57 40.10
N ASN D 77 -7.55 20.86 40.45
CA ASN D 77 -6.56 21.42 41.35
C ASN D 77 -6.72 20.87 42.75
N SER D 78 -7.96 20.55 43.12
CA SER D 78 -8.26 19.95 44.42
C SER D 78 -7.73 18.52 44.54
N GLN D 79 -7.24 17.98 43.43
CA GLN D 79 -6.69 16.64 43.39
C GLN D 79 -5.17 16.66 43.20
N LYS D 80 -4.44 16.37 44.29
CA LYS D 80 -2.98 16.35 44.28
C LYS D 80 -2.43 15.34 43.28
N GLU D 81 -3.11 14.19 43.15
CA GLU D 81 -2.70 13.15 42.19
C GLU D 81 -2.75 13.68 40.75
N VAL D 82 -3.83 14.40 40.43
CA VAL D 82 -4.11 14.86 39.06
C VAL D 82 -3.16 16.00 38.65
N LEU D 83 -2.73 16.81 39.61
CA LEU D 83 -1.75 17.86 39.32
C LEU D 83 -0.38 17.27 38.99
N GLU D 84 0.16 16.49 39.91
CA GLU D 84 1.51 15.95 39.76
C GLU D 84 1.65 15.08 38.51
N ARG D 85 0.55 14.50 38.04
CA ARG D 85 0.57 13.70 36.83
C ARG D 85 0.56 14.59 35.57
N THR D 86 -0.13 15.72 35.66
CA THR D 86 -0.19 16.66 34.54
C THR D 86 1.14 17.41 34.48
N ARG D 87 1.65 17.76 35.66
CA ARG D 87 2.95 18.41 35.78
C ARG D 87 4.09 17.58 35.21
N ALA D 88 4.09 16.28 35.50
CA ALA D 88 5.14 15.35 35.08
C ALA D 88 5.09 15.03 33.60
N GLU D 89 3.97 15.34 32.96
CA GLU D 89 3.81 15.11 31.54
C GLU D 89 4.82 15.91 30.70
N LEU D 90 5.47 16.87 31.34
CA LEU D 90 6.55 17.63 30.73
C LEU D 90 7.74 16.70 30.44
N ASP D 91 7.98 15.76 31.35
CA ASP D 91 8.98 14.72 31.16
C ASP D 91 8.40 13.55 30.37
N THR D 92 7.24 13.06 30.80
CA THR D 92 6.68 11.81 30.29
C THR D 92 6.07 11.95 28.90
N VAL D 93 5.82 13.18 28.47
CA VAL D 93 5.37 13.43 27.11
C VAL D 93 6.37 14.27 26.30
N CYS D 94 6.47 15.57 26.62
CA CYS D 94 7.35 16.49 25.90
C CYS D 94 8.80 16.01 25.78
N ARG D 95 9.56 16.08 26.87
CA ARG D 95 10.98 15.67 26.88
C ARG D 95 11.18 14.25 26.35
N HIS D 96 10.18 13.41 26.54
CA HIS D 96 10.20 12.04 26.01
C HIS D 96 10.14 12.01 24.48
N ASN D 97 9.10 12.63 23.92
CA ASN D 97 8.87 12.58 22.48
C ASN D 97 9.91 13.31 21.65
N TYR D 98 10.48 14.37 22.22
CA TYR D 98 11.49 15.17 21.53
C TYR D 98 12.69 14.32 21.14
N GLN D 99 12.98 13.31 21.95
CA GLN D 99 14.02 12.34 21.61
C GLN D 99 13.66 11.58 20.32
N LEU D 100 12.40 11.15 20.21
CA LEU D 100 11.92 10.42 19.04
C LEU D 100 11.81 11.31 17.80
N GLU D 101 11.50 12.59 17.99
CA GLU D 101 11.47 13.57 16.89
C GLU D 101 12.88 13.85 16.38
N LEU D 102 13.82 13.95 17.33
CA LEU D 102 15.22 14.18 17.02
C LEU D 102 15.79 13.01 16.22
N ARG D 103 15.30 11.81 16.50
CA ARG D 103 15.70 10.62 15.75
C ARG D 103 15.07 10.60 14.37
N THR D 104 13.81 11.05 14.26
CA THR D 104 13.11 10.99 12.97
C THR D 104 12.91 12.36 12.30
N THR D 105 11.90 13.10 12.75
CA THR D 105 11.50 14.36 12.10
C THR D 105 12.65 15.32 11.84
N LEU D 106 13.47 15.53 12.86
CA LEU D 106 14.40 16.65 12.86
C LEU D 106 15.65 16.44 12.01
N GLN D 107 15.80 15.24 11.46
CA GLN D 107 16.91 14.92 10.55
C GLN D 107 16.46 14.84 9.09
N ARG D 108 15.15 15.02 8.87
CA ARG D 108 14.54 14.90 7.55
C ARG D 108 14.81 16.14 6.66
N ARG D 109 15.87 16.06 5.88
CA ARG D 109 16.18 17.09 4.89
C ARG D 109 15.68 16.62 3.53
N VAL D 110 14.89 17.47 2.88
CA VAL D 110 14.30 17.18 1.57
C VAL D 110 14.71 18.24 0.55
N GLU D 111 15.53 17.81 -0.43
CA GLU D 111 16.05 18.72 -1.46
C GLU D 111 14.95 19.17 -2.45
N PRO D 112 14.66 20.48 -2.48
CA PRO D 112 13.63 21.05 -3.36
C PRO D 112 13.78 20.67 -4.84
N THR D 113 12.72 20.88 -5.61
CA THR D 113 12.79 20.75 -7.06
C THR D 113 12.52 22.11 -7.68
N VAL D 114 13.44 22.56 -8.51
CA VAL D 114 13.40 23.91 -9.07
C VAL D 114 13.28 23.86 -10.60
N THR D 115 12.16 24.38 -11.11
CA THR D 115 11.94 24.46 -12.56
C THR D 115 11.28 25.78 -12.96
N ILE D 116 11.43 26.15 -14.23
CA ILE D 116 10.85 27.38 -14.77
C ILE D 116 9.93 27.11 -15.95
N SER D 117 8.84 27.88 -16.02
CA SER D 117 7.90 27.85 -17.14
C SER D 117 7.13 29.16 -17.17
N PRO D 118 6.84 29.70 -18.36
CA PRO D 118 6.03 30.92 -18.48
C PRO D 118 4.52 30.68 -18.47
N SER D 119 3.80 31.46 -17.65
CA SER D 119 2.33 31.42 -17.59
C SER D 119 1.77 32.81 -17.27
N LEU D 129 5.24 36.64 -17.77
CA LEU D 129 5.43 36.09 -16.44
C LEU D 129 5.96 34.65 -16.45
N LEU D 130 7.25 34.50 -16.12
CA LEU D 130 7.88 33.19 -15.99
C LEU D 130 7.93 32.75 -14.52
N VAL D 131 7.43 31.56 -14.21
CA VAL D 131 7.39 31.07 -12.84
C VAL D 131 8.51 30.09 -12.50
N CYS D 132 9.30 30.43 -11.47
CA CYS D 132 10.20 29.48 -10.83
C CYS D 132 9.41 28.77 -9.75
N SER D 133 9.18 27.48 -9.94
CA SER D 133 8.44 26.68 -8.98
C SER D 133 9.40 25.87 -8.12
N VAL D 134 9.30 26.06 -6.81
CA VAL D 134 10.09 25.29 -5.84
C VAL D 134 9.16 24.30 -5.15
N THR D 135 9.35 23.02 -5.47
CA THR D 135 8.36 22.01 -5.11
C THR D 135 8.96 20.82 -4.34
N ASP D 136 8.15 20.24 -3.45
CA ASP D 136 8.51 19.06 -2.67
C ASP D 136 9.74 19.26 -1.82
N PHE D 137 9.59 20.00 -0.72
CA PHE D 137 10.69 20.26 0.21
C PHE D 137 10.30 20.33 1.68
N TYR D 138 11.27 20.00 2.54
CA TYR D 138 11.12 20.01 3.99
C TYR D 138 12.48 20.27 4.64
N PRO D 139 12.54 21.13 5.70
CA PRO D 139 11.48 21.92 6.35
C PRO D 139 11.06 23.19 5.59
N ALA D 140 10.24 24.01 6.26
CA ALA D 140 9.60 25.17 5.65
C ALA D 140 10.51 26.36 5.35
N GLN D 141 11.63 26.47 6.08
CA GLN D 141 12.58 27.59 5.87
C GLN D 141 13.19 27.56 4.45
N ILE D 142 12.90 28.59 3.66
CA ILE D 142 13.36 28.64 2.27
C ILE D 142 13.48 30.07 1.74
N LYS D 143 14.47 30.28 0.88
CA LYS D 143 14.63 31.58 0.19
C LYS D 143 14.69 31.36 -1.31
N VAL D 144 14.00 32.24 -2.05
CA VAL D 144 14.07 32.24 -3.51
C VAL D 144 14.37 33.65 -4.02
N ARG D 145 15.31 33.74 -4.95
CA ARG D 145 15.67 35.03 -5.56
C ARG D 145 15.86 34.92 -7.08
N TRP D 146 15.62 36.02 -7.78
CA TRP D 146 15.82 36.10 -9.22
C TRP D 146 17.02 36.97 -9.53
N PHE D 147 18.04 36.39 -10.14
CA PHE D 147 19.20 37.16 -10.59
C PHE D 147 19.39 37.02 -12.10
N GLN D 151 21.82 38.88 -16.38
CA GLN D 151 20.90 39.54 -15.46
C GLN D 151 21.44 39.53 -14.02
N GLU D 152 21.39 40.70 -13.38
CA GLU D 152 21.70 40.84 -11.96
C GLU D 152 20.45 40.54 -11.14
N GLU D 153 20.55 40.59 -9.81
CA GLU D 153 19.40 40.34 -8.94
C GLU D 153 18.36 41.46 -9.07
N THR D 154 17.10 41.09 -9.27
CA THR D 154 16.01 42.07 -9.46
C THR D 154 14.80 41.81 -8.56
N THR D 155 14.18 42.91 -8.13
CA THR D 155 12.86 42.86 -7.49
C THR D 155 11.79 43.49 -8.40
N GLY D 156 10.53 43.28 -8.04
CA GLY D 156 9.40 43.56 -8.93
C GLY D 156 8.77 42.22 -9.26
N VAL D 157 8.70 41.36 -8.24
CA VAL D 157 8.20 39.99 -8.39
C VAL D 157 6.96 39.75 -7.51
N VAL D 158 6.23 38.68 -7.80
CA VAL D 158 5.09 38.27 -6.99
C VAL D 158 5.18 36.77 -6.73
N SER D 159 5.02 36.38 -5.46
CA SER D 159 5.19 35.00 -5.03
C SER D 159 4.09 34.54 -4.07
N THR D 160 3.62 33.31 -4.26
CA THR D 160 2.62 32.71 -3.37
C THR D 160 3.16 32.57 -1.95
N PRO D 161 2.26 32.61 -0.94
CA PRO D 161 2.72 32.25 0.39
C PRO D 161 3.16 30.79 0.40
N LEU D 162 3.77 30.34 1.48
CA LEU D 162 4.19 28.95 1.59
C LEU D 162 2.99 28.01 1.48
N ILE D 163 3.19 26.88 0.82
CA ILE D 163 2.14 25.91 0.66
C ILE D 163 2.50 24.63 1.40
N ARG D 164 1.60 24.22 2.29
CA ARG D 164 1.70 22.93 2.93
C ARG D 164 0.87 21.93 2.13
N ASN D 165 1.53 20.92 1.59
CA ASN D 165 0.87 19.84 0.86
C ASN D 165 0.10 18.89 1.79
N GLY D 166 0.60 18.76 3.01
CA GLY D 166 -0.02 17.92 4.02
C GLY D 166 0.67 16.58 4.12
N ASP D 167 1.46 16.25 3.10
CA ASP D 167 2.24 15.02 3.11
C ASP D 167 3.69 15.32 3.45
N TRP D 168 3.88 16.17 4.47
CA TRP D 168 5.21 16.50 4.98
C TRP D 168 6.13 17.10 3.92
N THR D 169 5.53 17.75 2.92
CA THR D 169 6.31 18.48 1.92
C THR D 169 5.75 19.89 1.76
N PHE D 170 6.60 20.81 1.31
CA PHE D 170 6.20 22.18 1.07
C PHE D 170 6.35 22.61 -0.39
N GLN D 171 5.80 23.77 -0.69
CA GLN D 171 5.72 24.29 -2.04
C GLN D 171 5.71 25.81 -1.97
N ILE D 172 6.44 26.44 -2.89
CA ILE D 172 6.35 27.88 -3.11
C ILE D 172 6.63 28.18 -4.58
N LEU D 173 5.83 29.06 -5.16
CA LEU D 173 5.99 29.42 -6.57
C LEU D 173 6.24 30.90 -6.65
N VAL D 174 7.44 31.24 -7.10
CA VAL D 174 7.87 32.64 -7.21
C VAL D 174 7.89 33.04 -8.67
N MET D 175 7.09 34.04 -9.01
CA MET D 175 6.90 34.46 -10.39
C MET D 175 7.64 35.77 -10.70
N LEU D 176 7.74 36.11 -11.98
CA LEU D 176 8.48 37.30 -12.43
C LEU D 176 7.96 37.90 -13.74
N GLU D 177 7.55 39.16 -13.68
CA GLU D 177 7.10 39.90 -14.87
C GLU D 177 8.25 40.12 -15.87
N MET D 178 7.93 40.15 -17.16
CA MET D 178 8.95 40.27 -18.21
C MET D 178 8.66 41.36 -19.24
N ARG D 182 13.15 38.53 -23.69
CA ARG D 182 13.44 38.06 -25.04
C ARG D 182 14.86 38.39 -25.50
N GLY D 183 15.62 37.35 -25.82
CA GLY D 183 16.98 37.48 -26.38
C GLY D 183 18.15 37.27 -25.43
N ASP D 184 17.89 36.71 -24.24
CA ASP D 184 18.89 36.61 -23.16
C ASP D 184 18.55 35.57 -22.07
N VAL D 185 19.39 35.50 -21.04
CA VAL D 185 19.34 34.45 -20.00
C VAL D 185 18.83 34.92 -18.63
N TYR D 186 17.96 34.11 -18.02
CA TYR D 186 17.41 34.37 -16.70
C TYR D 186 17.81 33.24 -15.74
N THR D 187 17.83 33.51 -14.43
CA THR D 187 18.22 32.52 -13.42
C THR D 187 17.45 32.64 -12.11
N CYS D 188 17.01 31.49 -11.59
CA CYS D 188 16.31 31.38 -10.30
C CYS D 188 17.24 30.80 -9.22
N HIS D 189 17.43 31.54 -8.12
CA HIS D 189 18.26 31.10 -6.99
C HIS D 189 17.41 30.56 -5.86
N VAL D 190 17.77 29.37 -5.36
CA VAL D 190 17.04 28.74 -4.26
C VAL D 190 17.97 28.28 -3.13
N GLU D 191 17.76 28.83 -1.94
CA GLU D 191 18.48 28.45 -0.73
C GLU D 191 17.55 27.75 0.27
N HIS D 192 18.07 26.69 0.90
CA HIS D 192 17.30 25.81 1.78
C HIS D 192 18.27 25.00 2.65
N PRO D 193 17.85 24.64 3.88
CA PRO D 193 18.65 23.84 4.80
C PRO D 193 19.27 22.54 4.27
N SER D 194 18.55 21.81 3.42
CA SER D 194 19.06 20.56 2.86
C SER D 194 20.24 20.77 1.91
N LEU D 195 20.49 22.03 1.55
CA LEU D 195 21.45 22.37 0.53
C LEU D 195 22.61 23.22 1.04
N GLN D 196 23.81 22.66 0.94
CA GLN D 196 25.04 23.37 1.26
C GLN D 196 25.25 24.55 0.30
N ASN D 197 25.07 24.30 -0.99
CA ASN D 197 25.16 25.33 -2.02
C ASN D 197 23.76 25.72 -2.51
N PRO D 198 23.57 26.96 -2.99
CA PRO D 198 22.26 27.32 -3.53
C PRO D 198 22.03 26.70 -4.91
N ILE D 199 20.82 26.19 -5.13
CA ILE D 199 20.43 25.68 -6.44
C ILE D 199 20.09 26.85 -7.37
N ILE D 200 20.76 26.91 -8.53
CA ILE D 200 20.50 27.93 -9.53
C ILE D 200 20.02 27.30 -10.82
N VAL D 201 18.87 27.75 -11.33
CA VAL D 201 18.29 27.20 -12.55
C VAL D 201 18.10 28.27 -13.65
N GLU D 202 18.66 27.99 -14.83
CA GLU D 202 18.66 28.91 -15.97
C GLU D 202 17.38 28.90 -16.80
N TRP D 203 17.24 29.93 -17.64
CA TRP D 203 16.19 29.98 -18.64
C TRP D 203 16.68 30.81 -19.84
N ARG D 204 16.50 30.27 -21.04
CA ARG D 204 16.90 30.97 -22.26
C ARG D 204 15.69 31.43 -23.07
N LYS E 4 8.77 -6.62 34.63
CA LYS E 4 8.99 -7.38 35.88
C LYS E 4 9.69 -6.51 36.95
N THR E 5 9.24 -6.68 38.19
CA THR E 5 9.98 -6.19 39.35
C THR E 5 10.43 -7.40 40.15
N THR E 6 11.47 -7.22 40.96
CA THR E 6 11.92 -8.28 41.85
C THR E 6 12.04 -7.74 43.27
N GLN E 7 11.58 -8.53 44.23
CA GLN E 7 11.58 -8.15 45.64
C GLN E 7 12.00 -9.33 46.48
N PRO E 8 12.55 -9.07 47.68
CA PRO E 8 12.85 -10.19 48.58
C PRO E 8 11.58 -10.98 48.91
N ASN E 9 11.74 -12.28 49.14
CA ASN E 9 10.61 -13.15 49.47
C ASN E 9 9.94 -12.73 50.79
N SER E 10 10.73 -12.72 51.86
CA SER E 10 10.22 -12.43 53.19
C SER E 10 11.08 -11.36 53.87
N MET E 11 10.49 -10.68 54.84
CA MET E 11 11.22 -9.64 55.58
C MET E 11 10.65 -9.46 56.99
N GLU E 12 11.52 -9.55 57.99
CA GLU E 12 11.09 -9.33 59.36
C GLU E 12 11.69 -8.07 59.95
N SER E 13 10.87 -7.31 60.66
CA SER E 13 11.32 -6.16 61.42
C SER E 13 10.54 -6.09 62.73
N ASN E 14 11.14 -5.47 63.74
CA ASN E 14 10.48 -5.30 65.03
C ASN E 14 9.42 -4.22 65.01
N GLU E 15 8.54 -4.23 66.01
CA GLU E 15 7.60 -3.14 66.24
C GLU E 15 8.36 -1.86 66.53
N GLU E 16 7.72 -0.71 66.28
CA GLU E 16 8.28 0.61 66.62
C GLU E 16 9.37 1.09 65.67
N GLU E 17 10.02 0.16 64.98
CA GLU E 17 11.19 0.49 64.17
C GLU E 17 10.84 0.85 62.72
N PRO E 18 11.66 1.71 62.09
CA PRO E 18 11.56 1.98 60.66
C PRO E 18 11.87 0.76 59.82
N VAL E 19 11.15 0.60 58.72
CA VAL E 19 11.36 -0.52 57.79
C VAL E 19 11.66 0.02 56.39
N HIS E 20 12.69 -0.55 55.77
CA HIS E 20 13.05 -0.24 54.37
C HIS E 20 12.85 -1.47 53.50
N LEU E 21 11.80 -1.44 52.69
CA LEU E 21 11.46 -2.54 51.79
C LEU E 21 12.04 -2.28 50.40
N PRO E 22 12.91 -3.19 49.91
CA PRO E 22 13.57 -3.01 48.63
C PRO E 22 12.80 -3.59 47.44
N CYS E 23 13.03 -3.00 46.28
CA CYS E 23 12.42 -3.43 45.03
C CYS E 23 13.36 -3.09 43.87
N ASN E 24 13.55 -4.06 42.96
CA ASN E 24 14.34 -3.81 41.76
C ASN E 24 13.49 -3.76 40.51
N HIS E 25 13.91 -2.92 39.57
CA HIS E 25 13.23 -2.74 38.29
C HIS E 25 14.17 -2.03 37.33
N SER E 26 15.13 -2.79 36.81
CA SER E 26 16.24 -2.27 36.01
C SER E 26 15.78 -1.69 34.69
N THR E 27 14.74 -2.29 34.12
CA THR E 27 14.26 -1.91 32.80
C THR E 27 13.07 -0.96 32.85
N ILE E 28 13.01 -0.14 33.90
CA ILE E 28 12.00 0.91 34.00
C ILE E 28 12.09 1.84 32.78
N SER E 29 10.93 2.26 32.27
CA SER E 29 10.88 3.22 31.16
C SER E 29 10.68 4.64 31.69
N GLY E 30 10.88 5.61 30.82
CA GLY E 30 10.70 7.02 31.15
C GLY E 30 9.26 7.40 31.39
N THR E 31 8.34 6.53 30.98
CA THR E 31 6.91 6.76 31.11
C THR E 31 6.32 5.92 32.26
N ASP E 32 7.20 5.28 33.03
CA ASP E 32 6.74 4.35 34.07
C ASP E 32 6.79 4.95 35.48
N TYR E 33 5.73 4.68 36.23
CA TYR E 33 5.62 5.05 37.64
C TYR E 33 5.86 3.83 38.51
N ILE E 34 6.28 4.07 39.75
CA ILE E 34 6.47 3.00 40.72
C ILE E 34 5.33 3.02 41.75
N HIS E 35 4.70 1.86 41.94
CA HIS E 35 3.56 1.75 42.84
C HIS E 35 3.81 0.72 43.93
N TRP E 36 3.34 1.04 45.13
CA TRP E 36 3.40 0.11 46.25
C TRP E 36 2.02 -0.07 46.86
N TYR E 37 1.64 -1.34 46.97
CA TYR E 37 0.37 -1.75 47.56
C TYR E 37 0.64 -2.74 48.68
N ARG E 38 -0.23 -2.72 49.69
CA ARG E 38 -0.13 -3.69 50.78
C ARG E 38 -1.40 -4.52 50.83
N GLN E 39 -1.32 -5.68 51.47
CA GLN E 39 -2.48 -6.54 51.65
C GLN E 39 -2.42 -7.32 52.96
N LEU E 40 -3.18 -6.86 53.94
CA LEU E 40 -3.29 -7.54 55.23
C LEU E 40 -3.92 -8.92 55.00
N PRO E 41 -3.47 -9.95 55.73
CA PRO E 41 -3.86 -11.34 55.56
C PRO E 41 -5.31 -11.60 55.10
N SER E 42 -6.28 -11.23 55.93
CA SER E 42 -7.68 -11.49 55.62
C SER E 42 -8.24 -10.49 54.61
N GLN E 43 -7.78 -9.25 54.70
CA GLN E 43 -8.35 -8.12 53.95
C GLN E 43 -7.95 -8.07 52.47
N GLY E 44 -8.52 -7.12 51.74
CA GLY E 44 -8.14 -6.85 50.35
C GLY E 44 -6.95 -5.91 50.31
N PRO E 45 -6.35 -5.72 49.12
CA PRO E 45 -5.15 -4.89 49.01
C PRO E 45 -5.49 -3.40 49.03
N GLU E 46 -4.50 -2.57 49.37
CA GLU E 46 -4.71 -1.11 49.44
C GLU E 46 -3.47 -0.29 49.08
N TYR E 47 -3.71 0.85 48.42
CA TYR E 47 -2.65 1.73 47.95
C TYR E 47 -1.83 2.28 49.09
N VAL E 48 -0.51 2.30 48.91
CA VAL E 48 0.38 2.94 49.89
C VAL E 48 0.92 4.27 49.36
N ILE E 49 1.59 4.20 48.20
CA ILE E 49 2.30 5.32 47.63
C ILE E 49 2.63 5.01 46.17
N HIS E 50 2.84 6.06 45.36
CA HIS E 50 3.36 5.89 44.00
C HIS E 50 4.24 7.08 43.60
N GLY E 51 5.18 6.85 42.70
CA GLY E 51 6.13 7.88 42.34
C GLY E 51 6.77 7.75 40.97
N LEU E 52 7.48 8.80 40.56
CA LEU E 52 8.15 8.85 39.27
C LEU E 52 9.66 9.00 39.39
N THR E 53 10.09 10.03 40.13
CA THR E 53 11.50 10.29 40.42
C THR E 53 11.68 10.91 41.81
N SER E 54 12.93 11.01 42.23
CA SER E 54 13.33 11.50 43.56
C SER E 54 12.48 10.86 44.67
N ASN E 55 11.98 11.69 45.58
CA ASN E 55 11.28 11.18 46.74
C ASN E 55 9.84 11.69 46.84
N VAL E 56 8.99 10.84 47.41
CA VAL E 56 7.60 11.19 47.63
C VAL E 56 7.12 10.66 48.97
N ASN E 57 6.27 11.44 49.64
CA ASN E 57 5.72 11.05 50.94
C ASN E 57 4.26 11.47 51.07
N ASN E 58 3.41 10.51 51.41
CA ASN E 58 2.04 10.80 51.80
C ASN E 58 1.87 10.47 53.28
N ARG E 59 0.66 10.70 53.81
CA ARG E 59 0.39 10.41 55.22
C ARG E 59 0.57 8.93 55.60
N MET E 60 0.85 8.08 54.62
CA MET E 60 1.03 6.64 54.89
C MET E 60 2.49 6.21 54.98
N ALA E 61 3.29 6.60 53.99
CA ALA E 61 4.68 6.14 53.89
C ALA E 61 5.58 7.09 53.10
N SER E 62 6.83 6.67 52.89
CA SER E 62 7.82 7.39 52.09
C SER E 62 8.38 6.46 51.05
N LEU E 63 8.69 7.00 49.87
CA LEU E 63 9.24 6.23 48.75
C LEU E 63 10.50 6.84 48.14
N ALA E 64 11.61 6.12 48.26
CA ALA E 64 12.91 6.57 47.76
C ALA E 64 13.31 5.82 46.50
N ILE E 65 13.21 6.50 45.37
CA ILE E 65 13.61 5.94 44.08
C ILE E 65 15.08 6.28 43.84
N ALA E 66 15.83 5.31 43.34
CA ALA E 66 17.26 5.46 43.09
C ALA E 66 17.55 6.50 41.99
N GLU E 67 18.76 7.04 42.01
CA GLU E 67 19.19 8.07 41.04
C GLU E 67 19.00 7.61 39.60
N ASP E 68 19.35 6.37 39.31
CA ASP E 68 19.17 5.80 37.97
C ASP E 68 17.80 5.16 37.76
N ARG E 69 16.92 5.30 38.75
CA ARG E 69 15.55 4.78 38.69
C ARG E 69 15.42 3.26 38.52
N LYS E 70 16.50 2.52 38.82
CA LYS E 70 16.49 1.07 38.62
C LYS E 70 16.21 0.29 39.91
N SER E 71 15.97 1.01 40.99
CA SER E 71 15.52 0.40 42.24
C SER E 71 14.72 1.42 43.05
N SER E 72 14.03 0.94 44.07
CA SER E 72 13.28 1.83 44.96
C SER E 72 13.16 1.23 46.36
N THR E 73 12.82 2.10 47.31
CA THR E 73 12.64 1.68 48.70
C THR E 73 11.36 2.27 49.29
N LEU E 74 10.47 1.39 49.72
CA LEU E 74 9.33 1.78 50.50
C LEU E 74 9.79 1.90 51.95
N ILE E 75 9.66 3.09 52.51
CA ILE E 75 10.03 3.33 53.90
C ILE E 75 8.78 3.56 54.72
N LEU E 76 8.69 2.84 55.84
CA LEU E 76 7.64 3.06 56.83
C LEU E 76 8.32 3.51 58.12
N HIS E 77 7.99 4.72 58.56
CA HIS E 77 8.73 5.36 59.67
C HIS E 77 8.53 4.64 60.99
N ARG E 78 7.30 4.26 61.29
CA ARG E 78 7.00 3.42 62.45
C ARG E 78 6.15 2.23 62.04
N ALA E 79 6.58 1.03 62.42
CA ALA E 79 5.88 -0.20 62.07
C ALA E 79 5.26 -0.87 63.29
N THR E 80 3.98 -1.23 63.18
CA THR E 80 3.29 -1.96 64.23
C THR E 80 2.71 -3.24 63.63
N LEU E 81 2.04 -4.04 64.46
CA LEU E 81 1.44 -5.27 63.98
C LEU E 81 0.48 -5.00 62.84
N ARG E 82 -0.11 -3.82 62.85
CA ARG E 82 -1.08 -3.43 61.82
C ARG E 82 -0.41 -3.15 60.48
N ASP E 83 0.92 -3.14 60.46
CA ASP E 83 1.67 -2.95 59.21
C ASP E 83 2.26 -4.26 58.70
N ALA E 84 2.00 -5.35 59.42
CA ALA E 84 2.39 -6.68 58.98
C ALA E 84 1.43 -7.12 57.89
N ALA E 85 1.97 -7.27 56.68
CA ALA E 85 1.16 -7.60 55.50
C ALA E 85 2.07 -7.89 54.31
N VAL E 86 1.46 -8.15 53.16
CA VAL E 86 2.19 -8.39 51.93
C VAL E 86 2.37 -7.08 51.15
N TYR E 87 3.55 -6.86 50.60
CA TYR E 87 3.88 -5.59 49.92
C TYR E 87 4.30 -5.78 48.47
N TYR E 88 3.43 -5.33 47.55
CA TYR E 88 3.68 -5.49 46.12
C TYR E 88 4.33 -4.24 45.56
N CYS E 89 5.31 -4.45 44.69
CA CYS E 89 6.00 -3.35 44.02
C CYS E 89 5.76 -3.46 42.52
N ILE E 90 5.11 -2.43 41.97
CA ILE E 90 4.55 -2.48 40.63
C ILE E 90 5.06 -1.36 39.74
N LEU E 91 5.41 -1.70 38.49
CA LEU E 91 5.62 -0.68 37.47
C LEU E 91 4.35 -0.49 36.65
N ARG E 92 3.90 0.76 36.54
CA ARG E 92 2.76 1.11 35.72
C ARG E 92 3.12 2.28 34.86
N ASP E 93 2.58 2.30 33.64
CA ASP E 93 2.72 3.46 32.77
C ASP E 93 1.78 4.53 33.29
N GLY E 94 2.27 5.78 33.38
CA GLY E 94 1.47 6.89 33.90
C GLY E 94 0.11 7.00 33.25
N ARG E 95 0.02 6.48 32.03
CA ARG E 95 -1.21 6.47 31.25
C ARG E 95 -2.10 5.27 31.59
N GLY E 96 -1.50 4.19 32.10
CA GLY E 96 -2.25 2.98 32.49
C GLY E 96 -2.21 1.88 31.44
N GLY E 97 -3.26 1.07 31.40
CA GLY E 97 -3.34 -0.04 30.43
C GLY E 97 -3.11 -1.38 31.07
N ALA E 98 -3.49 -2.45 30.36
CA ALA E 98 -3.45 -3.82 30.88
C ALA E 98 -2.14 -4.20 31.56
N ASP E 99 -1.08 -4.36 30.77
CA ASP E 99 0.22 -4.79 31.29
C ASP E 99 0.73 -3.81 32.36
N GLY E 100 0.44 -4.13 33.62
CA GLY E 100 0.81 -3.26 34.73
C GLY E 100 -0.21 -3.25 35.86
N LEU E 101 -1.40 -3.77 35.59
CA LEU E 101 -2.45 -3.85 36.60
C LEU E 101 -2.28 -5.07 37.53
N THR E 102 -1.76 -6.14 36.96
CA THR E 102 -1.63 -7.38 37.70
C THR E 102 -0.52 -7.29 38.76
N PHE E 103 -0.85 -7.63 40.01
CA PHE E 103 0.12 -7.65 41.11
C PHE E 103 0.83 -9.01 41.17
N GLY E 104 2.14 -8.97 41.34
CA GLY E 104 2.95 -10.18 41.35
C GLY E 104 2.86 -11.00 42.62
N LYS E 105 4.03 -11.35 43.15
CA LYS E 105 4.12 -12.15 44.36
C LYS E 105 4.16 -11.27 45.60
N GLY E 106 4.89 -10.16 45.53
CA GLY E 106 5.08 -9.25 46.66
C GLY E 106 5.98 -9.80 47.77
N THR E 107 6.10 -9.05 48.86
CA THR E 107 6.97 -9.42 49.99
C THR E 107 6.17 -9.56 51.26
N HIS E 108 6.34 -10.68 51.96
CA HIS E 108 5.75 -10.87 53.27
C HIS E 108 6.60 -10.17 54.31
N LEU E 109 6.08 -9.05 54.80
CA LEU E 109 6.69 -8.30 55.90
C LEU E 109 6.11 -8.75 57.24
N ILE E 110 6.96 -9.38 58.04
CA ILE E 110 6.58 -9.87 59.35
C ILE E 110 6.95 -8.82 60.38
N ILE E 111 6.00 -8.47 61.24
CA ILE E 111 6.27 -7.55 62.34
C ILE E 111 5.99 -8.27 63.65
N GLN E 112 7.07 -8.56 64.39
CA GLN E 112 6.95 -9.20 65.70
C GLN E 112 7.56 -8.28 66.77
N PRO E 113 7.14 -8.42 68.03
CA PRO E 113 7.75 -7.58 69.04
C PRO E 113 9.17 -8.04 69.33
N TYR E 114 10.00 -7.12 69.81
CA TYR E 114 11.38 -7.46 70.18
C TYR E 114 11.39 -8.14 71.54
N ILE E 115 11.60 -9.46 71.54
CA ILE E 115 11.80 -10.19 72.79
C ILE E 115 13.29 -10.20 73.13
N GLN E 116 13.64 -9.59 74.26
CA GLN E 116 15.05 -9.43 74.64
C GLN E 116 15.65 -10.76 75.11
N ASN E 117 14.91 -11.46 75.96
CA ASN E 117 15.37 -12.75 76.48
C ASN E 117 14.27 -13.82 76.44
N PRO E 118 14.35 -14.72 75.45
CA PRO E 118 13.35 -15.76 75.23
C PRO E 118 13.32 -16.79 76.36
N ASP E 119 12.18 -17.44 76.53
CA ASP E 119 12.01 -18.48 77.54
C ASP E 119 11.39 -19.74 76.91
N PRO E 120 12.11 -20.38 75.96
CA PRO E 120 11.52 -21.45 75.18
C PRO E 120 11.14 -22.61 76.09
N ALA E 121 9.94 -23.15 75.89
CA ALA E 121 9.43 -24.25 76.71
C ALA E 121 8.27 -24.99 76.03
N VAL E 122 8.12 -26.27 76.35
CA VAL E 122 6.97 -27.03 75.88
C VAL E 122 6.03 -27.42 77.04
N TYR E 123 4.74 -27.14 76.84
CA TYR E 123 3.72 -27.38 77.85
C TYR E 123 2.57 -28.18 77.27
N GLN E 124 2.08 -29.17 78.02
CA GLN E 124 0.91 -29.95 77.64
C GLN E 124 -0.34 -29.39 78.30
N LEU E 125 -1.49 -29.54 77.65
CA LEU E 125 -2.74 -28.94 78.11
C LEU E 125 -3.89 -29.94 78.12
N ARG E 126 -4.77 -29.84 79.11
CA ARG E 126 -5.93 -30.72 79.21
C ARG E 126 -7.14 -30.16 78.45
N ASP E 127 -8.04 -31.06 78.02
CA ASP E 127 -9.28 -30.66 77.33
C ASP E 127 -10.43 -30.42 78.30
N SER E 128 -11.03 -29.23 78.22
CA SER E 128 -12.20 -28.89 79.04
C SER E 128 -13.47 -29.49 78.46
N LYS E 133 -7.72 -36.71 75.92
CA LYS E 133 -7.52 -35.77 74.81
C LYS E 133 -6.73 -34.53 75.26
N SER E 134 -5.59 -34.29 74.62
CA SER E 134 -4.69 -33.20 75.01
C SER E 134 -3.91 -32.59 73.85
N VAL E 135 -3.35 -31.40 74.09
CA VAL E 135 -2.58 -30.68 73.09
C VAL E 135 -1.24 -30.24 73.68
N CYS E 136 -0.27 -29.98 72.81
CA CYS E 136 1.03 -29.48 73.24
C CYS E 136 1.30 -28.08 72.69
N LEU E 137 2.08 -27.30 73.44
CA LEU E 137 2.35 -25.91 73.12
C LEU E 137 3.83 -25.58 73.26
N PHE E 138 4.41 -25.03 72.20
CA PHE E 138 5.76 -24.48 72.24
C PHE E 138 5.70 -22.96 72.20
N THR E 139 6.18 -22.33 73.27
CA THR E 139 6.00 -20.89 73.45
C THR E 139 7.25 -20.16 73.97
N ASP E 140 7.18 -18.82 73.87
CA ASP E 140 8.19 -17.89 74.42
C ASP E 140 9.53 -17.91 73.67
N PHE E 141 9.58 -18.59 72.53
CA PHE E 141 10.81 -18.71 71.75
C PHE E 141 11.12 -17.46 70.92
N ASP E 142 12.40 -17.29 70.55
CA ASP E 142 12.83 -16.14 69.75
C ASP E 142 12.31 -16.22 68.31
N SER E 143 12.32 -15.07 67.63
CA SER E 143 11.83 -14.95 66.25
C SER E 143 12.58 -15.85 65.27
N GLN E 144 13.92 -15.79 65.32
CA GLN E 144 14.78 -16.49 64.34
C GLN E 144 14.88 -18.02 64.52
N THR E 145 13.77 -18.64 64.89
CA THR E 145 13.66 -20.10 64.96
C THR E 145 12.43 -20.58 64.19
N ASN E 146 12.64 -21.47 63.22
CA ASN E 146 11.56 -21.99 62.38
C ASN E 146 10.95 -23.26 62.95
N VAL E 147 9.62 -23.33 62.96
CA VAL E 147 8.89 -24.49 63.51
C VAL E 147 8.59 -25.54 62.42
N SER E 148 8.96 -26.79 62.72
CA SER E 148 8.82 -27.97 61.82
C SER E 148 9.58 -27.80 60.51
N ASP E 152 6.24 -36.43 60.45
CA ASP E 152 5.61 -37.67 60.88
C ASP E 152 4.27 -37.90 60.20
N SER E 153 3.73 -39.11 60.34
CA SER E 153 2.47 -39.52 59.70
C SER E 153 1.20 -38.91 60.31
N ASP E 154 0.97 -39.18 61.60
CA ASP E 154 -0.29 -38.83 62.27
C ASP E 154 -0.13 -37.67 63.26
N VAL E 155 0.99 -36.96 63.17
CA VAL E 155 1.31 -35.88 64.11
C VAL E 155 1.30 -34.53 63.40
N TYR E 156 0.42 -33.64 63.88
CA TYR E 156 0.23 -32.31 63.29
C TYR E 156 0.94 -31.22 64.08
N ILE E 157 1.83 -30.48 63.42
CA ILE E 157 2.46 -29.30 64.03
C ILE E 157 2.08 -28.06 63.24
N THR E 158 1.66 -27.02 63.94
CA THR E 158 1.34 -25.75 63.27
C THR E 158 2.63 -24.96 63.08
N ASP E 159 2.65 -24.10 62.08
CA ASP E 159 3.76 -23.15 61.90
C ASP E 159 3.59 -22.02 62.92
N LYS E 160 4.67 -21.29 63.19
CA LYS E 160 4.64 -20.15 64.12
C LYS E 160 3.43 -19.26 63.81
N CYS E 161 2.65 -18.96 64.85
CA CYS E 161 1.40 -18.21 64.72
C CYS E 161 1.63 -16.75 64.29
N VAL E 162 0.60 -16.08 63.78
CA VAL E 162 0.65 -14.65 63.48
C VAL E 162 -0.27 -13.87 64.41
N LEU E 163 0.27 -12.88 65.11
CA LEU E 163 -0.45 -12.15 66.16
C LEU E 163 -1.64 -11.35 65.64
N ASP E 164 -2.67 -11.23 66.48
CA ASP E 164 -3.81 -10.36 66.22
C ASP E 164 -3.32 -8.92 66.16
N MET E 165 -3.48 -8.27 65.01
CA MET E 165 -2.99 -6.90 64.83
C MET E 165 -3.52 -5.92 65.89
N ARG E 166 -4.71 -6.20 66.39
CA ARG E 166 -5.36 -5.38 67.41
C ARG E 166 -4.93 -5.75 68.84
N SER E 167 -3.91 -6.60 68.96
CA SER E 167 -3.36 -6.98 70.26
C SER E 167 -2.50 -5.88 70.85
N MET E 168 -2.60 -5.69 72.16
CA MET E 168 -1.82 -4.67 72.86
C MET E 168 -1.12 -5.20 74.11
N ASP E 169 -1.17 -6.52 74.30
CA ASP E 169 -0.54 -7.18 75.44
C ASP E 169 -0.33 -8.69 75.20
N PHE E 170 0.52 -9.31 76.03
CA PHE E 170 0.90 -10.73 75.91
C PHE E 170 1.23 -11.13 74.47
N LYS E 171 2.22 -10.45 73.90
CA LYS E 171 2.54 -10.58 72.48
C LYS E 171 3.63 -11.63 72.19
N SER E 172 3.71 -12.66 73.02
CA SER E 172 4.66 -13.73 72.78
C SER E 172 4.12 -14.70 71.74
N ASN E 173 4.92 -14.97 70.71
CA ASN E 173 4.55 -15.92 69.67
C ASN E 173 4.57 -17.35 70.18
N SER E 174 3.86 -18.26 69.51
CA SER E 174 3.81 -19.67 69.90
C SER E 174 3.36 -20.60 68.78
N ALA E 175 3.78 -21.85 68.88
CA ALA E 175 3.34 -22.91 67.96
C ALA E 175 2.74 -24.11 68.70
N VAL E 176 1.82 -24.82 68.03
CA VAL E 176 1.09 -25.95 68.62
C VAL E 176 1.30 -27.27 67.85
N ALA E 177 1.51 -28.35 68.59
CA ALA E 177 1.66 -29.68 68.01
C ALA E 177 0.75 -30.69 68.70
N TRP E 178 -0.12 -31.33 67.94
CA TRP E 178 -1.04 -32.32 68.50
C TRP E 178 -1.15 -33.60 67.68
N SER E 179 -1.70 -34.63 68.30
CA SER E 179 -1.91 -35.93 67.69
C SER E 179 -2.93 -36.67 68.54
N ASN E 180 -3.69 -37.56 67.91
CA ASN E 180 -4.60 -38.47 68.63
C ASN E 180 -4.00 -39.85 68.87
N LYS E 181 -2.71 -40.01 68.56
CA LYS E 181 -2.00 -41.28 68.69
C LYS E 181 -1.78 -41.64 70.16
N SER E 182 -2.03 -42.91 70.49
CA SER E 182 -2.00 -43.40 71.87
C SER E 182 -0.58 -43.56 72.43
N ASP E 183 0.42 -43.10 71.66
CA ASP E 183 1.82 -43.20 72.06
C ASP E 183 2.51 -41.83 72.05
N PHE E 184 1.73 -40.78 71.81
CA PHE E 184 2.24 -39.45 71.49
C PHE E 184 3.13 -38.83 72.56
N ALA E 185 4.44 -38.85 72.29
CA ALA E 185 5.44 -38.29 73.17
C ALA E 185 5.55 -36.77 73.00
N CYS E 186 4.84 -36.03 73.85
CA CYS E 186 4.81 -34.58 73.80
C CYS E 186 6.19 -33.91 73.81
N ALA E 187 7.16 -34.59 74.43
CA ALA E 187 8.55 -34.12 74.47
C ALA E 187 9.21 -34.23 73.10
N ASN E 188 9.10 -35.40 72.48
CA ASN E 188 9.65 -35.61 71.14
C ASN E 188 8.69 -35.07 70.08
N ALA E 189 8.89 -33.80 69.71
CA ALA E 189 8.05 -33.13 68.72
C ALA E 189 8.85 -32.47 67.60
N PHE E 190 9.98 -31.83 67.96
CA PHE E 190 10.86 -31.18 66.98
C PHE E 190 12.33 -31.41 67.30
N PRO E 196 15.52 -24.92 69.02
CA PRO E 196 15.45 -25.06 70.46
C PRO E 196 16.71 -25.70 71.07
N GLU E 197 17.30 -25.09 72.10
CA GLU E 197 18.54 -25.60 72.73
C GLU E 197 18.40 -25.92 74.23
N ASP E 198 18.61 -24.91 75.08
CA ASP E 198 18.37 -25.04 76.53
C ASP E 198 16.91 -24.70 76.86
N THR E 199 16.00 -25.54 76.35
CA THR E 199 14.55 -25.34 76.40
C THR E 199 13.93 -26.03 77.64
N PHE E 200 12.86 -25.46 78.17
CA PHE E 200 12.21 -25.98 79.38
C PHE E 200 11.25 -27.16 79.12
N PHE E 201 11.58 -28.31 79.68
CA PHE E 201 10.77 -29.53 79.59
C PHE E 201 10.40 -30.06 80.98
N PRO E 202 9.14 -29.87 81.41
CA PRO E 202 8.70 -30.42 82.69
C PRO E 202 8.05 -31.80 82.56
N SER F 2 -12.44 0.03 49.92
CA SER F 2 -12.78 1.10 50.90
C SER F 2 -14.30 1.23 51.02
N GLY F 3 -14.90 1.92 50.03
CA GLY F 3 -16.37 2.02 49.89
C GLY F 3 -16.88 1.10 48.79
N VAL F 4 -16.05 0.11 48.45
CA VAL F 4 -16.36 -0.87 47.41
C VAL F 4 -17.02 -2.11 48.01
N THR F 5 -18.31 -2.26 47.74
CA THR F 5 -19.05 -3.42 48.22
C THR F 5 -18.95 -4.56 47.19
N GLN F 6 -19.08 -5.80 47.67
CA GLN F 6 -18.94 -6.99 46.83
C GLN F 6 -19.75 -8.12 47.44
N THR F 7 -20.45 -8.87 46.59
CA THR F 7 -21.27 -10.03 47.03
C THR F 7 -21.20 -11.18 46.04
N PRO F 8 -21.29 -12.43 46.54
CA PRO F 8 -21.31 -12.78 47.96
C PRO F 8 -19.91 -12.90 48.55
N LYS F 9 -19.78 -12.70 49.85
CA LYS F 9 -18.49 -12.75 50.54
C LYS F 9 -17.86 -14.14 50.42
N HIS F 10 -18.61 -15.17 50.77
CA HIS F 10 -18.15 -16.54 50.70
C HIS F 10 -19.01 -17.34 49.72
N LEU F 11 -18.42 -18.34 49.07
CA LEU F 11 -19.12 -19.12 48.04
C LEU F 11 -18.51 -20.52 47.89
N ILE F 12 -19.36 -21.53 47.93
CA ILE F 12 -18.97 -22.92 47.71
C ILE F 12 -19.85 -23.55 46.63
N THR F 13 -19.24 -24.02 45.55
CA THR F 13 -19.98 -24.69 44.46
C THR F 13 -19.30 -25.92 43.89
N ALA F 14 -20.14 -26.79 43.30
CA ALA F 14 -19.69 -27.98 42.62
C ALA F 14 -19.04 -27.64 41.28
N THR F 15 -18.29 -28.59 40.75
CA THR F 15 -17.62 -28.44 39.46
C THR F 15 -18.61 -28.48 38.31
N GLY F 16 -18.25 -27.82 37.19
CA GLY F 16 -19.10 -27.73 36.02
C GLY F 16 -20.12 -26.59 36.10
N GLN F 17 -20.39 -26.14 37.33
CA GLN F 17 -21.39 -25.10 37.61
C GLN F 17 -20.93 -23.71 37.17
N ARG F 18 -21.85 -22.75 37.23
CA ARG F 18 -21.57 -21.37 36.86
C ARG F 18 -22.18 -20.41 37.89
N VAL F 19 -21.34 -19.57 38.50
CA VAL F 19 -21.81 -18.57 39.46
C VAL F 19 -21.39 -17.18 39.02
N THR F 20 -22.05 -16.15 39.56
CA THR F 20 -21.80 -14.77 39.19
C THR F 20 -21.56 -13.88 40.43
N LEU F 21 -20.45 -13.13 40.40
CA LEU F 21 -20.06 -12.25 41.51
C LEU F 21 -20.40 -10.79 41.22
N ARG F 22 -21.11 -10.16 42.14
CA ARG F 22 -21.49 -8.76 41.99
C ARG F 22 -20.53 -7.84 42.73
N CYS F 23 -20.47 -6.59 42.29
CA CYS F 23 -19.62 -5.56 42.91
C CYS F 23 -20.10 -4.16 42.58
N SER F 24 -20.31 -3.35 43.61
CA SER F 24 -20.60 -1.93 43.44
C SER F 24 -19.37 -1.12 43.83
N PRO F 25 -18.91 -0.22 42.93
CA PRO F 25 -17.68 0.54 43.18
C PRO F 25 -17.97 1.75 44.07
N ARG F 26 -16.91 2.45 44.51
CA ARG F 26 -17.09 3.69 45.25
C ARG F 26 -18.03 4.60 44.47
N SER F 27 -18.84 5.39 45.17
CA SER F 27 -19.88 6.17 44.50
C SER F 27 -19.30 7.06 43.39
N GLY F 28 -18.33 7.92 43.73
CA GLY F 28 -17.74 8.84 42.75
C GLY F 28 -17.00 8.20 41.59
N ASP F 29 -16.67 6.92 41.71
CA ASP F 29 -15.78 6.23 40.79
C ASP F 29 -16.45 5.72 39.52
N LEU F 30 -15.66 5.61 38.45
CA LEU F 30 -16.17 5.23 37.13
C LEU F 30 -15.55 3.94 36.57
N SER F 31 -14.49 3.47 37.21
CA SER F 31 -13.79 2.25 36.79
C SER F 31 -13.99 1.07 37.74
N VAL F 32 -14.17 -0.12 37.17
CA VAL F 32 -14.12 -1.35 37.97
C VAL F 32 -13.06 -2.28 37.40
N TYR F 33 -12.28 -2.87 38.30
CA TYR F 33 -11.28 -3.87 37.92
C TYR F 33 -11.64 -5.18 38.58
N TRP F 34 -11.45 -6.27 37.85
CA TRP F 34 -11.63 -7.60 38.41
C TRP F 34 -10.29 -8.32 38.55
N TYR F 35 -10.08 -8.91 39.72
CA TYR F 35 -8.84 -9.61 40.04
C TYR F 35 -9.10 -11.03 40.53
N GLN F 36 -8.14 -11.92 40.30
CA GLN F 36 -8.19 -13.27 40.86
C GLN F 36 -6.92 -13.61 41.61
N GLN F 37 -7.03 -13.78 42.93
CA GLN F 37 -5.88 -14.12 43.77
C GLN F 37 -5.88 -15.61 44.07
N SER F 38 -4.84 -16.29 43.61
CA SER F 38 -4.67 -17.71 43.89
C SER F 38 -3.36 -17.94 44.63
N LEU F 39 -3.31 -19.01 45.43
CA LEU F 39 -2.12 -19.39 46.20
C LEU F 39 -0.89 -19.43 45.29
N ASP F 40 -1.08 -19.94 44.07
CA ASP F 40 0.01 -20.15 43.13
C ASP F 40 0.29 -18.99 42.17
N GLN F 41 -0.69 -18.11 41.91
CA GLN F 41 -0.51 -17.02 40.94
C GLN F 41 -0.37 -15.62 41.52
N GLY F 42 -0.60 -15.47 42.83
CA GLY F 42 -0.58 -14.15 43.47
C GLY F 42 -1.84 -13.40 43.10
N LEU F 43 -1.73 -12.07 42.97
CA LEU F 43 -2.91 -11.23 42.70
C LEU F 43 -3.03 -10.81 41.22
N GLN F 44 -3.70 -11.66 40.44
CA GLN F 44 -3.77 -11.53 38.97
C GLN F 44 -4.91 -10.64 38.48
N PHE F 45 -4.61 -9.75 37.53
CA PHE F 45 -5.62 -8.90 36.92
C PHE F 45 -6.40 -9.60 35.80
N LEU F 46 -7.72 -9.49 35.85
CA LEU F 46 -8.59 -10.13 34.87
C LEU F 46 -9.08 -9.16 33.80
N ILE F 47 -9.97 -8.26 34.18
CA ILE F 47 -10.66 -7.40 33.24
C ILE F 47 -11.05 -6.07 33.90
N GLN F 48 -10.97 -4.98 33.13
CA GLN F 48 -11.37 -3.66 33.59
C GLN F 48 -12.50 -3.08 32.75
N TYR F 49 -13.42 -2.40 33.42
CA TYR F 49 -14.47 -1.65 32.74
C TYR F 49 -14.39 -0.18 33.10
N TYR F 50 -14.51 0.68 32.09
CA TYR F 50 -14.61 2.12 32.32
C TYR F 50 -15.86 2.68 31.69
N ASN F 51 -16.66 3.32 32.54
CA ASN F 51 -17.87 4.06 32.15
C ASN F 51 -18.94 3.24 31.42
N GLY F 52 -18.97 1.94 31.67
CA GLY F 52 -19.92 1.05 31.01
C GLY F 52 -19.31 0.07 30.02
N GLU F 53 -18.45 0.56 29.13
CA GLU F 53 -17.77 -0.29 28.14
C GLU F 53 -16.47 -0.90 28.67
N GLU F 54 -16.07 -2.02 28.10
CA GLU F 54 -14.82 -2.73 28.48
C GLU F 54 -13.59 -1.88 28.20
N ARG F 55 -12.57 -2.00 29.05
CA ARG F 55 -11.39 -1.14 28.91
C ARG F 55 -10.04 -1.88 28.81
N ALA F 56 -9.85 -2.92 29.63
CA ALA F 56 -8.61 -3.69 29.58
C ALA F 56 -8.81 -5.15 29.94
N LYS F 57 -8.28 -6.05 29.11
CA LYS F 57 -8.32 -7.49 29.38
C LYS F 57 -6.94 -8.04 29.73
N GLY F 58 -6.91 -9.02 30.63
CA GLY F 58 -5.67 -9.67 31.05
C GLY F 58 -5.68 -11.12 30.62
N ASN F 59 -5.56 -12.03 31.58
CA ASN F 59 -5.59 -13.47 31.30
C ASN F 59 -6.94 -14.12 31.67
N ILE F 60 -8.03 -13.45 31.29
CA ILE F 60 -9.37 -14.03 31.42
C ILE F 60 -9.54 -15.20 30.47
N LEU F 61 -10.03 -16.31 31.00
CA LEU F 61 -10.33 -17.47 30.19
C LEU F 61 -11.63 -17.22 29.42
N GLU F 62 -11.85 -17.97 28.35
CA GLU F 62 -13.09 -17.86 27.60
C GLU F 62 -14.31 -18.29 28.43
N ARG F 63 -14.06 -19.13 29.44
CA ARG F 63 -15.09 -19.59 30.39
C ARG F 63 -15.53 -18.48 31.34
N PHE F 64 -14.85 -17.33 31.28
CA PHE F 64 -15.14 -16.19 32.14
C PHE F 64 -15.85 -15.09 31.34
N SER F 65 -16.75 -14.37 32.02
CA SER F 65 -17.53 -13.29 31.41
C SER F 65 -17.83 -12.19 32.41
N ALA F 66 -17.85 -10.95 31.92
CA ALA F 66 -18.11 -9.77 32.76
C ALA F 66 -18.75 -8.64 31.96
N GLN F 67 -19.29 -7.66 32.69
CA GLN F 67 -19.84 -6.42 32.12
C GLN F 67 -20.09 -5.40 33.22
N GLN F 68 -20.15 -4.13 32.83
CA GLN F 68 -20.51 -3.05 33.75
C GLN F 68 -21.79 -2.41 33.27
N PHE F 69 -22.78 -2.35 34.15
CA PHE F 69 -24.12 -1.84 33.83
C PHE F 69 -24.20 -0.31 33.94
N PRO F 70 -25.29 0.31 33.43
CA PRO F 70 -25.44 1.76 33.44
C PRO F 70 -25.30 2.42 34.82
N ASP F 71 -25.82 1.79 35.88
CA ASP F 71 -25.68 2.31 37.24
C ASP F 71 -24.26 2.10 37.78
N LEU F 72 -23.39 1.54 36.93
CA LEU F 72 -21.94 1.37 37.16
C LEU F 72 -21.52 0.15 37.96
N HIS F 73 -22.48 -0.60 38.50
CA HIS F 73 -22.12 -1.84 39.19
C HIS F 73 -21.76 -2.90 38.14
N SER F 74 -20.98 -3.89 38.54
CA SER F 74 -20.48 -4.91 37.62
C SER F 74 -20.80 -6.32 38.12
N GLU F 75 -20.92 -7.25 37.18
CA GLU F 75 -21.08 -8.68 37.47
C GLU F 75 -19.93 -9.45 36.83
N LEU F 76 -19.56 -10.58 37.46
CA LEU F 76 -18.53 -11.47 36.92
C LEU F 76 -18.95 -12.94 37.01
N ASN F 77 -19.13 -13.55 35.84
CA ASN F 77 -19.60 -14.93 35.75
C ASN F 77 -18.47 -15.87 35.37
N LEU F 78 -18.35 -16.96 36.12
CA LEU F 78 -17.31 -17.95 35.89
C LEU F 78 -17.99 -19.25 35.51
N SER F 79 -17.87 -19.64 34.24
CA SER F 79 -18.60 -20.79 33.69
C SER F 79 -17.76 -22.06 33.68
N SER F 80 -18.44 -23.20 33.77
CA SER F 80 -17.80 -24.53 33.83
C SER F 80 -16.71 -24.60 34.91
N LEU F 81 -17.08 -24.25 36.14
CA LEU F 81 -16.13 -24.15 37.25
C LEU F 81 -15.31 -25.41 37.44
N GLU F 82 -14.02 -25.22 37.70
CA GLU F 82 -13.08 -26.32 37.86
C GLU F 82 -12.42 -26.25 39.24
N LEU F 83 -11.81 -27.36 39.65
CA LEU F 83 -11.10 -27.40 40.93
C LEU F 83 -10.14 -26.24 41.06
N GLY F 84 -9.23 -26.10 40.09
CA GLY F 84 -8.22 -25.05 40.07
C GLY F 84 -8.74 -23.63 40.09
N ASP F 85 -10.04 -23.44 39.87
CA ASP F 85 -10.69 -22.12 39.94
C ASP F 85 -10.96 -21.67 41.37
N SER F 86 -10.66 -22.54 42.34
CA SER F 86 -10.79 -22.19 43.75
C SER F 86 -9.80 -21.09 44.11
N ALA F 87 -10.32 -19.87 44.27
CA ALA F 87 -9.49 -18.70 44.48
C ALA F 87 -10.24 -17.57 45.17
N LEU F 88 -9.51 -16.49 45.47
CA LEU F 88 -10.09 -15.32 46.07
C LEU F 88 -10.28 -14.29 44.98
N TYR F 89 -11.50 -13.79 44.82
CA TYR F 89 -11.83 -12.91 43.70
C TYR F 89 -12.10 -11.49 44.15
N PHE F 90 -11.27 -10.56 43.69
CA PHE F 90 -11.36 -9.18 44.14
C PHE F 90 -11.89 -8.21 43.08
N CYS F 91 -12.79 -7.35 43.52
CA CYS F 91 -13.24 -6.22 42.73
C CYS F 91 -12.52 -4.95 43.17
N ALA F 92 -12.19 -4.11 42.20
CA ALA F 92 -11.53 -2.84 42.50
C ALA F 92 -12.26 -1.67 41.83
N SER F 93 -11.99 -0.46 42.31
CA SER F 93 -12.66 0.76 41.86
C SER F 93 -11.66 1.91 41.70
N SER F 94 -11.88 2.72 40.67
CA SER F 94 -11.01 3.87 40.41
C SER F 94 -11.86 5.05 39.97
N VAL F 95 -11.43 6.26 40.32
CA VAL F 95 -12.13 7.47 39.92
C VAL F 95 -12.09 7.65 38.41
N ALA F 96 -10.91 7.47 37.81
CA ALA F 96 -10.71 7.65 36.37
C ALA F 96 -10.40 6.33 35.65
N VAL F 97 -10.26 6.43 34.31
CA VAL F 97 -9.94 5.29 33.46
C VAL F 97 -8.61 4.61 33.77
N SER F 98 -7.65 5.38 34.29
CA SER F 98 -6.29 4.91 34.51
C SER F 98 -5.99 4.62 35.99
N ALA F 99 -5.07 3.69 36.21
CA ALA F 99 -4.55 3.42 37.55
C ALA F 99 -3.02 3.59 37.57
N GLY F 100 -2.50 4.26 36.55
CA GLY F 100 -1.08 4.50 36.43
C GLY F 100 -0.60 5.61 37.35
N THR F 101 -1.50 6.51 37.70
CA THR F 101 -1.18 7.65 38.57
C THR F 101 -2.28 7.87 39.61
N TYR F 102 -3.27 6.98 39.62
CA TYR F 102 -4.39 7.03 40.55
C TYR F 102 -4.34 5.80 41.44
N GLU F 103 -4.94 5.89 42.62
CA GLU F 103 -5.02 4.71 43.47
C GLU F 103 -6.24 3.84 43.15
N GLN F 104 -6.15 2.55 43.48
CA GLN F 104 -7.25 1.60 43.31
C GLN F 104 -7.84 1.22 44.65
N TYR F 105 -9.15 1.35 44.78
CA TYR F 105 -9.83 1.02 46.02
C TYR F 105 -10.46 -0.35 45.87
N PHE F 106 -10.09 -1.29 46.74
CA PHE F 106 -10.50 -2.68 46.61
C PHE F 106 -11.70 -3.06 47.49
N GLY F 107 -12.45 -4.07 47.05
CA GLY F 107 -13.55 -4.60 47.83
C GLY F 107 -13.10 -5.70 48.77
N PRO F 108 -14.05 -6.30 49.53
CA PRO F 108 -13.76 -7.40 50.46
C PRO F 108 -13.32 -8.68 49.75
N GLY F 109 -13.81 -8.89 48.54
CA GLY F 109 -13.46 -10.07 47.75
C GLY F 109 -14.37 -11.25 48.00
N THR F 110 -14.50 -12.11 46.99
CA THR F 110 -15.28 -13.35 47.13
C THR F 110 -14.36 -14.54 47.36
N ARG F 111 -14.64 -15.29 48.42
CA ARG F 111 -13.92 -16.52 48.71
C ARG F 111 -14.65 -17.66 48.03
N LEU F 112 -14.08 -18.14 46.93
CA LEU F 112 -14.72 -19.22 46.17
C LEU F 112 -13.94 -20.52 46.25
N THR F 113 -14.57 -21.55 46.79
CA THR F 113 -14.05 -22.90 46.73
C THR F 113 -14.87 -23.70 45.74
N VAL F 114 -14.20 -24.48 44.91
CA VAL F 114 -14.88 -25.38 43.97
C VAL F 114 -14.50 -26.81 44.33
N THR F 115 -15.48 -27.60 44.76
CA THR F 115 -15.23 -28.96 45.24
C THR F 115 -15.74 -30.05 44.28
N GLU F 116 -15.16 -31.25 44.39
CA GLU F 116 -15.57 -32.39 43.57
C GLU F 116 -17.04 -32.74 43.78
N ASP F 117 -17.44 -32.82 45.05
CA ASP F 117 -18.84 -33.01 45.41
C ASP F 117 -19.19 -32.10 46.58
N LEU F 118 -20.43 -31.63 46.63
CA LEU F 118 -20.90 -30.84 47.76
C LEU F 118 -21.00 -31.67 49.04
N LYS F 119 -20.79 -32.98 48.91
CA LYS F 119 -20.80 -33.92 50.03
C LYS F 119 -19.62 -33.67 50.97
N ASN F 120 -18.55 -33.11 50.44
CA ASN F 120 -17.30 -32.89 51.19
C ASN F 120 -17.34 -31.72 52.18
N VAL F 121 -18.49 -31.05 52.26
CA VAL F 121 -18.63 -29.88 53.13
C VAL F 121 -18.88 -30.31 54.57
N PHE F 122 -18.01 -29.89 55.47
CA PHE F 122 -18.12 -30.23 56.90
C PHE F 122 -17.94 -29.00 57.78
N PRO F 123 -18.81 -28.87 58.82
CA PRO F 123 -18.60 -27.86 59.87
C PRO F 123 -17.51 -28.31 60.85
N PRO F 124 -16.82 -27.34 61.49
CA PRO F 124 -15.70 -27.65 62.37
C PRO F 124 -16.11 -28.25 63.71
N GLU F 125 -15.19 -28.98 64.34
CA GLU F 125 -15.34 -29.38 65.73
C GLU F 125 -14.35 -28.54 66.52
N VAL F 126 -14.86 -27.86 67.55
CA VAL F 126 -14.06 -26.90 68.32
C VAL F 126 -13.87 -27.34 69.77
N ALA F 127 -12.63 -27.25 70.25
CA ALA F 127 -12.32 -27.60 71.65
C ALA F 127 -11.36 -26.60 72.28
N VAL F 128 -11.58 -26.30 73.56
CA VAL F 128 -10.72 -25.38 74.29
C VAL F 128 -9.87 -26.14 75.31
N PHE F 129 -8.57 -25.84 75.32
CA PHE F 129 -7.62 -26.53 76.19
C PHE F 129 -7.09 -25.59 77.27
N GLU F 130 -7.21 -26.03 78.51
CA GLU F 130 -6.84 -25.24 79.68
C GLU F 130 -5.33 -25.19 79.90
N PRO F 131 -4.79 -24.00 80.25
CA PRO F 131 -3.36 -23.81 80.47
C PRO F 131 -2.78 -24.77 81.51
N SER F 132 -1.50 -25.10 81.37
CA SER F 132 -0.81 -26.02 82.27
C SER F 132 -0.49 -25.42 83.63
N GLU F 133 -0.46 -26.26 84.65
CA GLU F 133 0.04 -25.87 85.98
C GLU F 133 1.48 -25.41 85.86
N ALA F 134 2.19 -25.93 84.87
CA ALA F 134 3.59 -25.63 84.62
C ALA F 134 3.83 -24.19 84.14
N GLU F 135 3.09 -23.78 83.11
CA GLU F 135 3.19 -22.42 82.55
C GLU F 135 2.88 -21.36 83.60
N ILE F 136 1.96 -21.69 84.50
CA ILE F 136 1.57 -20.80 85.60
C ILE F 136 2.70 -20.68 86.63
N SER F 137 3.29 -21.81 86.99
CA SER F 137 4.40 -21.83 87.93
C SER F 137 5.68 -21.21 87.37
N HIS F 138 5.82 -21.24 86.05
CA HIS F 138 7.06 -20.82 85.40
C HIS F 138 7.06 -19.38 84.94
N THR F 139 5.96 -18.95 84.32
CA THR F 139 5.88 -17.66 83.65
C THR F 139 4.88 -16.70 84.32
N GLN F 140 4.19 -17.20 85.35
CA GLN F 140 3.05 -16.49 85.95
C GLN F 140 2.06 -16.01 84.89
N LYS F 141 2.04 -16.72 83.76
CA LYS F 141 1.14 -16.48 82.64
C LYS F 141 0.41 -17.76 82.28
N ALA F 142 -0.80 -17.63 81.75
CA ALA F 142 -1.64 -18.79 81.45
C ALA F 142 -2.25 -18.72 80.06
N THR F 143 -1.99 -19.74 79.25
CA THR F 143 -2.42 -19.74 77.85
C THR F 143 -3.47 -20.82 77.54
N LEU F 144 -4.65 -20.37 77.13
CA LEU F 144 -5.69 -21.25 76.60
C LEU F 144 -5.41 -21.51 75.13
N VAL F 145 -5.72 -22.71 74.66
CA VAL F 145 -5.54 -23.05 73.24
C VAL F 145 -6.85 -23.58 72.65
N CYS F 146 -7.26 -22.98 71.55
CA CYS F 146 -8.43 -23.43 70.81
C CYS F 146 -8.01 -24.31 69.67
N LEU F 147 -8.85 -25.29 69.36
CA LEU F 147 -8.59 -26.17 68.23
C LEU F 147 -9.87 -26.48 67.45
N ALA F 148 -9.93 -25.96 66.23
CA ALA F 148 -11.03 -26.26 65.32
C ALA F 148 -10.54 -27.27 64.29
N THR F 149 -11.24 -28.39 64.19
CA THR F 149 -10.80 -29.51 63.37
C THR F 149 -11.86 -30.07 62.43
N GLY F 150 -11.40 -30.73 61.37
CA GLY F 150 -12.26 -31.43 60.42
C GLY F 150 -13.34 -30.59 59.74
N PHE F 151 -12.96 -29.46 59.16
CA PHE F 151 -13.90 -28.65 58.39
C PHE F 151 -13.46 -28.47 56.96
N TYR F 152 -14.43 -28.36 56.06
CA TYR F 152 -14.20 -28.10 54.64
C TYR F 152 -15.33 -27.26 54.07
N PRO F 153 -14.99 -26.16 53.38
CA PRO F 153 -13.61 -25.72 53.17
C PRO F 153 -13.16 -24.79 54.30
N ASP F 154 -12.01 -24.15 54.11
CA ASP F 154 -11.41 -23.25 55.11
C ASP F 154 -12.05 -21.86 55.19
N HIS F 155 -13.33 -21.77 54.84
CA HIS F 155 -14.11 -20.54 55.01
C HIS F 155 -14.51 -20.42 56.48
N VAL F 156 -13.59 -19.90 57.30
CA VAL F 156 -13.74 -19.96 58.75
C VAL F 156 -13.09 -18.77 59.47
N GLU F 157 -13.79 -18.21 60.45
CA GLU F 157 -13.31 -17.09 61.26
C GLU F 157 -13.28 -17.44 62.73
N LEU F 158 -12.09 -17.35 63.33
CA LEU F 158 -11.90 -17.64 64.75
C LEU F 158 -11.81 -16.35 65.56
N SER F 159 -12.60 -16.27 66.62
CA SER F 159 -12.61 -15.10 67.49
C SER F 159 -12.58 -15.54 68.95
N TRP F 160 -11.92 -14.75 69.79
CA TRP F 160 -11.84 -15.01 71.23
C TRP F 160 -12.76 -14.11 72.06
N TRP F 161 -13.50 -14.71 72.98
CA TRP F 161 -14.51 -14.00 73.75
C TRP F 161 -14.34 -14.24 75.24
N VAL F 162 -14.11 -13.17 76.00
CA VAL F 162 -14.06 -13.26 77.46
C VAL F 162 -15.22 -12.46 78.00
N ASN F 163 -16.04 -13.13 78.82
CA ASN F 163 -17.24 -12.52 79.43
C ASN F 163 -18.04 -11.69 78.44
N GLY F 164 -18.44 -12.30 77.33
CA GLY F 164 -19.32 -11.67 76.35
C GLY F 164 -18.77 -10.55 75.49
N LYS F 165 -17.58 -10.04 75.83
CA LYS F 165 -16.94 -8.98 75.02
C LYS F 165 -15.69 -9.52 74.34
N GLU F 166 -15.60 -9.35 73.02
CA GLU F 166 -14.48 -9.89 72.22
C GLU F 166 -13.13 -9.30 72.63
N VAL F 167 -12.10 -10.14 72.63
CA VAL F 167 -10.76 -9.74 73.04
C VAL F 167 -9.74 -9.86 71.90
N HIS F 168 -8.68 -9.06 71.97
CA HIS F 168 -7.61 -9.11 70.97
C HIS F 168 -6.20 -9.25 71.58
N SER F 169 -6.00 -8.67 72.76
CA SER F 169 -4.72 -8.80 73.47
C SER F 169 -4.44 -10.26 73.83
N GLY F 170 -3.20 -10.69 73.63
CA GLY F 170 -2.78 -12.07 73.93
C GLY F 170 -3.32 -13.09 72.97
N VAL F 171 -3.95 -12.62 71.89
CA VAL F 171 -4.55 -13.49 70.87
C VAL F 171 -3.57 -13.72 69.73
N CYS F 172 -3.25 -14.98 69.50
CA CYS F 172 -2.25 -15.38 68.51
C CYS F 172 -2.68 -16.70 67.84
N THR F 173 -2.82 -16.65 66.51
CA THR F 173 -3.49 -17.69 65.73
C THR F 173 -2.66 -18.06 64.53
N ASP F 174 -2.86 -19.27 64.01
CA ASP F 174 -2.14 -19.77 62.84
C ASP F 174 -2.47 -18.93 61.62
N PRO F 175 -1.52 -18.75 60.70
CA PRO F 175 -1.73 -17.95 59.49
C PRO F 175 -2.84 -18.52 58.62
N GLN F 176 -2.67 -19.77 58.22
CA GLN F 176 -3.67 -20.47 57.42
C GLN F 176 -4.12 -21.71 58.18
N PRO F 177 -5.37 -22.17 57.94
CA PRO F 177 -5.75 -23.49 58.42
C PRO F 177 -4.87 -24.59 57.81
N LEU F 178 -4.83 -25.75 58.47
CA LEU F 178 -3.92 -26.85 58.16
C LEU F 178 -4.65 -28.00 57.47
N LYS F 179 -4.00 -28.65 56.50
CA LYS F 179 -4.60 -29.79 55.81
C LYS F 179 -4.44 -31.07 56.63
N GLU F 180 -5.56 -31.65 57.04
CA GLU F 180 -5.56 -32.83 57.91
C GLU F 180 -5.08 -34.10 57.21
N GLN F 181 -5.48 -34.26 55.94
CA GLN F 181 -4.96 -35.35 55.12
C GLN F 181 -4.40 -34.76 53.83
N PRO F 182 -3.20 -34.13 53.91
CA PRO F 182 -2.61 -33.32 52.83
C PRO F 182 -2.53 -34.03 51.47
N ALA F 183 -2.65 -35.36 51.49
CA ALA F 183 -2.68 -36.14 50.26
C ALA F 183 -3.87 -35.78 49.38
N LEU F 184 -5.04 -35.69 50.03
CA LEU F 184 -6.30 -35.50 49.33
C LEU F 184 -6.54 -34.06 48.93
N ASN F 185 -7.03 -33.88 47.70
CA ASN F 185 -7.41 -32.57 47.17
C ASN F 185 -8.57 -31.97 47.98
N ASP F 186 -9.41 -32.86 48.50
CA ASP F 186 -10.60 -32.51 49.26
C ASP F 186 -10.41 -32.70 50.77
N SER F 187 -9.16 -32.60 51.23
CA SER F 187 -8.80 -32.77 52.64
C SER F 187 -9.54 -31.79 53.53
N ARG F 188 -9.90 -32.25 54.72
CA ARG F 188 -10.50 -31.39 55.73
C ARG F 188 -9.41 -30.60 56.46
N TYR F 189 -9.80 -29.52 57.13
CA TYR F 189 -8.84 -28.58 57.67
C TYR F 189 -8.81 -28.52 59.19
N ALA F 190 -7.66 -28.09 59.72
CA ALA F 190 -7.50 -27.82 61.14
C ALA F 190 -7.06 -26.38 61.32
N LEU F 191 -7.32 -25.82 62.49
CA LEU F 191 -6.86 -24.47 62.81
C LEU F 191 -6.79 -24.34 64.32
N SER F 192 -5.72 -23.72 64.79
CA SER F 192 -5.53 -23.52 66.22
C SER F 192 -5.22 -22.07 66.54
N SER F 193 -5.65 -21.65 67.72
CA SER F 193 -5.40 -20.31 68.22
C SER F 193 -5.00 -20.36 69.69
N ARG F 194 -4.39 -19.28 70.17
CA ARG F 194 -4.01 -19.20 71.57
C ARG F 194 -4.54 -17.91 72.19
N LEU F 195 -4.89 -17.99 73.47
CA LEU F 195 -5.22 -16.82 74.26
C LEU F 195 -4.38 -16.84 75.53
N ARG F 196 -3.41 -15.94 75.61
CA ARG F 196 -2.59 -15.81 76.81
C ARG F 196 -3.09 -14.65 77.66
N VAL F 197 -3.52 -14.98 78.87
CA VAL F 197 -3.93 -14.02 79.90
C VAL F 197 -3.09 -14.24 81.16
N SER F 198 -3.13 -13.30 82.09
CA SER F 198 -2.34 -13.41 83.33
C SER F 198 -2.88 -14.53 84.22
N ALA F 199 -1.99 -15.09 85.04
CA ALA F 199 -2.35 -16.21 85.91
C ALA F 199 -3.43 -15.85 86.92
N THR F 200 -3.33 -14.65 87.49
CA THR F 200 -4.33 -14.15 88.45
C THR F 200 -5.71 -13.98 87.80
N PHE F 201 -5.71 -13.68 86.50
CA PHE F 201 -6.94 -13.55 85.72
C PHE F 201 -7.58 -14.90 85.47
N TRP F 202 -6.75 -15.91 85.18
CA TRP F 202 -7.22 -17.26 84.96
C TRP F 202 -7.64 -17.94 86.27
N GLN F 203 -6.91 -17.66 87.34
CA GLN F 203 -7.18 -18.26 88.66
C GLN F 203 -8.47 -17.74 89.28
N ASN F 204 -9.14 -16.82 88.59
CA ASN F 204 -10.46 -16.36 88.95
C ASN F 204 -11.51 -17.33 88.41
N PRO F 205 -12.21 -18.06 89.32
CA PRO F 205 -13.15 -19.11 88.92
C PRO F 205 -14.43 -18.56 88.26
N ARG F 206 -14.68 -17.27 88.45
CA ARG F 206 -15.85 -16.60 87.84
C ARG F 206 -15.47 -15.94 86.51
N ASN F 207 -14.45 -16.47 85.85
CA ASN F 207 -14.03 -15.97 84.54
C ASN F 207 -14.38 -16.91 83.38
N HIS F 208 -15.18 -16.39 82.45
CA HIS F 208 -15.73 -17.20 81.37
C HIS F 208 -15.05 -16.87 80.04
N PHE F 209 -14.36 -17.88 79.52
CA PHE F 209 -13.66 -17.77 78.25
C PHE F 209 -14.43 -18.59 77.23
N ARG F 210 -14.48 -18.11 75.99
CA ARG F 210 -15.13 -18.83 74.91
C ARG F 210 -14.40 -18.58 73.61
N CYS F 211 -14.07 -19.68 72.92
CA CYS F 211 -13.47 -19.63 71.60
C CYS F 211 -14.53 -19.85 70.52
N GLN F 212 -14.83 -18.80 69.78
CA GLN F 212 -15.85 -18.83 68.74
C GLN F 212 -15.22 -19.05 67.37
N VAL F 213 -15.87 -19.90 66.57
CA VAL F 213 -15.45 -20.22 65.21
C VAL F 213 -16.65 -20.07 64.26
N GLN F 214 -16.62 -19.04 63.43
CA GLN F 214 -17.68 -18.77 62.48
C GLN F 214 -17.39 -19.52 61.19
N PHE F 215 -18.21 -20.51 60.88
CA PHE F 215 -18.07 -21.29 59.67
C PHE F 215 -19.02 -20.78 58.60
N TYR F 216 -18.53 -20.65 57.38
CA TYR F 216 -19.34 -20.22 56.25
C TYR F 216 -19.67 -21.41 55.35
N GLY F 217 -20.93 -21.82 55.38
CA GLY F 217 -21.36 -23.03 54.71
C GLY F 217 -22.39 -22.80 53.64
N LEU F 218 -23.28 -23.78 53.49
CA LEU F 218 -24.33 -23.75 52.46
C LEU F 218 -25.48 -22.83 52.87
N SER F 219 -26.35 -22.49 51.92
CA SER F 219 -27.49 -21.62 52.19
C SER F 219 -28.79 -22.41 52.31
N GLU F 220 -29.86 -21.73 52.71
CA GLU F 220 -31.21 -22.32 52.72
C GLU F 220 -31.51 -22.96 51.36
N ASN F 221 -31.32 -22.20 50.29
CA ASN F 221 -31.46 -22.70 48.92
C ASN F 221 -30.25 -23.57 48.51
N ASP F 222 -30.25 -24.82 48.97
CA ASP F 222 -29.19 -25.80 48.69
C ASP F 222 -29.71 -27.23 48.82
N GLU F 223 -29.62 -27.99 47.73
CA GLU F 223 -30.06 -29.38 47.72
C GLU F 223 -29.07 -30.25 48.50
N TRP F 224 -29.49 -30.70 49.68
CA TRP F 224 -28.66 -31.55 50.54
C TRP F 224 -29.25 -32.94 50.72
N THR F 225 -28.52 -33.97 50.28
CA THR F 225 -29.00 -35.34 50.37
C THR F 225 -27.98 -36.29 51.02
N GLN F 226 -27.58 -35.97 52.25
CA GLN F 226 -26.68 -36.79 53.05
C GLN F 226 -27.32 -37.15 54.40
N ASP F 227 -26.84 -38.22 55.02
CA ASP F 227 -27.45 -38.73 56.26
C ASP F 227 -27.25 -37.78 57.45
N ARG F 228 -26.10 -37.12 57.48
CA ARG F 228 -25.78 -36.15 58.54
C ARG F 228 -26.51 -34.82 58.32
N ALA F 229 -26.41 -33.95 59.33
CA ALA F 229 -27.05 -32.63 59.30
C ALA F 229 -26.42 -31.73 58.26
N LYS F 230 -27.21 -30.80 57.73
CA LYS F 230 -26.80 -29.87 56.68
C LYS F 230 -25.74 -28.87 57.16
N PRO F 231 -24.56 -28.84 56.48
CA PRO F 231 -23.46 -27.99 56.88
C PRO F 231 -23.62 -26.56 56.37
N VAL F 232 -24.62 -25.88 56.92
CA VAL F 232 -24.90 -24.49 56.59
C VAL F 232 -23.94 -23.54 57.31
N THR F 233 -24.04 -22.26 56.98
CA THR F 233 -23.33 -21.21 57.71
C THR F 233 -23.80 -21.21 59.16
N GLN F 234 -22.84 -21.24 60.09
CA GLN F 234 -23.13 -21.41 61.50
C GLN F 234 -21.95 -21.01 62.38
N ILE F 235 -22.21 -20.79 63.66
CA ILE F 235 -21.18 -20.56 64.65
C ILE F 235 -21.02 -21.78 65.57
N VAL F 236 -19.90 -22.47 65.42
CA VAL F 236 -19.56 -23.58 66.30
C VAL F 236 -18.56 -23.05 67.32
N SER F 237 -18.83 -23.30 68.60
CA SER F 237 -18.08 -22.67 69.68
C SER F 237 -17.71 -23.60 70.83
N ALA F 238 -16.59 -23.29 71.49
CA ALA F 238 -16.15 -24.03 72.67
C ALA F 238 -15.73 -23.07 73.78
N GLU F 239 -16.02 -23.45 75.03
CA GLU F 239 -15.76 -22.55 76.16
C GLU F 239 -15.23 -23.26 77.40
N ALA F 240 -14.52 -22.50 78.22
CA ALA F 240 -13.98 -23.00 79.49
C ALA F 240 -13.96 -21.91 80.55
N TRP F 241 -14.06 -22.33 81.80
CA TRP F 241 -14.02 -21.41 82.95
C TRP F 241 -12.68 -21.52 83.68
N GLY F 242 -12.43 -20.60 84.60
CA GLY F 242 -11.19 -20.60 85.37
C GLY F 242 -11.08 -21.69 86.43
N ARG F 243 -9.96 -21.68 87.16
CA ARG F 243 -9.68 -22.66 88.21
C ARG F 243 -8.57 -22.12 89.12
N ALA F 244 -8.68 -22.40 90.42
CA ALA F 244 -7.71 -21.94 91.41
C ALA F 244 -7.11 -23.08 92.22
N LYS G 4 -2.55 11.78 -35.44
CA LYS G 4 -3.38 12.03 -36.65
C LYS G 4 -2.51 12.54 -37.81
N THR G 5 -2.84 12.07 -39.01
CA THR G 5 -2.35 12.66 -40.24
C THR G 5 -3.55 13.23 -40.99
N THR G 6 -3.29 14.18 -41.87
CA THR G 6 -4.34 14.76 -42.68
C THR G 6 -3.90 14.72 -44.14
N GLN G 7 -4.81 14.31 -45.01
CA GLN G 7 -4.55 14.21 -46.44
C GLN G 7 -5.73 14.79 -47.22
N PRO G 8 -5.50 15.20 -48.48
CA PRO G 8 -6.62 15.62 -49.33
C PRO G 8 -7.60 14.47 -49.52
N ASN G 9 -8.88 14.80 -49.67
CA ASN G 9 -9.93 13.79 -49.82
C ASN G 9 -9.74 13.01 -51.11
N SER G 10 -9.69 13.73 -52.23
CA SER G 10 -9.58 13.12 -53.54
C SER G 10 -8.46 13.77 -54.35
N MET G 11 -7.96 13.05 -55.35
CA MET G 11 -6.90 13.56 -56.22
C MET G 11 -6.93 12.91 -57.61
N GLU G 12 -6.99 13.72 -58.64
CA GLU G 12 -6.97 13.21 -60.01
C GLU G 12 -5.67 13.57 -60.71
N SER G 13 -5.10 12.60 -61.40
CA SER G 13 -3.96 12.84 -62.28
C SER G 13 -4.06 11.97 -63.52
N ASN G 14 -3.48 12.45 -64.62
CA ASN G 14 -3.51 11.73 -65.88
C ASN G 14 -2.59 10.52 -65.88
N GLU G 15 -2.82 9.61 -66.82
CA GLU G 15 -1.90 8.50 -67.07
C GLU G 15 -0.56 9.05 -67.50
N GLU G 16 0.49 8.26 -67.31
CA GLU G 16 1.85 8.58 -67.77
C GLU G 16 2.59 9.64 -66.93
N GLU G 17 1.83 10.48 -66.23
CA GLU G 17 2.39 11.63 -65.52
C GLU G 17 2.80 11.30 -64.07
N PRO G 18 3.82 12.01 -63.56
CA PRO G 18 4.19 11.93 -62.15
C PRO G 18 3.07 12.46 -61.26
N VAL G 19 2.92 11.83 -60.09
CA VAL G 19 1.92 12.24 -59.10
C VAL G 19 2.59 12.52 -57.77
N HIS G 20 2.25 13.67 -57.18
CA HIS G 20 2.72 14.04 -55.85
C HIS G 20 1.54 14.07 -54.85
N LEU G 21 1.49 13.07 -53.98
CA LEU G 21 0.42 12.95 -52.97
C LEU G 21 0.89 13.55 -51.64
N PRO G 22 0.17 14.57 -51.14
CA PRO G 22 0.55 15.27 -49.92
C PRO G 22 -0.04 14.67 -48.66
N CYS G 23 0.68 14.85 -47.55
CA CYS G 23 0.28 14.40 -46.23
C CYS G 23 0.83 15.34 -45.17
N ASN G 24 -0.01 15.70 -44.20
CA ASN G 24 0.43 16.48 -43.06
C ASN G 24 0.44 15.70 -41.76
N HIS G 25 1.40 16.04 -40.89
CA HIS G 25 1.58 15.40 -39.60
C HIS G 25 2.51 16.28 -38.78
N SER G 26 1.96 17.39 -38.28
CA SER G 26 2.71 18.44 -37.60
C SER G 26 3.33 17.97 -36.28
N THR G 27 2.65 17.04 -35.63
CA THR G 27 3.06 16.59 -34.31
C THR G 27 3.82 15.26 -34.36
N ILE G 28 4.53 15.02 -35.46
CA ILE G 28 5.42 13.86 -35.57
C ILE G 28 6.47 13.87 -34.45
N SER G 29 6.76 12.71 -33.89
CA SER G 29 7.79 12.59 -32.85
C SER G 29 9.11 12.15 -33.46
N GLY G 30 10.18 12.26 -32.68
CA GLY G 30 11.51 11.84 -33.12
C GLY G 30 11.65 10.34 -33.32
N THR G 31 10.70 9.59 -32.76
CA THR G 31 10.71 8.13 -32.82
C THR G 31 9.68 7.63 -33.83
N ASP G 32 9.11 8.55 -34.61
CA ASP G 32 8.05 8.18 -35.55
C ASP G 32 8.52 8.06 -37.00
N TYR G 33 8.02 7.02 -37.67
CA TYR G 33 8.26 6.78 -39.08
C TYR G 33 7.01 7.15 -39.88
N ILE G 34 7.20 7.49 -41.15
CA ILE G 34 6.08 7.78 -42.04
C ILE G 34 5.86 6.60 -42.99
N HIS G 35 4.62 6.12 -43.06
CA HIS G 35 4.29 4.98 -43.90
C HIS G 35 3.23 5.31 -44.94
N TRP G 36 3.39 4.74 -46.14
CA TRP G 36 2.40 4.88 -47.19
C TRP G 36 1.95 3.51 -47.70
N TYR G 37 0.63 3.32 -47.66
CA TYR G 37 0.01 2.10 -48.16
C TYR G 37 -1.02 2.47 -49.21
N ARG G 38 -1.23 1.55 -50.16
CA ARG G 38 -2.26 1.74 -51.16
C ARG G 38 -3.28 0.62 -51.06
N GLN G 39 -4.46 0.84 -51.61
CA GLN G 39 -5.50 -0.20 -51.64
C GLN G 39 -6.37 -0.10 -52.90
N LEU G 40 -6.10 -0.99 -53.86
CA LEU G 40 -6.90 -1.08 -55.09
C LEU G 40 -8.33 -1.47 -54.72
N PRO G 41 -9.34 -0.89 -55.41
CA PRO G 41 -10.77 -1.06 -55.10
C PRO G 41 -11.19 -2.42 -54.53
N SER G 42 -11.03 -3.48 -55.33
CA SER G 42 -11.46 -4.81 -54.90
C SER G 42 -10.48 -5.46 -53.93
N GLN G 43 -9.19 -5.20 -54.15
CA GLN G 43 -8.09 -5.89 -53.46
C GLN G 43 -7.86 -5.43 -52.01
N GLY G 44 -6.96 -6.12 -51.32
CA GLY G 44 -6.50 -5.70 -49.99
C GLY G 44 -5.41 -4.66 -50.09
N PRO G 45 -5.04 -4.02 -48.96
CA PRO G 45 -4.02 -2.96 -49.00
C PRO G 45 -2.61 -3.53 -49.13
N GLU G 46 -1.68 -2.68 -49.57
CA GLU G 46 -0.28 -3.11 -49.74
C GLU G 46 0.74 -1.99 -49.53
N TYR G 47 1.88 -2.35 -48.93
CA TYR G 47 2.94 -1.42 -48.59
C TYR G 47 3.50 -0.74 -49.82
N VAL G 48 3.74 0.56 -49.73
CA VAL G 48 4.42 1.28 -50.81
C VAL G 48 5.86 1.65 -50.41
N ILE G 49 5.98 2.38 -49.30
CA ILE G 49 7.23 2.95 -48.86
C ILE G 49 7.09 3.38 -47.39
N HIS G 50 8.22 3.49 -46.69
CA HIS G 50 8.24 4.10 -45.36
C HIS G 50 9.55 4.83 -45.12
N GLY G 51 9.55 5.82 -44.23
CA GLY G 51 10.75 6.62 -44.00
C GLY G 51 10.82 7.32 -42.66
N LEU G 52 12.00 7.90 -42.38
CA LEU G 52 12.24 8.63 -41.13
C LEU G 52 12.61 10.10 -41.39
N THR G 53 13.62 10.32 -42.24
CA THR G 53 14.04 11.66 -42.63
C THR G 53 14.53 11.67 -44.08
N SER G 54 14.80 12.88 -44.59
CA SER G 54 15.23 13.12 -45.97
C SER G 54 14.40 12.33 -46.98
N ASN G 55 15.07 11.64 -47.90
CA ASN G 55 14.38 10.96 -48.99
C ASN G 55 14.66 9.48 -49.05
N VAL G 56 13.64 8.73 -49.47
CA VAL G 56 13.68 7.28 -49.57
C VAL G 56 13.08 6.89 -50.92
N ASN G 57 13.66 5.89 -51.58
CA ASN G 57 13.11 5.33 -52.81
C ASN G 57 13.29 3.81 -52.89
N ASN G 58 12.19 3.11 -53.10
CA ASN G 58 12.23 1.68 -53.40
C ASN G 58 11.79 1.46 -54.84
N ARG G 59 11.78 0.21 -55.30
CA ARG G 59 11.35 -0.10 -56.65
C ARG G 59 9.88 0.25 -56.94
N MET G 60 9.14 0.71 -55.92
CA MET G 60 7.74 1.11 -56.10
C MET G 60 7.54 2.62 -56.26
N ALA G 61 8.12 3.40 -55.35
CA ALA G 61 7.88 4.86 -55.32
C ALA G 61 9.01 5.65 -54.65
N SER G 62 8.79 6.96 -54.51
CA SER G 62 9.69 7.88 -53.82
C SER G 62 8.95 8.62 -52.72
N LEU G 63 9.64 8.90 -51.61
CA LEU G 63 9.04 9.61 -50.48
C LEU G 63 9.87 10.80 -50.00
N ALA G 64 9.28 11.99 -50.11
CA ALA G 64 9.95 13.23 -49.73
C ALA G 64 9.37 13.81 -48.44
N ILE G 65 10.13 13.68 -47.37
CA ILE G 65 9.76 14.21 -46.06
C ILE G 65 10.33 15.63 -45.95
N ALA G 66 9.52 16.54 -45.41
CA ALA G 66 9.91 17.94 -45.27
C ALA G 66 11.06 18.13 -44.29
N GLU G 67 11.77 19.24 -44.43
CA GLU G 67 12.92 19.54 -43.58
C GLU G 67 12.56 19.49 -42.09
N ASP G 68 11.40 20.04 -41.73
CA ASP G 68 10.95 20.04 -40.35
C ASP G 68 10.13 18.79 -39.99
N ARG G 69 10.04 17.85 -40.93
CA ARG G 69 9.36 16.57 -40.74
C ARG G 69 7.85 16.68 -40.46
N LYS G 70 7.26 17.83 -40.76
CA LYS G 70 5.84 18.06 -40.45
C LYS G 70 4.91 17.84 -41.64
N SER G 71 5.49 17.45 -42.76
CA SER G 71 4.73 17.04 -43.95
C SER G 71 5.55 16.06 -44.79
N SER G 72 4.90 15.39 -45.72
CA SER G 72 5.57 14.46 -46.63
C SER G 72 4.85 14.38 -47.98
N THR G 73 5.55 13.84 -48.96
CA THR G 73 5.00 13.68 -50.30
C THR G 73 5.35 12.30 -50.86
N LEU G 74 4.31 11.53 -51.16
CA LEU G 74 4.48 10.29 -51.90
C LEU G 74 4.54 10.64 -53.37
N ILE G 75 5.67 10.31 -54.01
CA ILE G 75 5.83 10.56 -55.44
C ILE G 75 5.83 9.27 -56.22
N LEU G 76 5.01 9.21 -57.26
CA LEU G 76 5.00 8.11 -58.20
C LEU G 76 5.44 8.64 -59.55
N HIS G 77 6.56 8.14 -60.06
CA HIS G 77 7.19 8.70 -61.26
C HIS G 77 6.35 8.54 -62.51
N ARG G 78 5.78 7.35 -62.71
CA ARG G 78 4.83 7.12 -63.78
C ARG G 78 3.57 6.46 -63.23
N ALA G 79 2.42 7.04 -63.56
CA ALA G 79 1.13 6.55 -63.06
C ALA G 79 0.29 5.98 -64.19
N THR G 80 -0.26 4.79 -63.95
CA THR G 80 -1.19 4.15 -64.88
C THR G 80 -2.47 3.79 -64.14
N LEU G 81 -3.45 3.24 -64.87
CA LEU G 81 -4.72 2.83 -64.27
C LEU G 81 -4.47 1.91 -63.08
N ARG G 82 -3.38 1.15 -63.15
CA ARG G 82 -3.04 0.20 -62.10
C ARG G 82 -2.56 0.88 -60.82
N ASP G 83 -2.38 2.19 -60.88
CA ASP G 83 -1.99 2.96 -59.71
C ASP G 83 -3.16 3.76 -59.13
N ALA G 84 -4.33 3.65 -59.76
CA ALA G 84 -5.55 4.26 -59.24
C ALA G 84 -6.02 3.43 -58.06
N ALA G 85 -5.97 4.02 -56.87
CA ALA G 85 -6.36 3.34 -55.64
C ALA G 85 -6.43 4.33 -54.48
N VAL G 86 -6.67 3.83 -53.29
CA VAL G 86 -6.68 4.65 -52.07
C VAL G 86 -5.29 4.68 -51.43
N TYR G 87 -4.86 5.84 -50.97
CA TYR G 87 -3.51 6.02 -50.41
C TYR G 87 -3.51 6.54 -48.97
N TYR G 88 -3.12 5.66 -48.05
CA TYR G 88 -3.09 5.98 -46.63
C TYR G 88 -1.72 6.49 -46.22
N CYS G 89 -1.71 7.51 -45.39
CA CYS G 89 -0.48 8.05 -44.85
C CYS G 89 -0.50 7.92 -43.34
N ILE G 90 0.47 7.17 -42.82
CA ILE G 90 0.45 6.69 -41.45
C ILE G 90 1.72 7.08 -40.69
N LEU G 91 1.54 7.53 -39.45
CA LEU G 91 2.65 7.63 -38.51
C LEU G 91 2.72 6.38 -37.65
N ARG G 92 3.90 5.75 -37.62
CA ARG G 92 4.16 4.63 -36.74
C ARG G 92 5.44 4.89 -35.96
N ASP G 93 5.47 4.40 -34.73
CA ASP G 93 6.71 4.41 -33.95
C ASP G 93 7.59 3.29 -34.52
N GLY G 94 8.87 3.59 -34.72
CA GLY G 94 9.81 2.59 -35.28
C GLY G 94 9.75 1.26 -34.55
N ARG G 95 9.33 1.33 -33.28
CA ARG G 95 9.20 0.17 -32.42
C ARG G 95 7.87 -0.55 -32.59
N GLY G 96 6.85 0.16 -33.06
CA GLY G 96 5.54 -0.42 -33.32
C GLY G 96 4.52 -0.16 -32.21
N GLY G 97 3.58 -1.08 -32.04
CA GLY G 97 2.57 -0.96 -30.99
C GLY G 97 1.22 -0.55 -31.53
N ALA G 98 0.18 -0.74 -30.71
CA ALA G 98 -1.21 -0.51 -31.13
C ALA G 98 -1.45 0.81 -31.85
N ASP G 99 -1.37 1.92 -31.12
CA ASP G 99 -1.68 3.25 -31.69
C ASP G 99 -0.75 3.57 -32.86
N GLY G 100 -1.19 3.24 -34.08
CA GLY G 100 -0.36 3.40 -35.28
C GLY G 100 -0.60 2.36 -36.36
N LEU G 101 -1.25 1.27 -35.97
CA LEU G 101 -1.57 0.18 -36.90
C LEU G 101 -2.80 0.50 -37.74
N THR G 102 -3.78 1.13 -37.11
CA THR G 102 -5.04 1.45 -37.76
C THR G 102 -4.88 2.48 -38.89
N PHE G 103 -5.36 2.13 -40.10
CA PHE G 103 -5.35 3.04 -41.25
C PHE G 103 -6.57 3.95 -41.25
N GLY G 104 -6.35 5.24 -41.54
CA GLY G 104 -7.43 6.22 -41.46
C GLY G 104 -8.38 6.19 -42.65
N LYS G 105 -8.59 7.36 -43.25
CA LYS G 105 -9.46 7.51 -44.40
C LYS G 105 -8.69 7.35 -45.70
N GLY G 106 -7.48 7.89 -45.75
CA GLY G 106 -6.66 7.87 -46.98
C GLY G 106 -7.18 8.78 -48.09
N THR G 107 -6.50 8.76 -49.23
CA THR G 107 -6.84 9.61 -50.36
C THR G 107 -7.22 8.76 -51.57
N HIS G 108 -8.33 9.10 -52.21
CA HIS G 108 -8.72 8.47 -53.47
C HIS G 108 -7.99 9.15 -54.62
N LEU G 109 -7.01 8.43 -55.16
CA LEU G 109 -6.27 8.87 -56.33
C LEU G 109 -6.91 8.30 -57.59
N ILE G 110 -7.49 9.18 -58.38
CA ILE G 110 -8.13 8.81 -59.63
C ILE G 110 -7.13 8.97 -60.76
N ILE G 111 -6.97 7.93 -61.57
CA ILE G 111 -6.13 8.01 -62.76
C ILE G 111 -6.99 7.79 -63.99
N GLN G 112 -7.17 8.84 -64.77
CA GLN G 112 -7.93 8.78 -66.02
C GLN G 112 -7.00 9.17 -67.17
N PRO G 113 -7.31 8.72 -68.41
CA PRO G 113 -6.46 9.15 -69.53
C PRO G 113 -6.74 10.60 -69.89
N TYR G 114 -5.75 11.28 -70.47
CA TYR G 114 -5.93 12.65 -70.91
C TYR G 114 -6.73 12.72 -72.21
N ILE G 115 -7.99 13.10 -72.12
CA ILE G 115 -8.79 13.36 -73.31
C ILE G 115 -8.61 14.81 -73.72
N GLN G 116 -8.06 15.03 -74.91
CA GLN G 116 -7.74 16.37 -75.39
C GLN G 116 -8.99 17.14 -75.80
N ASN G 117 -9.87 16.48 -76.56
CA ASN G 117 -11.11 17.08 -77.01
C ASN G 117 -12.33 16.16 -76.82
N PRO G 118 -13.12 16.41 -75.77
CA PRO G 118 -14.29 15.60 -75.40
C PRO G 118 -15.40 15.68 -76.45
N ASP G 119 -16.21 14.62 -76.51
CA ASP G 119 -17.35 14.57 -77.42
C ASP G 119 -18.62 14.17 -76.65
N PRO G 120 -19.06 15.02 -75.71
CA PRO G 120 -20.15 14.64 -74.82
C PRO G 120 -21.44 14.40 -75.58
N ALA G 121 -22.12 13.30 -75.28
CA ALA G 121 -23.35 12.91 -75.97
C ALA G 121 -24.18 11.90 -75.18
N VAL G 122 -25.49 11.91 -75.43
CA VAL G 122 -26.44 10.99 -74.80
C VAL G 122 -26.95 10.02 -75.86
N TYR G 123 -26.86 8.72 -75.57
CA TYR G 123 -27.34 7.69 -76.49
C TYR G 123 -28.26 6.71 -75.78
N GLN G 124 -29.37 6.35 -76.43
CA GLN G 124 -30.30 5.33 -75.92
C GLN G 124 -29.98 3.98 -76.54
N LEU G 125 -30.22 2.90 -75.79
CA LEU G 125 -29.86 1.54 -76.21
C LEU G 125 -31.03 0.56 -76.08
N ARG G 126 -31.12 -0.38 -77.04
CA ARG G 126 -32.17 -1.41 -77.01
C ARG G 126 -31.72 -2.65 -76.22
N ASP G 127 -32.69 -3.38 -75.67
CA ASP G 127 -32.41 -4.62 -74.93
C ASP G 127 -32.42 -5.84 -75.85
N SER G 128 -31.34 -6.61 -75.82
CA SER G 128 -31.24 -7.85 -76.60
C SER G 128 -31.96 -8.99 -75.89
N LYS G 133 -38.03 -2.09 -73.19
CA LYS G 133 -36.99 -2.00 -72.16
C LYS G 133 -35.69 -1.44 -72.74
N SER G 134 -35.24 -0.31 -72.20
CA SER G 134 -34.07 0.40 -72.73
C SER G 134 -33.24 1.14 -71.67
N VAL G 135 -32.01 1.48 -72.03
CA VAL G 135 -31.10 2.20 -71.14
C VAL G 135 -30.52 3.43 -71.84
N CYS G 136 -30.06 4.40 -71.06
CA CYS G 136 -29.41 5.59 -71.61
C CYS G 136 -27.96 5.66 -71.18
N LEU G 137 -27.14 6.31 -72.02
CA LEU G 137 -25.70 6.37 -71.85
C LEU G 137 -25.19 7.79 -72.09
N PHE G 138 -24.46 8.31 -71.11
CA PHE G 138 -23.72 9.55 -71.28
C PHE G 138 -22.22 9.26 -71.35
N THR G 139 -21.62 9.59 -72.49
CA THR G 139 -20.24 9.19 -72.77
C THR G 139 -19.38 10.29 -73.40
N ASP G 140 -18.07 10.04 -73.44
CA ASP G 140 -17.05 10.87 -74.12
C ASP G 140 -16.81 12.24 -73.47
N PHE G 141 -17.38 12.45 -72.28
CA PHE G 141 -17.27 13.73 -71.57
C PHE G 141 -15.92 13.87 -70.85
N ASP G 142 -15.53 15.12 -70.59
CA ASP G 142 -14.27 15.44 -69.90
C ASP G 142 -14.30 15.01 -68.43
N SER G 143 -13.12 14.89 -67.84
CA SER G 143 -12.95 14.46 -66.45
C SER G 143 -13.65 15.39 -65.44
N GLN G 144 -13.42 16.69 -65.59
CA GLN G 144 -13.88 17.69 -64.62
C GLN G 144 -15.39 18.01 -64.69
N THR G 145 -16.20 16.99 -64.93
CA THR G 145 -17.66 17.10 -64.88
C THR G 145 -18.23 15.99 -64.00
N ASN G 146 -18.99 16.37 -62.97
CA ASN G 146 -19.58 15.41 -62.02
C ASN G 146 -20.98 14.96 -62.45
N VAL G 147 -21.23 13.66 -62.37
CA VAL G 147 -22.52 13.08 -62.78
C VAL G 147 -23.49 13.00 -61.60
N ASP G 152 -34.47 12.43 -58.72
CA ASP G 152 -35.81 11.94 -59.04
C ASP G 152 -36.16 10.69 -58.26
N SER G 153 -37.45 10.33 -58.27
CA SER G 153 -37.96 9.20 -57.48
C SER G 153 -37.60 7.82 -58.06
N ASP G 154 -38.01 7.56 -59.30
CA ASP G 154 -37.89 6.24 -59.92
C ASP G 154 -36.82 6.19 -61.00
N VAL G 155 -35.96 7.21 -61.04
CA VAL G 155 -34.92 7.31 -62.06
C VAL G 155 -33.51 7.12 -61.48
N TYR G 156 -32.81 6.09 -61.95
CA TYR G 156 -31.48 5.74 -61.45
C TYR G 156 -30.37 6.22 -62.37
N ILE G 157 -29.46 7.03 -61.82
CA ILE G 157 -28.25 7.44 -62.52
C ILE G 157 -27.02 6.90 -61.79
N THR G 158 -26.10 6.30 -62.53
CA THR G 158 -24.84 5.84 -61.96
C THR G 158 -23.86 7.00 -61.94
N ASP G 159 -22.92 6.95 -61.00
CA ASP G 159 -21.83 7.91 -60.96
C ASP G 159 -20.79 7.53 -62.03
N LYS G 160 -19.94 8.48 -62.42
CA LYS G 160 -18.92 8.22 -63.43
C LYS G 160 -18.19 6.91 -63.13
N CYS G 161 -18.10 6.05 -64.15
CA CYS G 161 -17.55 4.70 -63.97
C CYS G 161 -16.04 4.74 -63.67
N VAL G 162 -15.49 3.63 -63.17
CA VAL G 162 -14.04 3.48 -63.00
C VAL G 162 -13.46 2.40 -63.91
N LEU G 163 -12.45 2.77 -64.70
CA LEU G 163 -11.91 1.90 -65.75
C LEU G 163 -11.28 0.63 -65.22
N ASP G 164 -11.38 -0.43 -66.01
CA ASP G 164 -10.68 -1.69 -65.75
C ASP G 164 -9.18 -1.42 -65.86
N MET G 165 -8.46 -1.64 -64.75
CA MET G 165 -7.02 -1.34 -64.72
C MET G 165 -6.23 -2.05 -65.82
N ARG G 166 -6.71 -3.22 -66.21
CA ARG G 166 -6.08 -4.03 -67.24
C ARG G 166 -6.50 -3.62 -68.66
N SER G 167 -7.21 -2.49 -68.77
CA SER G 167 -7.61 -1.95 -70.07
C SER G 167 -6.45 -1.28 -70.80
N MET G 168 -6.37 -1.49 -72.11
CA MET G 168 -5.32 -0.90 -72.94
C MET G 168 -5.85 -0.17 -74.19
N ASP G 169 -7.18 -0.02 -74.27
CA ASP G 169 -7.83 0.64 -75.39
C ASP G 169 -9.25 1.07 -75.05
N PHE G 170 -9.82 1.96 -75.87
CA PHE G 170 -11.17 2.53 -75.68
C PHE G 170 -11.39 2.98 -74.23
N LYS G 171 -10.54 3.89 -73.78
CA LYS G 171 -10.50 4.28 -72.38
C LYS G 171 -11.35 5.52 -72.07
N SER G 172 -12.42 5.72 -72.83
CA SER G 172 -13.33 6.82 -72.57
C SER G 172 -14.27 6.46 -71.42
N ASN G 173 -14.36 7.35 -70.43
CA ASN G 173 -15.26 7.21 -69.29
C ASN G 173 -16.71 7.44 -69.70
N SER G 174 -17.63 6.90 -68.92
CA SER G 174 -19.06 7.03 -69.20
C SER G 174 -19.95 6.79 -67.99
N ALA G 175 -21.14 7.39 -68.01
CA ALA G 175 -22.16 7.18 -66.99
C ALA G 175 -23.49 6.71 -67.61
N VAL G 176 -24.26 5.94 -66.84
CA VAL G 176 -25.53 5.36 -67.29
C VAL G 176 -26.74 5.80 -66.44
N ALA G 177 -27.84 6.14 -67.12
CA ALA G 177 -29.08 6.53 -66.43
C ALA G 177 -30.25 5.73 -66.97
N TRP G 178 -30.96 5.02 -66.11
CA TRP G 178 -32.10 4.22 -66.53
C TRP G 178 -33.33 4.36 -65.62
N SER G 179 -34.47 3.96 -66.15
CA SER G 179 -35.74 3.95 -65.43
C SER G 179 -36.70 3.01 -66.15
N ASN G 180 -37.61 2.40 -65.40
CA ASN G 180 -38.70 1.60 -65.99
C ASN G 180 -40.01 2.38 -66.15
N LYS G 181 -39.94 3.69 -65.93
CA LYS G 181 -41.10 4.59 -66.02
C LYS G 181 -41.55 4.80 -67.46
N PHE G 184 -40.32 8.02 -69.43
CA PHE G 184 -38.93 8.35 -69.17
C PHE G 184 -38.29 9.09 -70.35
N ALA G 185 -38.08 10.39 -70.16
CA ALA G 185 -37.46 11.25 -71.17
C ALA G 185 -35.94 11.15 -71.12
N CYS G 186 -35.38 10.30 -71.98
CA CYS G 186 -33.92 10.04 -72.02
C CYS G 186 -33.08 11.31 -72.17
N ALA G 187 -33.65 12.33 -72.81
CA ALA G 187 -33.01 13.64 -72.96
C ALA G 187 -32.90 14.37 -71.62
N ASN G 188 -34.03 14.49 -70.92
CA ASN G 188 -34.05 15.12 -69.60
C ASN G 188 -33.57 14.16 -68.51
N ALA G 189 -32.25 14.17 -68.26
CA ALA G 189 -31.62 13.29 -67.28
C ALA G 189 -30.75 14.03 -66.26
N PHE G 190 -30.00 15.03 -66.72
CA PHE G 190 -29.16 15.86 -65.86
C PHE G 190 -29.20 17.33 -66.25
N SER H 2 -0.26 -10.96 -49.83
CA SER H 2 0.67 -11.50 -50.87
C SER H 2 0.59 -13.02 -50.90
N GLY H 3 1.27 -13.66 -49.93
CA GLY H 3 1.17 -15.11 -49.72
C GLY H 3 0.30 -15.42 -48.52
N VAL H 4 -0.54 -14.45 -48.15
CA VAL H 4 -1.47 -14.56 -47.04
C VAL H 4 -2.82 -15.07 -47.54
N THR H 5 -3.15 -16.30 -47.16
CA THR H 5 -4.45 -16.89 -47.51
C THR H 5 -5.46 -16.60 -46.39
N GLN H 6 -6.75 -16.58 -46.76
CA GLN H 6 -7.82 -16.21 -45.85
C GLN H 6 -9.12 -16.87 -46.32
N THR H 7 -9.88 -17.43 -45.37
CA THR H 7 -11.17 -18.09 -45.67
C THR H 7 -12.23 -17.80 -44.60
N PRO H 8 -13.51 -17.74 -45.00
CA PRO H 8 -13.99 -17.78 -46.38
C PRO H 8 -13.99 -16.39 -47.03
N LYS H 9 -13.87 -16.36 -48.35
CA LYS H 9 -13.80 -15.10 -49.09
C LYS H 9 -15.08 -14.27 -48.88
N HIS H 10 -16.23 -14.89 -49.14
CA HIS H 10 -17.52 -14.22 -48.98
C HIS H 10 -18.34 -14.91 -47.89
N LEU H 11 -19.17 -14.14 -47.19
CA LEU H 11 -19.95 -14.66 -46.07
C LEU H 11 -21.22 -13.86 -45.83
N ILE H 12 -22.34 -14.57 -45.75
CA ILE H 12 -23.64 -13.97 -45.44
C ILE H 12 -24.29 -14.70 -44.27
N THR H 13 -24.57 -13.97 -43.18
CA THR H 13 -25.24 -14.57 -42.00
C THR H 13 -26.30 -13.69 -41.36
N ALA H 14 -27.23 -14.36 -40.66
CA ALA H 14 -28.29 -13.71 -39.92
C ALA H 14 -27.73 -13.04 -38.67
N THR H 15 -28.52 -12.13 -38.09
CA THR H 15 -28.15 -11.44 -36.86
C THR H 15 -28.22 -12.38 -35.65
N GLY H 16 -27.45 -12.06 -34.62
CA GLY H 16 -27.36 -12.88 -33.41
C GLY H 16 -26.39 -14.05 -33.53
N GLN H 17 -26.10 -14.44 -34.77
CA GLN H 17 -25.24 -15.59 -35.07
C GLN H 17 -23.76 -15.33 -34.78
N ARG H 18 -22.95 -16.39 -34.85
CA ARG H 18 -21.51 -16.31 -34.63
C ARG H 18 -20.75 -17.10 -35.68
N VAL H 19 -19.86 -16.43 -36.40
CA VAL H 19 -19.02 -17.08 -37.42
C VAL H 19 -17.55 -16.83 -37.13
N THR H 20 -16.69 -17.68 -37.70
CA THR H 20 -15.25 -17.59 -37.47
C THR H 20 -14.44 -17.54 -38.78
N LEU H 21 -13.54 -16.55 -38.85
CA LEU H 21 -12.71 -16.31 -40.04
C LEU H 21 -11.31 -16.87 -39.85
N ARG H 22 -10.86 -17.70 -40.79
CA ARG H 22 -9.52 -18.28 -40.74
C ARG H 22 -8.54 -17.48 -41.60
N CYS H 23 -7.25 -17.57 -41.25
CA CYS H 23 -6.18 -16.92 -41.99
C CYS H 23 -4.83 -17.59 -41.75
N SER H 24 -4.16 -17.97 -42.83
CA SER H 24 -2.79 -18.46 -42.75
C SER H 24 -1.84 -17.37 -43.29
N PRO H 25 -0.83 -16.99 -42.48
CA PRO H 25 0.07 -15.90 -42.87
C PRO H 25 1.14 -16.41 -43.82
N ARG H 26 1.96 -15.49 -44.35
CA ARG H 26 3.10 -15.86 -45.19
C ARG H 26 3.94 -16.89 -44.44
N SER H 27 4.52 -17.86 -45.15
CA SER H 27 5.21 -18.96 -44.49
C SER H 27 6.27 -18.45 -43.50
N GLY H 28 7.21 -17.65 -43.97
CA GLY H 28 8.29 -17.15 -43.11
C GLY H 28 7.86 -16.28 -41.93
N ASP H 29 6.64 -15.77 -41.97
CA ASP H 29 6.18 -14.74 -41.04
C ASP H 29 5.74 -15.29 -39.69
N LEU H 30 5.82 -14.43 -38.67
CA LEU H 30 5.47 -14.81 -37.29
C LEU H 30 4.32 -14.02 -36.71
N SER H 31 3.97 -12.90 -37.35
CA SER H 31 2.90 -12.03 -36.85
C SER H 31 1.62 -12.11 -37.69
N VAL H 32 0.47 -12.06 -37.01
CA VAL H 32 -0.81 -11.87 -37.71
C VAL H 32 -1.55 -10.68 -37.14
N TYR H 33 -2.08 -9.85 -38.03
CA TYR H 33 -2.90 -8.71 -37.65
C TYR H 33 -4.29 -8.91 -38.19
N TRP H 34 -5.29 -8.56 -37.39
CA TRP H 34 -6.67 -8.56 -37.85
C TRP H 34 -7.20 -7.13 -37.99
N TYR H 35 -7.86 -6.86 -39.13
CA TYR H 35 -8.40 -5.55 -39.44
C TYR H 35 -9.88 -5.62 -39.81
N GLN H 36 -10.60 -4.53 -39.55
CA GLN H 36 -11.98 -4.41 -40.00
C GLN H 36 -12.20 -3.13 -40.79
N GLN H 37 -12.51 -3.29 -42.07
CA GLN H 37 -12.76 -2.14 -42.94
C GLN H 37 -14.24 -1.94 -43.13
N SER H 38 -14.74 -0.80 -42.65
CA SER H 38 -16.14 -0.43 -42.83
C SER H 38 -16.25 0.88 -43.62
N LEU H 39 -17.36 1.03 -44.32
CA LEU H 39 -17.63 2.23 -45.11
C LEU H 39 -17.42 3.50 -44.29
N ASP H 40 -17.84 3.45 -43.02
CA ASP H 40 -17.81 4.60 -42.12
C ASP H 40 -16.53 4.75 -41.28
N GLN H 41 -15.80 3.65 -41.06
CA GLN H 41 -14.62 3.70 -40.18
C GLN H 41 -13.26 3.62 -40.89
N GLY H 42 -13.26 3.31 -42.18
CA GLY H 42 -12.02 3.09 -42.92
C GLY H 42 -11.42 1.75 -42.53
N LEU H 43 -10.10 1.68 -42.53
CA LEU H 43 -9.41 0.42 -42.27
C LEU H 43 -8.88 0.31 -40.82
N GLN H 44 -9.74 -0.20 -39.93
CA GLN H 44 -9.51 -0.22 -38.49
C GLN H 44 -8.72 -1.44 -38.00
N PHE H 45 -7.74 -1.23 -37.13
CA PHE H 45 -6.98 -2.33 -36.54
C PHE H 45 -7.73 -2.94 -35.36
N LEU H 46 -7.77 -4.27 -35.32
CA LEU H 46 -8.44 -5.01 -34.26
C LEU H 46 -7.44 -5.59 -33.23
N ILE H 47 -6.71 -6.62 -33.65
CA ILE H 47 -5.88 -7.39 -32.74
C ILE H 47 -4.68 -7.98 -33.49
N GLN H 48 -3.54 -8.03 -32.82
CA GLN H 48 -2.31 -8.63 -33.36
C GLN H 48 -1.84 -9.78 -32.49
N TYR H 49 -1.37 -10.84 -33.15
CA TYR H 49 -0.72 -11.95 -32.48
C TYR H 49 0.72 -12.10 -32.96
N TYR H 50 1.64 -12.29 -32.02
CA TYR H 50 3.01 -12.61 -32.34
C TYR H 50 3.46 -13.92 -31.70
N ASN H 51 3.89 -14.85 -32.55
CA ASN H 51 4.49 -16.12 -32.15
C ASN H 51 3.59 -17.00 -31.28
N GLY H 52 2.27 -16.85 -31.46
CA GLY H 52 1.31 -17.64 -30.69
C GLY H 52 0.52 -16.86 -29.65
N GLU H 53 1.20 -16.04 -28.86
CA GLU H 53 0.55 -15.22 -27.84
C GLU H 53 0.10 -13.88 -28.39
N GLU H 54 -0.92 -13.28 -27.76
CA GLU H 54 -1.48 -11.98 -28.14
C GLU H 54 -0.43 -10.88 -28.01
N ARG H 55 -0.47 -9.88 -28.89
CA ARG H 55 0.54 -8.82 -28.88
C ARG H 55 -0.01 -7.39 -28.78
N ALA H 56 -1.06 -7.08 -29.52
CA ALA H 56 -1.63 -5.72 -29.49
C ALA H 56 -3.13 -5.72 -29.73
N LYS H 57 -3.87 -5.03 -28.87
CA LYS H 57 -5.33 -4.90 -29.02
C LYS H 57 -5.70 -3.47 -29.41
N GLY H 58 -6.73 -3.35 -30.24
CA GLY H 58 -7.24 -2.04 -30.66
C GLY H 58 -8.64 -1.81 -30.11
N ASN H 59 -9.59 -1.63 -31.00
CA ASN H 59 -10.99 -1.42 -30.60
C ASN H 59 -11.86 -2.66 -30.84
N ILE H 60 -11.32 -3.82 -30.46
CA ILE H 60 -12.07 -5.07 -30.47
C ILE H 60 -13.17 -5.02 -29.42
N LEU H 61 -14.39 -5.35 -29.83
CA LEU H 61 -15.52 -5.47 -28.91
C LEU H 61 -15.39 -6.77 -28.09
N GLU H 62 -16.04 -6.81 -26.94
CA GLU H 62 -16.04 -8.02 -26.13
C GLU H 62 -16.70 -9.20 -26.88
N ARG H 63 -17.59 -8.87 -27.80
CA ARG H 63 -18.28 -9.84 -28.66
C ARG H 63 -17.34 -10.50 -29.67
N PHE H 64 -16.10 -10.00 -29.73
CA PHE H 64 -15.09 -10.49 -30.67
C PHE H 64 -14.05 -11.32 -29.94
N SER H 65 -13.53 -12.33 -30.62
CA SER H 65 -12.50 -13.23 -30.05
C SER H 65 -11.54 -13.70 -31.12
N ALA H 66 -10.29 -13.92 -30.72
CA ALA H 66 -9.25 -14.38 -31.64
C ALA H 66 -8.14 -15.13 -30.91
N GLN H 67 -7.30 -15.82 -31.69
CA GLN H 67 -6.10 -16.50 -31.19
C GLN H 67 -5.24 -16.96 -32.36
N GLN H 68 -3.95 -17.18 -32.08
CA GLN H 68 -3.02 -17.74 -33.05
C GLN H 68 -2.53 -19.11 -32.55
N PHE H 69 -2.72 -20.13 -33.38
CA PHE H 69 -2.37 -21.52 -33.02
C PHE H 69 -0.88 -21.80 -33.24
N PRO H 70 -0.37 -22.93 -32.71
CA PRO H 70 1.06 -23.30 -32.85
C PRO H 70 1.59 -23.32 -34.30
N ASP H 71 0.81 -23.82 -35.26
CA ASP H 71 1.23 -23.82 -36.65
C ASP H 71 1.18 -22.42 -37.27
N LEU H 72 0.82 -21.44 -36.42
CA LEU H 72 0.84 -20.00 -36.71
C LEU H 72 -0.37 -19.42 -37.44
N HIS H 73 -1.30 -20.26 -37.87
CA HIS H 73 -2.55 -19.76 -38.46
C HIS H 73 -3.44 -19.18 -37.35
N SER H 74 -4.34 -18.28 -37.74
CA SER H 74 -5.20 -17.61 -36.77
C SER H 74 -6.68 -17.74 -37.13
N GLU H 75 -7.53 -17.68 -36.11
CA GLU H 75 -8.98 -17.67 -36.29
C GLU H 75 -9.56 -16.41 -35.64
N LEU H 76 -10.63 -15.89 -36.22
CA LEU H 76 -11.33 -14.73 -35.65
C LEU H 76 -12.83 -14.94 -35.59
N ASN H 77 -13.37 -14.97 -34.37
CA ASN H 77 -14.78 -15.24 -34.13
C ASN H 77 -15.53 -13.97 -33.75
N LEU H 78 -16.63 -13.73 -34.43
CA LEU H 78 -17.45 -12.55 -34.17
C LEU H 78 -18.81 -13.02 -33.64
N SER H 79 -19.06 -12.76 -32.35
CA SER H 79 -20.25 -13.29 -31.68
C SER H 79 -21.39 -12.27 -31.61
N SER H 80 -22.62 -12.77 -31.57
CA SER H 80 -23.84 -11.95 -31.56
C SER H 80 -23.85 -10.91 -32.68
N LEU H 81 -23.64 -11.38 -33.91
CA LEU H 81 -23.51 -10.52 -35.08
C LEU H 81 -24.66 -9.53 -35.21
N GLU H 82 -24.32 -8.29 -35.57
CA GLU H 82 -25.29 -7.22 -35.69
C GLU H 82 -25.26 -6.66 -37.11
N LEU H 83 -26.28 -5.88 -37.46
CA LEU H 83 -26.35 -5.24 -38.76
C LEU H 83 -25.07 -4.47 -39.03
N GLY H 84 -24.74 -3.55 -38.13
CA GLY H 84 -23.55 -2.70 -38.25
C GLY H 84 -22.22 -3.43 -38.37
N ASP H 85 -22.21 -4.74 -38.09
CA ASP H 85 -21.01 -5.57 -38.21
C ASP H 85 -20.70 -5.97 -39.65
N SER H 86 -21.62 -5.64 -40.56
CA SER H 86 -21.42 -5.84 -42.00
C SER H 86 -20.23 -5.04 -42.48
N ALA H 87 -19.13 -5.74 -42.76
CA ALA H 87 -17.88 -5.08 -43.11
C ALA H 87 -16.92 -6.01 -43.85
N LEU H 88 -15.79 -5.46 -44.24
CA LEU H 88 -14.73 -6.21 -44.90
C LEU H 88 -13.63 -6.49 -43.89
N TYR H 89 -13.31 -7.77 -43.70
CA TYR H 89 -12.39 -8.19 -42.64
C TYR H 89 -11.07 -8.68 -43.21
N PHE H 90 -9.99 -7.98 -42.85
CA PHE H 90 -8.68 -8.28 -43.40
C PHE H 90 -7.71 -8.87 -42.40
N CYS H 91 -7.01 -9.92 -42.86
CA CYS H 91 -5.89 -10.52 -42.15
C CYS H 91 -4.59 -9.99 -42.72
N ALA H 92 -3.62 -9.75 -41.85
CA ALA H 92 -2.31 -9.29 -42.28
C ALA H 92 -1.19 -10.12 -41.66
N SER H 93 0.00 -10.06 -42.26
CA SER H 93 1.13 -10.88 -41.87
C SER H 93 2.41 -10.06 -41.84
N SER H 94 3.28 -10.37 -40.87
CA SER H 94 4.55 -9.66 -40.71
C SER H 94 5.65 -10.64 -40.29
N VAL H 95 6.86 -10.40 -40.79
CA VAL H 95 7.99 -11.25 -40.46
C VAL H 95 8.26 -11.18 -38.96
N ALA H 96 8.34 -9.96 -38.44
CA ALA H 96 8.65 -9.73 -37.02
C ALA H 96 7.47 -9.22 -36.21
N VAL H 97 7.70 -9.02 -34.91
CA VAL H 97 6.70 -8.51 -33.98
C VAL H 97 6.18 -7.12 -34.32
N SER H 98 7.04 -6.30 -34.94
CA SER H 98 6.76 -4.90 -35.21
C SER H 98 6.37 -4.63 -36.67
N ALA H 99 5.57 -3.58 -36.87
CA ALA H 99 5.26 -3.10 -38.21
C ALA H 99 5.65 -1.63 -38.36
N GLY H 100 6.49 -1.17 -37.43
CA GLY H 100 6.93 0.21 -37.41
C GLY H 100 7.99 0.49 -38.45
N THR H 101 8.73 -0.55 -38.82
CA THR H 101 9.84 -0.44 -39.77
C THR H 101 9.81 -1.60 -40.76
N TYR H 102 8.79 -2.44 -40.64
CA TYR H 102 8.61 -3.59 -41.51
C TYR H 102 7.31 -3.43 -42.28
N GLU H 103 7.20 -4.06 -43.44
CA GLU H 103 5.96 -4.00 -44.20
C GLU H 103 4.95 -5.05 -43.74
N GLN H 104 3.67 -4.78 -43.97
CA GLN H 104 2.61 -5.74 -43.64
C GLN H 104 2.02 -6.33 -44.91
N TYR H 105 1.97 -7.65 -44.97
CA TYR H 105 1.43 -8.33 -46.14
C TYR H 105 -0.01 -8.75 -45.85
N PHE H 106 -0.94 -8.28 -46.66
CA PHE H 106 -2.37 -8.47 -46.41
C PHE H 106 -2.96 -9.63 -47.20
N GLY H 107 -4.03 -10.21 -46.66
CA GLY H 107 -4.78 -11.27 -47.35
C GLY H 107 -5.91 -10.70 -48.20
N PRO H 108 -6.68 -11.60 -48.84
CA PRO H 108 -7.81 -11.18 -49.70
C PRO H 108 -8.94 -10.53 -48.91
N GLY H 109 -9.12 -10.93 -47.65
CA GLY H 109 -10.18 -10.39 -46.81
C GLY H 109 -11.48 -11.17 -46.89
N THR H 110 -12.28 -11.10 -45.83
CA THR H 110 -13.61 -11.69 -45.82
C THR H 110 -14.68 -10.62 -46.03
N ARG H 111 -15.56 -10.87 -46.99
CA ARG H 111 -16.70 -10.00 -47.23
C ARG H 111 -17.88 -10.51 -46.41
N LEU H 112 -18.18 -9.83 -45.31
CA LEU H 112 -19.25 -10.23 -44.44
C LEU H 112 -20.42 -9.26 -44.45
N THR H 113 -21.58 -9.76 -44.87
CA THR H 113 -22.83 -9.04 -44.73
C THR H 113 -23.66 -9.71 -43.63
N VAL H 114 -24.27 -8.91 -42.78
CA VAL H 114 -25.15 -9.42 -41.75
C VAL H 114 -26.54 -8.83 -42.01
N THR H 115 -27.49 -9.70 -42.32
CA THR H 115 -28.84 -9.25 -42.69
C THR H 115 -29.88 -9.55 -41.61
N GLU H 116 -31.01 -8.84 -41.67
CA GLU H 116 -32.12 -9.03 -40.73
C GLU H 116 -32.72 -10.44 -40.84
N ASP H 117 -32.96 -10.87 -42.07
CA ASP H 117 -33.39 -12.25 -42.36
C ASP H 117 -32.63 -12.78 -43.57
N LEU H 118 -32.35 -14.09 -43.57
CA LEU H 118 -31.73 -14.75 -44.73
C LEU H 118 -32.67 -14.79 -45.93
N LYS H 119 -33.91 -14.36 -45.71
CA LYS H 119 -34.93 -14.26 -46.77
C LYS H 119 -34.63 -13.15 -47.78
N ASN H 120 -33.86 -12.14 -47.35
CA ASN H 120 -33.53 -10.99 -48.18
C ASN H 120 -32.48 -11.24 -49.27
N VAL H 121 -31.98 -12.47 -49.35
CA VAL H 121 -30.92 -12.83 -50.30
C VAL H 121 -31.50 -13.08 -51.68
N PHE H 122 -31.04 -12.30 -52.66
CA PHE H 122 -31.52 -12.41 -54.04
C PHE H 122 -30.36 -12.47 -55.03
N PRO H 123 -30.44 -13.38 -56.03
CA PRO H 123 -29.50 -13.38 -57.15
C PRO H 123 -29.87 -12.28 -58.16
N PRO H 124 -28.88 -11.76 -58.91
CA PRO H 124 -29.11 -10.65 -59.83
C PRO H 124 -29.87 -11.06 -61.09
N GLU H 125 -30.52 -10.07 -61.70
CA GLU H 125 -31.05 -10.20 -63.05
C GLU H 125 -30.15 -9.37 -63.95
N VAL H 126 -29.64 -10.00 -65.00
CA VAL H 126 -28.63 -9.39 -65.89
C VAL H 126 -29.18 -9.19 -67.31
N ALA H 127 -28.95 -8.00 -67.86
CA ALA H 127 -29.37 -7.68 -69.24
C ALA H 127 -28.31 -6.90 -70.00
N VAL H 128 -28.15 -7.24 -71.27
CA VAL H 128 -27.18 -6.56 -72.14
C VAL H 128 -27.92 -5.65 -73.13
N PHE H 129 -27.43 -4.42 -73.24
CA PHE H 129 -28.04 -3.40 -74.09
C PHE H 129 -27.15 -3.05 -75.28
N GLU H 130 -27.71 -3.15 -76.48
CA GLU H 130 -26.98 -2.96 -77.74
C GLU H 130 -26.73 -1.48 -78.03
N PRO H 131 -25.51 -1.15 -78.50
CA PRO H 131 -25.12 0.24 -78.83
C PRO H 131 -26.07 0.90 -79.82
N SER H 132 -26.20 2.22 -79.71
CA SER H 132 -27.11 2.99 -80.58
C SER H 132 -26.58 3.16 -82.00
N GLU H 133 -27.50 3.27 -82.95
CA GLU H 133 -27.17 3.65 -84.32
C GLU H 133 -26.49 5.02 -84.33
N ALA H 134 -26.82 5.83 -83.33
CA ALA H 134 -26.29 7.19 -83.18
C ALA H 134 -24.81 7.24 -82.81
N GLU H 135 -24.40 6.47 -81.79
CA GLU H 135 -23.00 6.42 -81.36
C GLU H 135 -22.10 5.90 -82.47
N ILE H 136 -22.62 4.98 -83.28
CA ILE H 136 -21.88 4.44 -84.41
C ILE H 136 -21.70 5.49 -85.51
N SER H 137 -22.76 6.23 -85.82
CA SER H 137 -22.71 7.29 -86.83
C SER H 137 -21.89 8.51 -86.39
N HIS H 138 -21.78 8.70 -85.08
CA HIS H 138 -21.13 9.89 -84.53
C HIS H 138 -19.66 9.69 -84.17
N THR H 139 -19.35 8.56 -83.51
CA THR H 139 -18.02 8.31 -82.96
C THR H 139 -17.27 7.17 -83.65
N GLN H 140 -17.93 6.52 -84.60
CA GLN H 140 -17.45 5.26 -85.20
C GLN H 140 -17.03 4.24 -84.12
N LYS H 141 -17.63 4.38 -82.94
CA LYS H 141 -17.43 3.48 -81.81
C LYS H 141 -18.77 2.98 -81.30
N ALA H 142 -18.77 1.78 -80.72
CA ALA H 142 -20.01 1.14 -80.27
C ALA H 142 -19.89 0.60 -78.84
N THR H 143 -20.79 1.04 -77.97
CA THR H 143 -20.74 0.68 -76.56
C THR H 143 -21.91 -0.18 -76.11
N LEU H 144 -21.60 -1.41 -75.68
CA LEU H 144 -22.57 -2.28 -75.03
C LEU H 144 -22.65 -1.91 -73.55
N VAL H 145 -23.84 -2.03 -72.96
CA VAL H 145 -24.03 -1.74 -71.55
C VAL H 145 -24.69 -2.93 -70.86
N CYS H 146 -24.07 -3.38 -69.78
CA CYS H 146 -24.62 -4.44 -68.95
C CYS H 146 -25.34 -3.83 -67.77
N LEU H 147 -26.40 -4.50 -67.34
CA LEU H 147 -27.15 -4.08 -66.15
C LEU H 147 -27.55 -5.27 -65.29
N ALA H 148 -26.95 -5.33 -64.11
CA ALA H 148 -27.30 -6.34 -63.11
C ALA H 148 -28.14 -5.67 -62.04
N THR H 149 -29.33 -6.21 -61.80
CA THR H 149 -30.31 -5.54 -60.93
C THR H 149 -30.91 -6.48 -59.87
N GLY H 150 -31.41 -5.88 -58.78
CA GLY H 150 -32.14 -6.59 -57.74
C GLY H 150 -31.44 -7.75 -57.08
N PHE H 151 -30.22 -7.52 -56.62
CA PHE H 151 -29.49 -8.55 -55.87
C PHE H 151 -29.14 -8.07 -54.47
N TYR H 152 -29.08 -9.02 -53.54
CA TYR H 152 -28.68 -8.76 -52.16
C TYR H 152 -27.96 -9.98 -51.58
N PRO H 153 -26.77 -9.77 -51.00
CA PRO H 153 -26.09 -8.48 -50.93
C PRO H 153 -25.19 -8.22 -52.13
N ASP H 154 -24.40 -7.15 -52.07
CA ASP H 154 -23.52 -6.74 -53.17
C ASP H 154 -22.25 -7.57 -53.30
N HIS H 155 -22.32 -8.84 -52.92
CA HIS H 155 -21.24 -9.81 -53.15
C HIS H 155 -21.30 -10.29 -54.60
N VAL H 156 -20.74 -9.49 -55.51
CA VAL H 156 -20.94 -9.70 -56.94
C VAL H 156 -19.73 -9.26 -57.78
N GLU H 157 -19.38 -10.08 -58.76
CA GLU H 157 -18.27 -9.79 -59.68
C GLU H 157 -18.72 -9.75 -61.13
N LEU H 158 -18.51 -8.61 -61.79
CA LEU H 158 -18.90 -8.46 -63.19
C LEU H 158 -17.69 -8.58 -64.12
N SER H 159 -17.82 -9.44 -65.13
CA SER H 159 -16.74 -9.68 -66.08
C SER H 159 -17.29 -9.65 -67.49
N TRP H 160 -16.50 -9.14 -68.44
CA TRP H 160 -16.89 -9.08 -69.85
C TRP H 160 -16.19 -10.14 -70.70
N TRP H 161 -16.97 -10.80 -71.54
CA TRP H 161 -16.48 -11.94 -72.32
C TRP H 161 -16.83 -11.82 -73.79
N VAL H 162 -15.80 -11.76 -74.63
CA VAL H 162 -15.99 -11.76 -76.08
C VAL H 162 -15.43 -13.06 -76.62
N ASN H 163 -16.27 -13.82 -77.31
CA ASN H 163 -15.89 -15.10 -77.91
C ASN H 163 -15.10 -15.99 -76.96
N GLY H 164 -15.66 -16.24 -75.78
CA GLY H 164 -15.07 -17.17 -74.82
C GLY H 164 -13.81 -16.74 -74.07
N LYS H 165 -13.18 -15.65 -74.50
CA LYS H 165 -11.98 -15.14 -73.83
C LYS H 165 -12.26 -13.78 -73.17
N GLU H 166 -11.96 -13.67 -71.87
CA GLU H 166 -12.27 -12.45 -71.10
C GLU H 166 -11.52 -11.22 -71.61
N VAL H 167 -12.21 -10.09 -71.63
CA VAL H 167 -11.65 -8.83 -72.14
C VAL H 167 -11.54 -7.77 -71.05
N HIS H 168 -10.61 -6.83 -71.24
CA HIS H 168 -10.42 -5.72 -70.30
C HIS H 168 -10.40 -4.34 -70.96
N SER H 169 -9.90 -4.27 -72.19
CA SER H 169 -9.91 -3.00 -72.95
C SER H 169 -11.34 -2.53 -73.21
N GLY H 170 -11.58 -1.23 -73.04
CA GLY H 170 -12.88 -0.63 -73.25
C GLY H 170 -13.90 -0.97 -72.16
N VAL H 171 -13.40 -1.63 -71.11
CA VAL H 171 -14.26 -2.08 -70.02
C VAL H 171 -14.26 -1.03 -68.91
N CYS H 172 -15.44 -0.53 -68.58
CA CYS H 172 -15.59 0.55 -67.63
C CYS H 172 -16.88 0.37 -66.83
N THR H 173 -16.73 0.27 -65.51
CA THR H 173 -17.79 -0.19 -64.62
C THR H 173 -17.94 0.75 -63.43
N ASP H 174 -19.13 0.77 -62.84
CA ASP H 174 -19.42 1.57 -61.65
C ASP H 174 -18.51 1.16 -60.50
N PRO H 175 -18.10 2.14 -59.66
CA PRO H 175 -17.25 1.86 -58.51
C PRO H 175 -17.90 0.89 -57.52
N GLN H 176 -19.08 1.26 -57.02
CA GLN H 176 -19.85 0.41 -56.11
C GLN H 176 -21.21 0.10 -56.74
N PRO H 177 -21.82 -1.05 -56.38
CA PRO H 177 -23.23 -1.26 -56.73
C PRO H 177 -24.14 -0.18 -56.11
N LEU H 178 -25.33 -0.03 -56.68
CA LEU H 178 -26.26 1.06 -56.34
C LEU H 178 -27.42 0.53 -55.51
N LYS H 179 -27.89 1.32 -54.53
CA LYS H 179 -29.05 0.92 -53.73
C LYS H 179 -30.37 1.23 -54.44
N GLU H 180 -31.14 0.18 -54.73
CA GLU H 180 -32.38 0.31 -55.50
C GLU H 180 -33.49 1.02 -54.73
N GLN H 181 -33.61 0.68 -53.44
CA GLN H 181 -34.54 1.38 -52.56
C GLN H 181 -33.75 1.91 -51.35
N PRO H 182 -32.97 3.00 -51.55
CA PRO H 182 -31.99 3.52 -50.57
C PRO H 182 -32.55 3.77 -49.18
N ALA H 183 -33.87 3.88 -49.08
CA ALA H 183 -34.55 4.01 -47.80
C ALA H 183 -34.26 2.80 -46.91
N LEU H 184 -34.41 1.62 -47.48
CA LEU H 184 -34.35 0.38 -46.73
C LEU H 184 -32.92 -0.05 -46.41
N ASN H 185 -32.71 -0.51 -45.18
CA ASN H 185 -31.42 -1.09 -44.76
C ASN H 185 -31.08 -2.35 -45.54
N ASP H 186 -32.13 -3.07 -45.93
CA ASP H 186 -32.01 -4.34 -46.66
C ASP H 186 -32.31 -4.17 -48.15
N SER H 187 -32.08 -2.97 -48.67
CA SER H 187 -32.32 -2.65 -50.08
C SER H 187 -31.52 -3.55 -51.03
N ARG H 188 -32.14 -3.90 -52.16
CA ARG H 188 -31.47 -4.66 -53.20
C ARG H 188 -30.59 -3.73 -54.02
N TYR H 189 -29.66 -4.31 -54.76
CA TYR H 189 -28.63 -3.52 -55.45
C TYR H 189 -28.70 -3.56 -56.96
N ALA H 190 -28.16 -2.52 -57.58
CA ALA H 190 -27.98 -2.44 -59.02
C ALA H 190 -26.52 -2.19 -59.33
N LEU H 191 -26.10 -2.59 -60.53
CA LEU H 191 -24.73 -2.37 -60.98
C LEU H 191 -24.71 -2.39 -62.49
N SER H 192 -23.98 -1.44 -63.07
CA SER H 192 -23.88 -1.35 -64.52
C SER H 192 -22.44 -1.28 -64.98
N SER H 193 -22.19 -1.81 -66.17
CA SER H 193 -20.88 -1.78 -66.78
C SER H 193 -21.00 -1.47 -68.26
N ARG H 194 -19.91 -1.02 -68.87
CA ARG H 194 -19.88 -0.72 -70.28
C ARG H 194 -18.74 -1.45 -70.97
N LEU H 195 -18.98 -1.87 -72.21
CA LEU H 195 -17.93 -2.37 -73.08
C LEU H 195 -17.95 -1.60 -74.38
N ARG H 196 -16.94 -0.77 -74.58
CA ARG H 196 -16.79 -0.03 -75.81
C ARG H 196 -15.81 -0.72 -76.74
N VAL H 197 -16.30 -1.14 -77.91
CA VAL H 197 -15.49 -1.72 -78.98
C VAL H 197 -15.68 -0.90 -80.25
N SER H 198 -14.85 -1.14 -81.27
CA SER H 198 -14.97 -0.42 -82.54
C SER H 198 -16.23 -0.82 -83.30
N ALA H 199 -16.73 0.10 -84.13
CA ALA H 199 -17.96 -0.12 -84.88
C ALA H 199 -17.86 -1.29 -85.85
N THR H 200 -16.72 -1.40 -86.53
CA THR H 200 -16.48 -2.50 -87.47
C THR H 200 -16.39 -3.86 -86.77
N PHE H 201 -15.98 -3.85 -85.51
CA PHE H 201 -15.97 -5.06 -84.68
C PHE H 201 -17.38 -5.47 -84.27
N TRP H 202 -18.22 -4.49 -83.95
CA TRP H 202 -19.61 -4.74 -83.60
C TRP H 202 -20.44 -5.12 -84.83
N GLN H 203 -20.16 -4.48 -85.96
CA GLN H 203 -20.89 -4.69 -87.21
C GLN H 203 -20.63 -6.09 -87.80
N ASN H 204 -19.74 -6.84 -87.15
CA ASN H 204 -19.52 -8.24 -87.47
C ASN H 204 -20.58 -9.11 -86.80
N PRO H 205 -21.47 -9.74 -87.59
CA PRO H 205 -22.61 -10.50 -87.06
C PRO H 205 -22.20 -11.81 -86.39
N ARG H 206 -20.98 -12.27 -86.66
CA ARG H 206 -20.43 -13.48 -86.05
C ARG H 206 -19.60 -13.16 -84.81
N ASN H 207 -19.90 -12.03 -84.17
CA ASN H 207 -19.24 -11.64 -82.92
C ASN H 207 -20.13 -11.80 -81.69
N HIS H 208 -19.66 -12.62 -80.74
CA HIS H 208 -20.44 -13.01 -79.57
C HIS H 208 -19.92 -12.34 -78.30
N PHE H 209 -20.76 -11.48 -77.74
CA PHE H 209 -20.44 -10.75 -76.52
C PHE H 209 -21.28 -11.33 -75.40
N ARG H 210 -20.70 -11.40 -74.21
CA ARG H 210 -21.40 -11.90 -73.02
C ARG H 210 -20.96 -11.17 -71.77
N CYS H 211 -21.93 -10.65 -71.03
CA CYS H 211 -21.69 -10.01 -69.74
C CYS H 211 -21.96 -10.99 -68.62
N GLN H 212 -20.90 -11.42 -67.95
CA GLN H 212 -20.99 -12.38 -66.87
C GLN H 212 -21.00 -11.67 -65.52
N VAL H 213 -21.86 -12.16 -64.63
CA VAL H 213 -21.99 -11.63 -63.27
C VAL H 213 -21.94 -12.78 -62.26
N GLN H 214 -20.83 -12.87 -61.54
CA GLN H 214 -20.64 -13.91 -60.53
C GLN H 214 -21.22 -13.46 -59.20
N PHE H 215 -22.29 -14.12 -58.78
CA PHE H 215 -22.96 -13.82 -57.52
C PHE H 215 -22.53 -14.79 -56.42
N TYR H 216 -22.19 -14.25 -55.26
CA TYR H 216 -21.78 -15.07 -54.12
C TYR H 216 -22.93 -15.17 -53.13
N GLY H 217 -23.54 -16.35 -53.07
CA GLY H 217 -24.72 -16.56 -52.24
C GLY H 217 -24.55 -17.60 -51.15
N LEU H 218 -25.63 -18.32 -50.87
CA LEU H 218 -25.67 -19.34 -49.83
C LEU H 218 -24.95 -20.63 -50.24
N SER H 219 -24.65 -21.49 -49.27
CA SER H 219 -23.96 -22.76 -49.52
C SER H 219 -24.93 -23.94 -49.50
N GLU H 220 -24.44 -25.12 -49.87
CA GLU H 220 -25.21 -26.37 -49.78
C GLU H 220 -25.76 -26.53 -48.36
N ASN H 221 -24.90 -26.37 -47.37
CA ASN H 221 -25.29 -26.37 -45.96
C ASN H 221 -25.95 -25.05 -45.55
N ASP H 222 -27.22 -24.88 -45.93
CA ASP H 222 -28.01 -23.69 -45.63
C ASP H 222 -29.50 -24.01 -45.62
N GLU H 223 -30.15 -23.79 -44.47
CA GLU H 223 -31.59 -24.02 -44.32
C GLU H 223 -32.38 -22.94 -45.07
N TRP H 224 -32.99 -23.32 -46.19
CA TRP H 224 -33.77 -22.41 -47.03
C TRP H 224 -35.25 -22.81 -47.08
N THR H 225 -36.12 -21.92 -46.59
CA THR H 225 -37.57 -22.18 -46.56
C THR H 225 -38.40 -21.04 -47.17
N GLN H 226 -38.14 -20.75 -48.44
CA GLN H 226 -38.92 -19.79 -49.21
C GLN H 226 -39.48 -20.44 -50.48
N ASP H 227 -40.53 -19.84 -51.04
CA ASP H 227 -41.21 -20.39 -52.22
C ASP H 227 -40.33 -20.39 -53.48
N ARG H 228 -39.52 -19.34 -53.64
CA ARG H 228 -38.62 -19.21 -54.78
C ARG H 228 -37.40 -20.13 -54.65
N ALA H 229 -36.59 -20.20 -55.73
CA ALA H 229 -35.37 -21.00 -55.75
C ALA H 229 -34.28 -20.46 -54.81
N LYS H 230 -33.44 -21.36 -54.32
CA LYS H 230 -32.38 -21.05 -53.37
C LYS H 230 -31.29 -20.15 -54.00
N PRO H 231 -31.04 -18.97 -53.39
CA PRO H 231 -30.07 -18.01 -53.90
C PRO H 231 -28.63 -18.37 -53.50
N VAL H 232 -28.16 -19.49 -54.05
CA VAL H 232 -26.79 -19.96 -53.82
C VAL H 232 -25.79 -19.19 -54.68
N THR H 233 -24.51 -19.45 -54.44
CA THR H 233 -23.44 -18.93 -55.28
C THR H 233 -23.65 -19.45 -56.70
N GLN H 234 -23.63 -18.54 -57.67
CA GLN H 234 -23.96 -18.85 -59.05
C GLN H 234 -23.48 -17.78 -60.03
N ILE H 235 -23.40 -18.15 -61.30
CA ILE H 235 -23.10 -17.19 -62.36
C ILE H 235 -24.35 -16.92 -63.17
N VAL H 236 -24.88 -15.70 -63.04
CA VAL H 236 -26.00 -15.23 -63.87
C VAL H 236 -25.42 -14.36 -64.97
N SER H 237 -25.82 -14.62 -66.20
CA SER H 237 -25.17 -14.02 -67.36
C SER H 237 -26.14 -13.56 -68.43
N ALA H 238 -25.72 -12.56 -69.21
CA ALA H 238 -26.49 -12.06 -70.35
C ALA H 238 -25.58 -11.84 -71.54
N GLU H 239 -26.09 -12.10 -72.75
CA GLU H 239 -25.28 -12.03 -73.95
C GLU H 239 -26.01 -11.45 -75.15
N ALA H 240 -25.23 -10.90 -76.08
CA ALA H 240 -25.75 -10.34 -77.31
C ALA H 240 -24.76 -10.53 -78.45
N TRP H 241 -25.29 -10.63 -79.67
CA TRP H 241 -24.48 -10.77 -80.87
C TRP H 241 -24.47 -9.46 -81.67
N GLY H 242 -23.61 -9.39 -82.69
CA GLY H 242 -23.51 -8.20 -83.54
C GLY H 242 -24.67 -7.98 -84.50
N ARG H 243 -24.57 -6.90 -85.28
CA ARG H 243 -25.58 -6.52 -86.27
C ARG H 243 -24.98 -5.54 -87.27
N ALA H 244 -25.37 -5.67 -88.55
CA ALA H 244 -24.84 -4.80 -89.60
C ALA H 244 -25.96 -4.06 -90.33
N SER I 5 10.87 1.65 20.83
CA SER I 5 10.68 2.68 21.89
C SER I 5 9.41 3.50 21.65
N GLY I 6 8.39 3.24 22.46
CA GLY I 6 7.05 3.82 22.27
C GLY I 6 6.90 5.33 22.47
N GLU I 7 5.83 5.88 21.89
CA GLU I 7 5.51 7.29 22.03
C GLU I 7 4.80 7.56 23.35
N GLY I 8 5.19 8.62 24.02
CA GLY I 8 4.44 9.15 25.17
C GLY I 8 3.34 10.06 24.65
N SER I 9 2.31 10.29 25.47
CA SER I 9 1.16 11.07 25.04
C SER I 9 0.35 11.56 26.23
N PHE I 10 -0.28 12.72 26.07
CA PHE I 10 -1.08 13.30 27.13
C PHE I 10 -2.36 12.50 27.36
N GLN I 11 -2.85 12.53 28.59
CA GLN I 11 -4.13 11.92 28.93
C GLN I 11 -5.07 12.95 29.56
N PRO I 12 -6.28 13.11 29.01
CA PRO I 12 -7.17 14.17 29.47
C PRO I 12 -7.69 13.90 30.88
N SER I 13 -7.76 14.96 31.69
CA SER I 13 -8.29 14.83 33.04
C SER I 13 -9.80 14.74 33.00
N GLN I 14 -10.35 13.78 33.76
CA GLN I 14 -11.77 13.48 33.77
C GLN I 14 -12.62 14.62 34.34
N GLU I 15 -13.72 14.92 33.68
CA GLU I 15 -14.71 15.89 34.16
C GLU I 15 -15.45 15.38 35.41
N ASN I 16 -15.90 16.31 36.24
CA ASN I 16 -16.47 15.98 37.54
C ASN I 16 -17.95 15.57 37.52
N PRO I 17 -18.25 14.31 37.93
CA PRO I 17 -19.64 13.84 38.01
C PRO I 17 -20.45 14.55 39.10
N SER J 5 7.36 14.48 -24.46
CA SER J 5 8.16 13.65 -25.40
C SER J 5 8.71 12.36 -24.74
N GLY J 6 8.15 11.21 -25.11
CA GLY J 6 8.50 9.91 -24.51
C GLY J 6 9.91 9.41 -24.79
N GLU J 7 10.30 8.33 -24.12
CA GLU J 7 11.66 7.78 -24.25
C GLU J 7 11.78 6.82 -25.44
N GLY J 8 12.84 6.97 -26.22
CA GLY J 8 13.19 6.00 -27.26
C GLY J 8 13.79 4.76 -26.64
N SER J 9 13.85 3.67 -27.40
CA SER J 9 14.46 2.40 -26.94
C SER J 9 14.87 1.51 -28.09
N PHE J 10 15.94 0.74 -27.92
CA PHE J 10 16.33 -0.26 -28.92
C PHE J 10 15.33 -1.43 -28.95
N GLN J 11 15.20 -2.04 -30.13
CA GLN J 11 14.38 -3.24 -30.31
C GLN J 11 15.27 -4.33 -30.90
N PRO J 12 15.26 -5.53 -30.29
CA PRO J 12 16.13 -6.61 -30.78
C PRO J 12 15.61 -7.19 -32.08
N SER J 13 16.52 -7.59 -32.96
CA SER J 13 16.12 -8.23 -34.20
C SER J 13 15.74 -9.69 -33.98
N GLN J 14 14.76 -10.14 -34.76
CA GLN J 14 14.33 -11.55 -34.79
C GLN J 14 15.44 -12.51 -35.20
N GLU J 15 15.64 -13.54 -34.39
CA GLU J 15 16.42 -14.68 -34.82
C GLU J 15 15.61 -15.44 -35.89
N ASN J 16 16.33 -16.04 -36.83
CA ASN J 16 15.74 -16.68 -38.00
C ASN J 16 15.35 -18.13 -37.73
N PRO J 17 14.07 -18.47 -37.97
CA PRO J 17 13.65 -19.88 -37.94
C PRO J 17 14.17 -20.65 -39.17
C1 NAG K . 26.61 -29.29 -32.26
C2 NAG K . 27.96 -28.60 -32.50
C3 NAG K . 28.59 -28.93 -33.86
C4 NAG K . 28.56 -30.44 -34.10
C5 NAG K . 27.10 -30.89 -33.99
C6 NAG K . 26.86 -32.34 -34.41
C7 NAG K . 28.30 -26.49 -31.32
C8 NAG K . 28.05 -25.00 -31.32
N2 NAG K . 27.80 -27.17 -32.36
O3 NAG K . 29.91 -28.44 -33.94
O4 NAG K . 29.15 -30.76 -35.33
O5 NAG K . 26.63 -30.65 -32.67
O6 NAG K . 27.25 -33.28 -33.43
O7 NAG K . 28.94 -27.01 -30.41
C1 NAG L . 15.42 -18.71 -2.09
C2 NAG L . 16.15 -19.79 -2.91
C3 NAG L . 15.20 -20.90 -3.33
C4 NAG L . 14.44 -21.44 -2.10
C5 NAG L . 13.77 -20.28 -1.36
C6 NAG L . 13.00 -20.75 -0.13
C7 NAG L . 18.09 -19.37 -4.35
C8 NAG L . 18.62 -18.65 -5.55
N2 NAG L . 16.81 -19.18 -4.04
O3 NAG L . 15.92 -21.94 -3.95
O4 NAG L . 13.49 -22.41 -2.49
O5 NAG L . 14.75 -19.31 -0.99
O6 NAG L . 13.88 -21.17 0.89
O7 NAG L . 18.85 -20.10 -3.69
C1 NAG M . -22.30 13.19 2.47
C2 NAG M . -23.28 14.11 3.23
C3 NAG M . -24.42 13.31 3.88
C4 NAG M . -25.02 12.34 2.87
C5 NAG M . -23.89 11.45 2.35
C6 NAG M . -24.36 10.25 1.53
C7 NAG M . -22.87 16.08 4.63
C8 NAG M . -21.98 16.66 5.69
N2 NAG M . -22.56 14.85 4.23
O3 NAG M . -25.39 14.19 4.39
O4 NAG M . -26.08 11.61 3.46
O5 NAG M . -22.99 12.27 1.62
O6 NAG M . -24.70 10.63 0.23
O7 NAG M . -23.82 16.73 4.19
#